data_4WFV
# 
_entry.id   4WFV 
# 
_audit_conform.dict_name       mmcif_pdbx.dic 
_audit_conform.dict_version    5.399 
_audit_conform.dict_location   http://mmcif.pdb.org/dictionaries/ascii/mmcif_pdbx.dic 
# 
loop_
_database_2.database_id 
_database_2.database_code 
_database_2.pdbx_database_accession 
_database_2.pdbx_DOI 
PDB   4WFV         pdb_00004wfv 10.2210/pdb4wfv/pdb 
WWPDB D_1000203748 ?            ?                   
# 
loop_
_pdbx_audit_revision_history.ordinal 
_pdbx_audit_revision_history.data_content_type 
_pdbx_audit_revision_history.major_revision 
_pdbx_audit_revision_history.minor_revision 
_pdbx_audit_revision_history.revision_date 
1 'Structure model' 1 0 2015-09-16 
2 'Structure model' 1 1 2024-01-10 
3 'Structure model' 1 2 2024-11-20 
# 
_pdbx_audit_revision_details.ordinal             1 
_pdbx_audit_revision_details.revision_ordinal    1 
_pdbx_audit_revision_details.data_content_type   'Structure model' 
_pdbx_audit_revision_details.provider            repository 
_pdbx_audit_revision_details.type                'Initial release' 
_pdbx_audit_revision_details.description         ? 
_pdbx_audit_revision_details.details             ? 
# 
loop_
_pdbx_audit_revision_group.ordinal 
_pdbx_audit_revision_group.revision_ordinal 
_pdbx_audit_revision_group.data_content_type 
_pdbx_audit_revision_group.group 
1 2 'Structure model' 'Data collection'        
2 2 'Structure model' 'Database references'    
3 2 'Structure model' 'Refinement description' 
4 3 'Structure model' 'Structure summary'      
# 
loop_
_pdbx_audit_revision_category.ordinal 
_pdbx_audit_revision_category.revision_ordinal 
_pdbx_audit_revision_category.data_content_type 
_pdbx_audit_revision_category.category 
1 2 'Structure model' chem_comp_atom                
2 2 'Structure model' chem_comp_bond                
3 2 'Structure model' database_2                    
4 2 'Structure model' pdbx_initial_refinement_model 
5 3 'Structure model' pdbx_entry_details            
6 3 'Structure model' pdbx_modification_feature     
# 
loop_
_pdbx_audit_revision_item.ordinal 
_pdbx_audit_revision_item.revision_ordinal 
_pdbx_audit_revision_item.data_content_type 
_pdbx_audit_revision_item.item 
1 2 'Structure model' '_database_2.pdbx_DOI'                
2 2 'Structure model' '_database_2.pdbx_database_accession' 
# 
_pdbx_database_status.status_code                     REL 
_pdbx_database_status.status_code_sf                  REL 
_pdbx_database_status.status_code_mr                  ? 
_pdbx_database_status.entry_id                        4WFV 
_pdbx_database_status.recvd_initial_deposition_date   2014-09-17 
_pdbx_database_status.SG_entry                        N 
_pdbx_database_status.deposit_site                    RCSB 
_pdbx_database_status.process_site                    PDBE 
_pdbx_database_status.status_code_cs                  ? 
_pdbx_database_status.methods_development_category    ? 
_pdbx_database_status.pdb_format_compatible           Y 
_pdbx_database_status.status_code_nmr_data            ? 
# 
loop_
_pdbx_database_related.db_name 
_pdbx_database_related.details 
_pdbx_database_related.db_id 
_pdbx_database_related.content_type 
PDB 'Bovine lipocalin allergen Bos d 2 (orthorhombic crystal form)' 1BJ7 unspecified 
PDB 'Bovine allergen Bos d 2 in the triclinic space group P3221.'   4WFU unspecified 
# 
loop_
_audit_author.name 
_audit_author.pdbx_ordinal 
'Niemi, M.H.'  1 
'Rouvinen, J.' 2 
# 
_citation.abstract                  ? 
_citation.abstract_id_CAS           ? 
_citation.book_id_ISBN              ? 
_citation.book_publisher            ? 
_citation.book_publisher_city       ? 
_citation.book_title                ? 
_citation.coordinate_linkage        ? 
_citation.country                   UK 
_citation.database_id_Medline       ? 
_citation.details                   ? 
_citation.id                        primary 
_citation.journal_abbrev            'Sci Rep' 
_citation.journal_id_ASTM           ? 
_citation.journal_id_CSD            ? 
_citation.journal_id_ISSN           2045-2322 
_citation.journal_full              ? 
_citation.journal_issue             ? 
_citation.journal_volume            5 
_citation.language                  ? 
_citation.page_first                13841 
_citation.page_last                 13841 
_citation.title                     'Dimerization of lipocalin allergens.' 
_citation.year                      2015 
_citation.database_id_CSD           ? 
_citation.pdbx_database_id_DOI      10.1038/srep13841 
_citation.pdbx_database_id_PubMed   26346541 
_citation.unpublished_flag          ? 
# 
loop_
_citation_author.citation_id 
_citation_author.name 
_citation_author.ordinal 
_citation_author.identifier_ORCID 
primary 'Niemi, M.H.'           1 ? 
primary 'Rytkonen-Nissinen, M.' 2 ? 
primary 'Miettinen, I.'         3 ? 
primary 'Janis, J.'             4 ? 
primary 'Virtanen, T.'          5 ? 
primary 'Rouvinen, J.'          6 ? 
# 
loop_
_entity.id 
_entity.type 
_entity.src_method 
_entity.pdbx_description 
_entity.formula_weight 
_entity.pdbx_number_of_molecules 
_entity.pdbx_ec 
_entity.pdbx_mutation 
_entity.pdbx_fragment 
_entity.details 
1 polymer man 'Allergen Bos d 2' 17867.984 1  ? ? 'UNP Residues 17-172' ? 
2 water   nat water              18.015    67 ? ? ?                     ? 
# 
_entity_name_com.entity_id   1 
_entity_name_com.name        'Dander major allergen BDA20,Dermal allergen BDA20, Lipocalin allergen' 
# 
_entity_poly.entity_id                      1 
_entity_poly.type                           'polypeptide(L)' 
_entity_poly.nstd_linkage                   no 
_entity_poly.nstd_monomer                   no 
_entity_poly.pdbx_seq_one_letter_code       
;QETPAEIDPSKIPGEWRIIYAAADNKDKIVEGGPLRNYYRRIECINDCESLSITFYLKDQGTCLLLTEVAKRQEGYVYVL
EFYGTNTLEVIHVSENMLVTYVENYDGERITKMTEGLAKGTSFTPEELEKYQQLNSERGVPNENIENLIKTDNCPP
;
_entity_poly.pdbx_seq_one_letter_code_can   
;QETPAEIDPSKIPGEWRIIYAAADNKDKIVEGGPLRNYYRRIECINDCESLSITFYLKDQGTCLLLTEVAKRQEGYVYVL
EFYGTNTLEVIHVSENMLVTYVENYDGERITKMTEGLAKGTSFTPEELEKYQQLNSERGVPNENIENLIKTDNCPP
;
_entity_poly.pdbx_strand_id                 A 
_entity_poly.pdbx_target_identifier         ? 
# 
_pdbx_entity_nonpoly.entity_id   2 
_pdbx_entity_nonpoly.name        water 
_pdbx_entity_nonpoly.comp_id     HOH 
# 
loop_
_entity_poly_seq.entity_id 
_entity_poly_seq.num 
_entity_poly_seq.mon_id 
_entity_poly_seq.hetero 
1 1   GLN n 
1 2   GLU n 
1 3   THR n 
1 4   PRO n 
1 5   ALA n 
1 6   GLU n 
1 7   ILE n 
1 8   ASP n 
1 9   PRO n 
1 10  SER n 
1 11  LYS n 
1 12  ILE n 
1 13  PRO n 
1 14  GLY n 
1 15  GLU n 
1 16  TRP n 
1 17  ARG n 
1 18  ILE n 
1 19  ILE n 
1 20  TYR n 
1 21  ALA n 
1 22  ALA n 
1 23  ALA n 
1 24  ASP n 
1 25  ASN n 
1 26  LYS n 
1 27  ASP n 
1 28  LYS n 
1 29  ILE n 
1 30  VAL n 
1 31  GLU n 
1 32  GLY n 
1 33  GLY n 
1 34  PRO n 
1 35  LEU n 
1 36  ARG n 
1 37  ASN n 
1 38  TYR n 
1 39  TYR n 
1 40  ARG n 
1 41  ARG n 
1 42  ILE n 
1 43  GLU n 
1 44  CYS n 
1 45  ILE n 
1 46  ASN n 
1 47  ASP n 
1 48  CYS n 
1 49  GLU n 
1 50  SER n 
1 51  LEU n 
1 52  SER n 
1 53  ILE n 
1 54  THR n 
1 55  PHE n 
1 56  TYR n 
1 57  LEU n 
1 58  LYS n 
1 59  ASP n 
1 60  GLN n 
1 61  GLY n 
1 62  THR n 
1 63  CYS n 
1 64  LEU n 
1 65  LEU n 
1 66  LEU n 
1 67  THR n 
1 68  GLU n 
1 69  VAL n 
1 70  ALA n 
1 71  LYS n 
1 72  ARG n 
1 73  GLN n 
1 74  GLU n 
1 75  GLY n 
1 76  TYR n 
1 77  VAL n 
1 78  TYR n 
1 79  VAL n 
1 80  LEU n 
1 81  GLU n 
1 82  PHE n 
1 83  TYR n 
1 84  GLY n 
1 85  THR n 
1 86  ASN n 
1 87  THR n 
1 88  LEU n 
1 89  GLU n 
1 90  VAL n 
1 91  ILE n 
1 92  HIS n 
1 93  VAL n 
1 94  SER n 
1 95  GLU n 
1 96  ASN n 
1 97  MET n 
1 98  LEU n 
1 99  VAL n 
1 100 THR n 
1 101 TYR n 
1 102 VAL n 
1 103 GLU n 
1 104 ASN n 
1 105 TYR n 
1 106 ASP n 
1 107 GLY n 
1 108 GLU n 
1 109 ARG n 
1 110 ILE n 
1 111 THR n 
1 112 LYS n 
1 113 MET n 
1 114 THR n 
1 115 GLU n 
1 116 GLY n 
1 117 LEU n 
1 118 ALA n 
1 119 LYS n 
1 120 GLY n 
1 121 THR n 
1 122 SER n 
1 123 PHE n 
1 124 THR n 
1 125 PRO n 
1 126 GLU n 
1 127 GLU n 
1 128 LEU n 
1 129 GLU n 
1 130 LYS n 
1 131 TYR n 
1 132 GLN n 
1 133 GLN n 
1 134 LEU n 
1 135 ASN n 
1 136 SER n 
1 137 GLU n 
1 138 ARG n 
1 139 GLY n 
1 140 VAL n 
1 141 PRO n 
1 142 ASN n 
1 143 GLU n 
1 144 ASN n 
1 145 ILE n 
1 146 GLU n 
1 147 ASN n 
1 148 LEU n 
1 149 ILE n 
1 150 LYS n 
1 151 THR n 
1 152 ASP n 
1 153 ASN n 
1 154 CYS n 
1 155 PRO n 
1 156 PRO n 
# 
_entity_src_gen.entity_id                          1 
_entity_src_gen.pdbx_src_id                        1 
_entity_src_gen.pdbx_alt_source_flag               sample 
_entity_src_gen.pdbx_seq_type                      'Biological sequence' 
_entity_src_gen.pdbx_beg_seq_num                   1 
_entity_src_gen.pdbx_end_seq_num                   156 
_entity_src_gen.gene_src_common_name               Bovine 
_entity_src_gen.gene_src_genus                     ? 
_entity_src_gen.pdbx_gene_src_gene                 ? 
_entity_src_gen.gene_src_species                   ? 
_entity_src_gen.gene_src_strain                    ? 
_entity_src_gen.gene_src_tissue                    ? 
_entity_src_gen.gene_src_tissue_fraction           ? 
_entity_src_gen.gene_src_details                   ? 
_entity_src_gen.pdbx_gene_src_fragment             ? 
_entity_src_gen.pdbx_gene_src_scientific_name      'Bos taurus' 
_entity_src_gen.pdbx_gene_src_ncbi_taxonomy_id     9913 
_entity_src_gen.pdbx_gene_src_variant              ? 
_entity_src_gen.pdbx_gene_src_cell_line            ? 
_entity_src_gen.pdbx_gene_src_atcc                 ? 
_entity_src_gen.pdbx_gene_src_organ                ? 
_entity_src_gen.pdbx_gene_src_organelle            ? 
_entity_src_gen.pdbx_gene_src_cell                 ? 
_entity_src_gen.pdbx_gene_src_cellular_location    ? 
_entity_src_gen.host_org_common_name               ? 
_entity_src_gen.pdbx_host_org_scientific_name      'Komagataella pastoris' 
_entity_src_gen.pdbx_host_org_ncbi_taxonomy_id     4922 
_entity_src_gen.host_org_genus                     ? 
_entity_src_gen.pdbx_host_org_gene                 ? 
_entity_src_gen.pdbx_host_org_organ                ? 
_entity_src_gen.host_org_species                   ? 
_entity_src_gen.pdbx_host_org_tissue               ? 
_entity_src_gen.pdbx_host_org_tissue_fraction      ? 
_entity_src_gen.pdbx_host_org_strain               ? 
_entity_src_gen.pdbx_host_org_variant              ? 
_entity_src_gen.pdbx_host_org_cell_line            ? 
_entity_src_gen.pdbx_host_org_atcc                 ? 
_entity_src_gen.pdbx_host_org_culture_collection   ? 
_entity_src_gen.pdbx_host_org_cell                 ? 
_entity_src_gen.pdbx_host_org_organelle            ? 
_entity_src_gen.pdbx_host_org_cellular_location    ? 
_entity_src_gen.pdbx_host_org_vector_type          ? 
_entity_src_gen.pdbx_host_org_vector               ? 
_entity_src_gen.host_org_details                   ? 
_entity_src_gen.expression_system_id               ? 
_entity_src_gen.plasmid_name                       ? 
_entity_src_gen.plasmid_details                    ? 
_entity_src_gen.pdbx_description                   ? 
# 
loop_
_chem_comp.id 
_chem_comp.type 
_chem_comp.mon_nstd_flag 
_chem_comp.name 
_chem_comp.pdbx_synonyms 
_chem_comp.formula 
_chem_comp.formula_weight 
ALA 'L-peptide linking' y ALANINE         ? 'C3 H7 N O2'     89.093  
ARG 'L-peptide linking' y ARGININE        ? 'C6 H15 N4 O2 1' 175.209 
ASN 'L-peptide linking' y ASPARAGINE      ? 'C4 H8 N2 O3'    132.118 
ASP 'L-peptide linking' y 'ASPARTIC ACID' ? 'C4 H7 N O4'     133.103 
CYS 'L-peptide linking' y CYSTEINE        ? 'C3 H7 N O2 S'   121.158 
GLN 'L-peptide linking' y GLUTAMINE       ? 'C5 H10 N2 O3'   146.144 
GLU 'L-peptide linking' y 'GLUTAMIC ACID' ? 'C5 H9 N O4'     147.129 
GLY 'peptide linking'   y GLYCINE         ? 'C2 H5 N O2'     75.067  
HIS 'L-peptide linking' y HISTIDINE       ? 'C6 H10 N3 O2 1' 156.162 
HOH non-polymer         . WATER           ? 'H2 O'           18.015  
ILE 'L-peptide linking' y ISOLEUCINE      ? 'C6 H13 N O2'    131.173 
LEU 'L-peptide linking' y LEUCINE         ? 'C6 H13 N O2'    131.173 
LYS 'L-peptide linking' y LYSINE          ? 'C6 H15 N2 O2 1' 147.195 
MET 'L-peptide linking' y METHIONINE      ? 'C5 H11 N O2 S'  149.211 
PHE 'L-peptide linking' y PHENYLALANINE   ? 'C9 H11 N O2'    165.189 
PRO 'L-peptide linking' y PROLINE         ? 'C5 H9 N O2'     115.130 
SER 'L-peptide linking' y SERINE          ? 'C3 H7 N O3'     105.093 
THR 'L-peptide linking' y THREONINE       ? 'C4 H9 N O3'     119.119 
TRP 'L-peptide linking' y TRYPTOPHAN      ? 'C11 H12 N2 O2'  204.225 
TYR 'L-peptide linking' y TYROSINE        ? 'C9 H11 N O3'    181.189 
VAL 'L-peptide linking' y VALINE          ? 'C5 H11 N O2'    117.146 
# 
loop_
_pdbx_poly_seq_scheme.asym_id 
_pdbx_poly_seq_scheme.entity_id 
_pdbx_poly_seq_scheme.seq_id 
_pdbx_poly_seq_scheme.mon_id 
_pdbx_poly_seq_scheme.ndb_seq_num 
_pdbx_poly_seq_scheme.pdb_seq_num 
_pdbx_poly_seq_scheme.auth_seq_num 
_pdbx_poly_seq_scheme.pdb_mon_id 
_pdbx_poly_seq_scheme.auth_mon_id 
_pdbx_poly_seq_scheme.pdb_strand_id 
_pdbx_poly_seq_scheme.pdb_ins_code 
_pdbx_poly_seq_scheme.hetero 
A 1 1   GLN 1   1   ?   ?   ?   A . n 
A 1 2   GLU 2   2   ?   ?   ?   A . n 
A 1 3   THR 3   3   ?   ?   ?   A . n 
A 1 4   PRO 4   4   4   PRO PRO A . n 
A 1 5   ALA 5   5   5   ALA ALA A . n 
A 1 6   GLU 6   6   6   GLU GLU A . n 
A 1 7   ILE 7   7   7   ILE ILE A . n 
A 1 8   ASP 8   8   8   ASP ASP A . n 
A 1 9   PRO 9   9   9   PRO PRO A . n 
A 1 10  SER 10  10  10  SER SER A . n 
A 1 11  LYS 11  11  11  LYS LYS A . n 
A 1 12  ILE 12  12  12  ILE ILE A . n 
A 1 13  PRO 13  13  13  PRO PRO A . n 
A 1 14  GLY 14  14  14  GLY GLY A . n 
A 1 15  GLU 15  15  15  GLU GLU A . n 
A 1 16  TRP 16  16  16  TRP TRP A . n 
A 1 17  ARG 17  17  17  ARG ARG A . n 
A 1 18  ILE 18  18  18  ILE ILE A . n 
A 1 19  ILE 19  19  19  ILE ILE A . n 
A 1 20  TYR 20  20  20  TYR TYR A . n 
A 1 21  ALA 21  21  21  ALA ALA A . n 
A 1 22  ALA 22  22  22  ALA ALA A . n 
A 1 23  ALA 23  23  23  ALA ALA A . n 
A 1 24  ASP 24  24  24  ASP ASP A . n 
A 1 25  ASN 25  25  25  ASN ASN A . n 
A 1 26  LYS 26  26  26  LYS LYS A . n 
A 1 27  ASP 27  27  27  ASP ASP A . n 
A 1 28  LYS 28  28  28  LYS LYS A . n 
A 1 29  ILE 29  29  29  ILE ILE A . n 
A 1 30  VAL 30  30  30  VAL VAL A . n 
A 1 31  GLU 31  31  31  GLU GLU A . n 
A 1 32  GLY 32  32  32  GLY GLY A . n 
A 1 33  GLY 33  33  33  GLY GLY A . n 
A 1 34  PRO 34  34  34  PRO PRO A . n 
A 1 35  LEU 35  35  35  LEU LEU A . n 
A 1 36  ARG 36  36  36  ARG ARG A . n 
A 1 37  ASN 37  37  37  ASN ASN A . n 
A 1 38  TYR 38  38  38  TYR TYR A . n 
A 1 39  TYR 39  39  39  TYR TYR A . n 
A 1 40  ARG 40  40  40  ARG ARG A . n 
A 1 41  ARG 41  41  41  ARG ARG A . n 
A 1 42  ILE 42  42  42  ILE ILE A . n 
A 1 43  GLU 43  43  43  GLU GLU A . n 
A 1 44  CYS 44  44  44  CYS CYS A . n 
A 1 45  ILE 45  45  45  ILE ILE A . n 
A 1 46  ASN 46  46  46  ASN ASN A . n 
A 1 47  ASP 47  47  47  ASP ASP A . n 
A 1 48  CYS 48  48  48  CYS CYS A . n 
A 1 49  GLU 49  49  49  GLU GLU A . n 
A 1 50  SER 50  50  50  SER SER A . n 
A 1 51  LEU 51  51  51  LEU LEU A . n 
A 1 52  SER 52  52  52  SER SER A . n 
A 1 53  ILE 53  53  53  ILE ILE A . n 
A 1 54  THR 54  54  54  THR THR A . n 
A 1 55  PHE 55  55  55  PHE PHE A . n 
A 1 56  TYR 56  56  56  TYR TYR A . n 
A 1 57  LEU 57  57  57  LEU LEU A . n 
A 1 58  LYS 58  58  58  LYS LYS A . n 
A 1 59  ASP 59  59  59  ASP ASP A . n 
A 1 60  GLN 60  60  60  GLN GLN A . n 
A 1 61  GLY 61  61  61  GLY GLY A . n 
A 1 62  THR 62  62  62  THR THR A . n 
A 1 63  CYS 63  63  63  CYS CYS A . n 
A 1 64  LEU 64  64  64  LEU LEU A . n 
A 1 65  LEU 65  65  65  LEU LEU A . n 
A 1 66  LEU 66  66  66  LEU LEU A . n 
A 1 67  THR 67  67  67  THR THR A . n 
A 1 68  GLU 68  68  68  GLU GLU A . n 
A 1 69  VAL 69  69  69  VAL VAL A . n 
A 1 70  ALA 70  70  70  ALA ALA A . n 
A 1 71  LYS 71  71  71  LYS LYS A . n 
A 1 72  ARG 72  72  72  ARG ARG A . n 
A 1 73  GLN 73  73  73  GLN GLN A . n 
A 1 74  GLU 74  74  74  GLU GLU A . n 
A 1 75  GLY 75  75  75  GLY GLY A . n 
A 1 76  TYR 76  76  76  TYR TYR A . n 
A 1 77  VAL 77  77  77  VAL VAL A . n 
A 1 78  TYR 78  78  78  TYR TYR A . n 
A 1 79  VAL 79  79  79  VAL VAL A . n 
A 1 80  LEU 80  80  80  LEU LEU A . n 
A 1 81  GLU 81  81  81  GLU GLU A . n 
A 1 82  PHE 82  82  82  PHE PHE A . n 
A 1 83  TYR 83  83  83  TYR TYR A . n 
A 1 84  GLY 84  84  84  GLY GLY A . n 
A 1 85  THR 85  85  85  THR THR A . n 
A 1 86  ASN 86  86  86  ASN ASN A . n 
A 1 87  THR 87  87  87  THR THR A . n 
A 1 88  LEU 88  88  88  LEU LEU A . n 
A 1 89  GLU 89  89  89  GLU GLU A . n 
A 1 90  VAL 90  90  90  VAL VAL A . n 
A 1 91  ILE 91  91  91  ILE ILE A . n 
A 1 92  HIS 92  92  92  HIS HIS A . n 
A 1 93  VAL 93  93  93  VAL VAL A . n 
A 1 94  SER 94  94  94  SER SER A . n 
A 1 95  GLU 95  95  95  GLU GLU A . n 
A 1 96  ASN 96  96  96  ASN ASN A . n 
A 1 97  MET 97  97  97  MET MET A . n 
A 1 98  LEU 98  98  98  LEU LEU A . n 
A 1 99  VAL 99  99  99  VAL VAL A . n 
A 1 100 THR 100 100 100 THR THR A . n 
A 1 101 TYR 101 101 101 TYR TYR A . n 
A 1 102 VAL 102 102 102 VAL VAL A . n 
A 1 103 GLU 103 103 103 GLU GLU A . n 
A 1 104 ASN 104 104 104 ASN ASN A . n 
A 1 105 TYR 105 105 105 TYR TYR A . n 
A 1 106 ASP 106 106 106 ASP ASP A . n 
A 1 107 GLY 107 107 107 GLY GLY A . n 
A 1 108 GLU 108 108 108 GLU GLU A . n 
A 1 109 ARG 109 109 109 ARG ARG A . n 
A 1 110 ILE 110 110 110 ILE ILE A . n 
A 1 111 THR 111 111 111 THR THR A . n 
A 1 112 LYS 112 112 112 LYS LYS A . n 
A 1 113 MET 113 113 113 MET MET A . n 
A 1 114 THR 114 114 114 THR THR A . n 
A 1 115 GLU 115 115 115 GLU GLU A . n 
A 1 116 GLY 116 116 116 GLY GLY A . n 
A 1 117 LEU 117 117 117 LEU LEU A . n 
A 1 118 ALA 118 118 118 ALA ALA A . n 
A 1 119 LYS 119 119 119 LYS LYS A . n 
A 1 120 GLY 120 120 120 GLY GLY A . n 
A 1 121 THR 121 121 121 THR THR A . n 
A 1 122 SER 122 122 122 SER SER A . n 
A 1 123 PHE 123 123 123 PHE PHE A . n 
A 1 124 THR 124 124 124 THR THR A . n 
A 1 125 PRO 125 125 125 PRO PRO A . n 
A 1 126 GLU 126 126 126 GLU GLU A . n 
A 1 127 GLU 127 127 127 GLU GLU A . n 
A 1 128 LEU 128 128 128 LEU LEU A . n 
A 1 129 GLU 129 129 129 GLU GLU A . n 
A 1 130 LYS 130 130 130 LYS LYS A . n 
A 1 131 TYR 131 131 131 TYR TYR A . n 
A 1 132 GLN 132 132 132 GLN GLN A . n 
A 1 133 GLN 133 133 133 GLN GLN A . n 
A 1 134 LEU 134 134 134 LEU LEU A . n 
A 1 135 ASN 135 135 135 ASN ASN A . n 
A 1 136 SER 136 136 136 SER SER A . n 
A 1 137 GLU 137 137 137 GLU GLU A . n 
A 1 138 ARG 138 138 138 ARG ARG A . n 
A 1 139 GLY 139 139 139 GLY GLY A . n 
A 1 140 VAL 140 140 140 VAL VAL A . n 
A 1 141 PRO 141 141 141 PRO PRO A . n 
A 1 142 ASN 142 142 142 ASN ASN A . n 
A 1 143 GLU 143 143 143 GLU GLU A . n 
A 1 144 ASN 144 144 144 ASN ASN A . n 
A 1 145 ILE 145 145 145 ILE ILE A . n 
A 1 146 GLU 146 146 146 GLU GLU A . n 
A 1 147 ASN 147 147 147 ASN ASN A . n 
A 1 148 LEU 148 148 148 LEU LEU A . n 
A 1 149 ILE 149 149 149 ILE ILE A . n 
A 1 150 LYS 150 150 150 LYS LYS A . n 
A 1 151 THR 151 151 151 THR THR A . n 
A 1 152 ASP 152 152 152 ASP ASP A . n 
A 1 153 ASN 153 153 153 ASN ASN A . n 
A 1 154 CYS 154 154 154 CYS CYS A . n 
A 1 155 PRO 155 155 155 PRO PRO A . n 
A 1 156 PRO 156 156 156 PRO PRO A . n 
# 
loop_
_pdbx_nonpoly_scheme.asym_id 
_pdbx_nonpoly_scheme.entity_id 
_pdbx_nonpoly_scheme.mon_id 
_pdbx_nonpoly_scheme.ndb_seq_num 
_pdbx_nonpoly_scheme.pdb_seq_num 
_pdbx_nonpoly_scheme.auth_seq_num 
_pdbx_nonpoly_scheme.pdb_mon_id 
_pdbx_nonpoly_scheme.auth_mon_id 
_pdbx_nonpoly_scheme.pdb_strand_id 
_pdbx_nonpoly_scheme.pdb_ins_code 
B 2 HOH 1  201 40 HOH HOH A . 
B 2 HOH 2  202 4  HOH HOH A . 
B 2 HOH 3  203 78 HOH HOH A . 
B 2 HOH 4  204 52 HOH HOH A . 
B 2 HOH 5  205 20 HOH HOH A . 
B 2 HOH 6  206 67 HOH HOH A . 
B 2 HOH 7  207 26 HOH HOH A . 
B 2 HOH 8  208 64 HOH HOH A . 
B 2 HOH 9  209 32 HOH HOH A . 
B 2 HOH 10 210 17 HOH HOH A . 
B 2 HOH 11 211 63 HOH HOH A . 
B 2 HOH 12 212 5  HOH HOH A . 
B 2 HOH 13 213 77 HOH HOH A . 
B 2 HOH 14 214 18 HOH HOH A . 
B 2 HOH 15 215 31 HOH HOH A . 
B 2 HOH 16 216 15 HOH HOH A . 
B 2 HOH 17 217 19 HOH HOH A . 
B 2 HOH 18 218 54 HOH HOH A . 
B 2 HOH 19 219 71 HOH HOH A . 
B 2 HOH 20 220 61 HOH HOH A . 
B 2 HOH 21 221 23 HOH HOH A . 
B 2 HOH 22 222 24 HOH HOH A . 
B 2 HOH 23 223 59 HOH HOH A . 
B 2 HOH 24 224 75 HOH HOH A . 
B 2 HOH 25 225 21 HOH HOH A . 
B 2 HOH 26 226 27 HOH HOH A . 
B 2 HOH 27 227 37 HOH HOH A . 
B 2 HOH 28 228 22 HOH HOH A . 
B 2 HOH 29 229 45 HOH HOH A . 
B 2 HOH 30 230 12 HOH HOH A . 
B 2 HOH 31 231 8  HOH HOH A . 
B 2 HOH 32 232 55 HOH HOH A . 
B 2 HOH 33 233 56 HOH HOH A . 
B 2 HOH 34 234 60 HOH HOH A . 
B 2 HOH 35 235 74 HOH HOH A . 
B 2 HOH 36 236 41 HOH HOH A . 
B 2 HOH 37 237 1  HOH HOH A . 
B 2 HOH 38 238 2  HOH HOH A . 
B 2 HOH 39 239 3  HOH HOH A . 
B 2 HOH 40 240 6  HOH HOH A . 
B 2 HOH 41 241 7  HOH HOH A . 
B 2 HOH 42 242 9  HOH HOH A . 
B 2 HOH 43 243 10 HOH HOH A . 
B 2 HOH 44 244 11 HOH HOH A . 
B 2 HOH 45 245 13 HOH HOH A . 
B 2 HOH 46 246 14 HOH HOH A . 
B 2 HOH 47 247 16 HOH HOH A . 
B 2 HOH 48 248 25 HOH HOH A . 
B 2 HOH 49 249 28 HOH HOH A . 
B 2 HOH 50 250 29 HOH HOH A . 
B 2 HOH 51 251 30 HOH HOH A . 
B 2 HOH 52 252 34 HOH HOH A . 
B 2 HOH 53 253 35 HOH HOH A . 
B 2 HOH 54 254 36 HOH HOH A . 
B 2 HOH 55 255 38 HOH HOH A . 
B 2 HOH 56 256 39 HOH HOH A . 
B 2 HOH 57 257 42 HOH HOH A . 
B 2 HOH 58 258 43 HOH HOH A . 
B 2 HOH 59 259 44 HOH HOH A . 
B 2 HOH 60 260 46 HOH HOH A . 
B 2 HOH 61 261 47 HOH HOH A . 
B 2 HOH 62 262 48 HOH HOH A . 
B 2 HOH 63 263 50 HOH HOH A . 
B 2 HOH 64 264 66 HOH HOH A . 
B 2 HOH 65 265 68 HOH HOH A . 
B 2 HOH 66 266 69 HOH HOH A . 
B 2 HOH 67 267 73 HOH HOH A . 
# 
loop_
_software.citation_id 
_software.classification 
_software.compiler_name 
_software.compiler_version 
_software.contact_author 
_software.contact_author_email 
_software.date 
_software.description 
_software.dependencies 
_software.hardware 
_software.language 
_software.location 
_software.mods 
_software.name 
_software.os 
_software.os_version 
_software.type 
_software.version 
_software.pdbx_ordinal 
? 'data reduction' ? ? ? ? ? ? ? ? ? ? ? XDS    ? ? ? .                          1 
? refinement       ? ? ? ? ? ? ? ? ? ? ? PHENIX ? ? ? '(phenix.refine: 1.7_650)' 2 
? 'model building' ? ? ? ? ? ? ? ? ? ? ? Coot   ? ? ? .                          3 
? 'data scaling'   ? ? ? ? ? ? ? ? ? ? ? XSCALE ? ? ? .                          4 
# 
_cell.length_a           125.940 
_cell.length_b           36.590 
_cell.length_c           36.470 
_cell.angle_alpha        90.000 
_cell.angle_beta         95.860 
_cell.angle_gamma        90.000 
_cell.entry_id           4WFV 
_cell.Z_PDB              4 
_cell.pdbx_unique_axis   ? 
# 
_symmetry.entry_id                         4WFV 
_symmetry.cell_setting                     ? 
_symmetry.Int_Tables_number                5 
_symmetry.space_group_name_Hall            ? 
_symmetry.space_group_name_H-M             'C 1 2 1' 
_symmetry.pdbx_full_space_group_name_H-M   ? 
# 
_exptl.absorpt_coefficient_mu     ? 
_exptl.absorpt_correction_T_max   ? 
_exptl.absorpt_correction_T_min   ? 
_exptl.absorpt_correction_type    ? 
_exptl.absorpt_process_details    ? 
_exptl.entry_id                   4WFV 
_exptl.crystals_number            1 
_exptl.details                    ? 
_exptl.method                     'X-RAY DIFFRACTION' 
_exptl.method_details             ? 
# 
_exptl_crystal.colour                      ? 
_exptl_crystal.density_diffrn              ? 
_exptl_crystal.density_Matthews            2.34 
_exptl_crystal.density_method              ? 
_exptl_crystal.density_percent_sol         47.42 
_exptl_crystal.description                 ? 
_exptl_crystal.F_000                       ? 
_exptl_crystal.id                          1 
_exptl_crystal.preparation                 ? 
_exptl_crystal.size_max                    ? 
_exptl_crystal.size_mid                    ? 
_exptl_crystal.size_min                    ? 
_exptl_crystal.size_rad                    ? 
_exptl_crystal.colour_lustre               ? 
_exptl_crystal.colour_modifier             ? 
_exptl_crystal.colour_primary              ? 
_exptl_crystal.density_meas                ? 
_exptl_crystal.density_meas_esd            ? 
_exptl_crystal.density_meas_gt             ? 
_exptl_crystal.density_meas_lt             ? 
_exptl_crystal.density_meas_temp           ? 
_exptl_crystal.density_meas_temp_esd       ? 
_exptl_crystal.density_meas_temp_gt        ? 
_exptl_crystal.density_meas_temp_lt        ? 
_exptl_crystal.pdbx_crystal_image_url      ? 
_exptl_crystal.pdbx_crystal_image_format   ? 
_exptl_crystal.pdbx_mosaicity              ? 
_exptl_crystal.pdbx_mosaicity_esd          ? 
# 
_exptl_crystal_grow.apparatus       ? 
_exptl_crystal_grow.atmosphere      ? 
_exptl_crystal_grow.crystal_id      1 
_exptl_crystal_grow.details         ? 
_exptl_crystal_grow.method          'VAPOR DIFFUSION, HANGING DROP' 
_exptl_crystal_grow.method_ref      ? 
_exptl_crystal_grow.pH              6.4 
_exptl_crystal_grow.pressure        ? 
_exptl_crystal_grow.pressure_esd    ? 
_exptl_crystal_grow.seeding         ? 
_exptl_crystal_grow.seeding_ref     ? 
_exptl_crystal_grow.temp            293 
_exptl_crystal_grow.temp_details    ? 
_exptl_crystal_grow.temp_esd        ? 
_exptl_crystal_grow.time            ? 
_exptl_crystal_grow.pdbx_details    '2.5 M 1,6-hexanediol, 0.1 M sodium citrate' 
_exptl_crystal_grow.pdbx_pH_range   ? 
# 
_diffrn.ambient_environment    ? 
_diffrn.ambient_temp           100 
_diffrn.ambient_temp_details   ? 
_diffrn.ambient_temp_esd       ? 
_diffrn.crystal_id             1 
_diffrn.crystal_support        ? 
_diffrn.crystal_treatment      ? 
_diffrn.details                ? 
_diffrn.id                     1 
_diffrn.ambient_pressure       ? 
_diffrn.ambient_pressure_esd   ? 
_diffrn.ambient_pressure_gt    ? 
_diffrn.ambient_pressure_lt    ? 
_diffrn.ambient_temp_gt        ? 
_diffrn.ambient_temp_lt        ? 
# 
_diffrn_detector.details                      ? 
_diffrn_detector.detector                     CCD 
_diffrn_detector.diffrn_id                    1 
_diffrn_detector.type                         'ADSC QUANTUM 315r' 
_diffrn_detector.area_resol_mean              ? 
_diffrn_detector.dtime                        ? 
_diffrn_detector.pdbx_frames_total            ? 
_diffrn_detector.pdbx_collection_time_total   ? 
_diffrn_detector.pdbx_collection_date         2012-06-15 
# 
_diffrn_radiation.collimation                      ? 
_diffrn_radiation.diffrn_id                        1 
_diffrn_radiation.filter_edge                      ? 
_diffrn_radiation.inhomogeneity                    ? 
_diffrn_radiation.monochromator                    ? 
_diffrn_radiation.polarisn_norm                    ? 
_diffrn_radiation.polarisn_ratio                   ? 
_diffrn_radiation.probe                            ? 
_diffrn_radiation.type                             ? 
_diffrn_radiation.xray_symbol                      ? 
_diffrn_radiation.wavelength_id                    1 
_diffrn_radiation.pdbx_monochromatic_or_laue_m_l   M 
_diffrn_radiation.pdbx_wavelength_list             ? 
_diffrn_radiation.pdbx_wavelength                  ? 
_diffrn_radiation.pdbx_diffrn_protocol             'SINGLE WAVELENGTH' 
_diffrn_radiation.pdbx_analyzer                    ? 
_diffrn_radiation.pdbx_scattering_type             x-ray 
# 
_diffrn_radiation_wavelength.id           1 
_diffrn_radiation_wavelength.wavelength   1.011 
_diffrn_radiation_wavelength.wt           1.0 
# 
_diffrn_source.current                     ? 
_diffrn_source.details                     ? 
_diffrn_source.diffrn_id                   1 
_diffrn_source.power                       ? 
_diffrn_source.size                        ? 
_diffrn_source.source                      SYNCHROTRON 
_diffrn_source.target                      ? 
_diffrn_source.type                        'ESRF BEAMLINE ID14-4' 
_diffrn_source.voltage                     ? 
_diffrn_source.take-off_angle              ? 
_diffrn_source.pdbx_wavelength_list        1.011 
_diffrn_source.pdbx_wavelength             ? 
_diffrn_source.pdbx_synchrotron_beamline   ID14-4 
_diffrn_source.pdbx_synchrotron_site       ESRF 
# 
_reflns.B_iso_Wilson_estimate            12.020 
_reflns.entry_id                         4WFV 
_reflns.data_reduction_details           ? 
_reflns.data_reduction_method            ? 
_reflns.d_resolution_high                1.4 
_reflns.d_resolution_low                 50 
_reflns.details                          ? 
_reflns.limit_h_max                      ? 
_reflns.limit_h_min                      ? 
_reflns.limit_k_max                      ? 
_reflns.limit_k_min                      ? 
_reflns.limit_l_max                      ? 
_reflns.limit_l_min                      ? 
_reflns.number_all                       ? 
_reflns.number_obs                       31792 
_reflns.observed_criterion               ? 
_reflns.observed_criterion_F_max         ? 
_reflns.observed_criterion_F_min         ? 
_reflns.observed_criterion_I_max         ? 
_reflns.observed_criterion_I_min         ? 
_reflns.observed_criterion_sigma_F       ? 
_reflns.observed_criterion_sigma_I       -3.0 
_reflns.percent_possible_obs             96.9 
_reflns.R_free_details                   ? 
_reflns.Rmerge_F_all                     ? 
_reflns.Rmerge_F_obs                     ? 
_reflns.Friedel_coverage                 ? 
_reflns.number_gt                        ? 
_reflns.threshold_expression             ? 
_reflns.pdbx_redundancy                  3.5 
_reflns.pdbx_Rmerge_I_obs                0.044 
_reflns.pdbx_Rmerge_I_all                ? 
_reflns.pdbx_Rsym_value                  0.037 
_reflns.pdbx_netI_over_av_sigmaI         ? 
_reflns.pdbx_netI_over_sigmaI            22.3 
_reflns.pdbx_res_netI_over_av_sigmaI_2   ? 
_reflns.pdbx_res_netI_over_sigmaI_2      ? 
_reflns.pdbx_chi_squared                 ? 
_reflns.pdbx_scaling_rejects             ? 
_reflns.pdbx_d_res_high_opt              ? 
_reflns.pdbx_d_res_low_opt               ? 
_reflns.pdbx_d_res_opt_method            ? 
_reflns.phase_calculation_details        ? 
_reflns.pdbx_Rrim_I_all                  ? 
_reflns.pdbx_Rpim_I_all                  ? 
_reflns.pdbx_d_opt                       ? 
_reflns.pdbx_number_measured_all         ? 
_reflns.pdbx_diffrn_id                   1 
_reflns.pdbx_ordinal                     1 
_reflns.pdbx_CC_half                     ? 
_reflns.pdbx_R_split                     ? 
# 
_reflns_shell.d_res_high                  1.4 
_reflns_shell.d_res_low                   1.5 
_reflns_shell.meanI_over_sigI_all         ? 
_reflns_shell.meanI_over_sigI_obs         4.2 
_reflns_shell.number_measured_all         ? 
_reflns_shell.number_measured_obs         ? 
_reflns_shell.number_possible             ? 
_reflns_shell.number_unique_all           ? 
_reflns_shell.number_unique_obs           ? 
_reflns_shell.percent_possible_all        88.8 
_reflns_shell.percent_possible_obs        ? 
_reflns_shell.Rmerge_F_all                ? 
_reflns_shell.Rmerge_F_obs                ? 
_reflns_shell.Rmerge_I_all                ? 
_reflns_shell.Rmerge_I_obs                0.368 
_reflns_shell.meanI_over_sigI_gt          ? 
_reflns_shell.meanI_over_uI_all           ? 
_reflns_shell.meanI_over_uI_gt            ? 
_reflns_shell.number_measured_gt          ? 
_reflns_shell.number_unique_gt            ? 
_reflns_shell.percent_possible_gt         ? 
_reflns_shell.Rmerge_F_gt                 ? 
_reflns_shell.Rmerge_I_gt                 ? 
_reflns_shell.pdbx_redundancy             2.9 
_reflns_shell.pdbx_Rsym_value             ? 
_reflns_shell.pdbx_chi_squared            ? 
_reflns_shell.pdbx_netI_over_sigmaI_all   ? 
_reflns_shell.pdbx_netI_over_sigmaI_obs   ? 
_reflns_shell.pdbx_Rrim_I_all             ? 
_reflns_shell.pdbx_Rpim_I_all             ? 
_reflns_shell.pdbx_rejects                ? 
_reflns_shell.pdbx_ordinal                1 
_reflns_shell.pdbx_diffrn_id              1 
_reflns_shell.pdbx_CC_half                ? 
_reflns_shell.pdbx_R_split                ? 
# 
_refine.aniso_B[1][1]                            -1.2393 
_refine.aniso_B[1][2]                            -0.0000 
_refine.aniso_B[1][3]                            1.2922 
_refine.aniso_B[2][2]                            0.6536 
_refine.aniso_B[2][3]                            -0.0000 
_refine.aniso_B[3][3]                            0.5858 
_refine.B_iso_max                                55.470 
_refine.B_iso_mean                               14.0511 
_refine.B_iso_min                                4.560 
_refine.correlation_coeff_Fo_to_Fc               ? 
_refine.correlation_coeff_Fo_to_Fc_free          ? 
_refine.details                                  ? 
_refine.diff_density_max                         ? 
_refine.diff_density_max_esd                     ? 
_refine.diff_density_min                         ? 
_refine.diff_density_min_esd                     ? 
_refine.diff_density_rms                         ? 
_refine.diff_density_rms_esd                     ? 
_refine.entry_id                                 4WFV 
_refine.pdbx_refine_id                           'X-RAY DIFFRACTION' 
_refine.ls_abs_structure_details                 ? 
_refine.ls_abs_structure_Flack                   ? 
_refine.ls_abs_structure_Flack_esd               ? 
_refine.ls_abs_structure_Rogers                  ? 
_refine.ls_abs_structure_Rogers_esd              ? 
_refine.ls_d_res_high                            1.4000 
_refine.ls_d_res_low                             25.6030 
_refine.ls_extinction_coef                       ? 
_refine.ls_extinction_coef_esd                   ? 
_refine.ls_extinction_expression                 ? 
_refine.ls_extinction_method                     ? 
_refine.ls_goodness_of_fit_all                   ? 
_refine.ls_goodness_of_fit_all_esd               ? 
_refine.ls_goodness_of_fit_obs                   ? 
_refine.ls_goodness_of_fit_obs_esd               ? 
_refine.ls_hydrogen_treatment                    ? 
_refine.ls_matrix_type                           ? 
_refine.ls_number_constraints                    ? 
_refine.ls_number_parameters                     ? 
_refine.ls_number_reflns_all                     ? 
_refine.ls_number_reflns_obs                     31789 
_refine.ls_number_reflns_R_free                  1589 
_refine.ls_number_reflns_R_work                  30200 
_refine.ls_number_restraints                     ? 
_refine.ls_percent_reflns_obs                    96.9300 
_refine.ls_percent_reflns_R_free                 5.0000 
_refine.ls_R_factor_all                          ? 
_refine.ls_R_factor_obs                          0.1971 
_refine.ls_R_factor_R_free                       0.2135 
_refine.ls_R_factor_R_free_error                 ? 
_refine.ls_R_factor_R_free_error_details         ? 
_refine.ls_R_factor_R_work                       0.1963 
_refine.ls_R_Fsqd_factor_obs                     ? 
_refine.ls_R_I_factor_obs                        ? 
_refine.ls_redundancy_reflns_all                 ? 
_refine.ls_redundancy_reflns_obs                 ? 
_refine.ls_restrained_S_all                      ? 
_refine.ls_restrained_S_obs                      ? 
_refine.ls_shift_over_esd_max                    ? 
_refine.ls_shift_over_esd_mean                   ? 
_refine.ls_structure_factor_coef                 ? 
_refine.ls_weighting_details                     ? 
_refine.ls_weighting_scheme                      ? 
_refine.ls_wR_factor_all                         ? 
_refine.ls_wR_factor_obs                         ? 
_refine.ls_wR_factor_R_free                      ? 
_refine.ls_wR_factor_R_work                      ? 
_refine.occupancy_max                            ? 
_refine.occupancy_min                            ? 
_refine.solvent_model_details                    'FLAT BULK SOLVENT MODEL' 
_refine.solvent_model_param_bsol                 67.9370 
_refine.solvent_model_param_ksol                 0.4760 
_refine.ls_R_factor_gt                           ? 
_refine.ls_goodness_of_fit_gt                    ? 
_refine.ls_goodness_of_fit_ref                   ? 
_refine.ls_shift_over_su_max                     ? 
_refine.ls_shift_over_su_max_lt                  ? 
_refine.ls_shift_over_su_mean                    ? 
_refine.ls_shift_over_su_mean_lt                 ? 
_refine.pdbx_ls_sigma_I                          ? 
_refine.pdbx_ls_sigma_F                          1.360 
_refine.pdbx_ls_sigma_Fsqd                       ? 
_refine.pdbx_data_cutoff_high_absF               ? 
_refine.pdbx_data_cutoff_high_rms_absF           ? 
_refine.pdbx_data_cutoff_low_absF                ? 
_refine.pdbx_isotropic_thermal_model             ? 
_refine.pdbx_ls_cross_valid_method               THROUGHOUT 
_refine.pdbx_method_to_determine_struct          'MOLECULAR REPLACEMENT' 
_refine.pdbx_starting_model                      1BJ7 
_refine.pdbx_stereochemistry_target_values       ML 
_refine.pdbx_R_Free_selection_details            Random 
_refine.pdbx_stereochem_target_val_spec_case     ? 
_refine.pdbx_overall_ESU_R                       ? 
_refine.pdbx_overall_ESU_R_Free                  ? 
_refine.pdbx_solvent_vdw_probe_radii             1.2000 
_refine.pdbx_solvent_ion_probe_radii             ? 
_refine.pdbx_solvent_shrinkage_radii             0.9500 
_refine.pdbx_real_space_R                        ? 
_refine.pdbx_density_correlation                 ? 
_refine.pdbx_pd_number_of_powder_patterns        ? 
_refine.pdbx_pd_number_of_points                 ? 
_refine.pdbx_pd_meas_number_of_points            ? 
_refine.pdbx_pd_proc_ls_prof_R_factor            ? 
_refine.pdbx_pd_proc_ls_prof_wR_factor           ? 
_refine.pdbx_pd_Marquardt_correlation_coeff      ? 
_refine.pdbx_pd_Fsqrd_R_factor                   ? 
_refine.pdbx_pd_ls_matrix_band_width             ? 
_refine.pdbx_overall_phase_error                 19.9400 
_refine.pdbx_overall_SU_R_free_Cruickshank_DPI   ? 
_refine.pdbx_overall_SU_R_free_Blow_DPI          ? 
_refine.pdbx_overall_SU_R_Blow_DPI               ? 
_refine.pdbx_TLS_residual_ADP_flag               ? 
_refine.pdbx_diffrn_id                           1 
_refine.overall_SU_B                             ? 
_refine.overall_SU_ML                            0.1800 
_refine.overall_SU_R_Cruickshank_DPI             ? 
_refine.overall_SU_R_free                        ? 
_refine.overall_FOM_free_R_set                   ? 
_refine.overall_FOM_work_R_set                   ? 
# 
_refine_hist.cycle_id                         final 
_refine_hist.pdbx_refine_id                   'X-RAY DIFFRACTION' 
_refine_hist.d_res_high                       1.4000 
_refine_hist.d_res_low                        25.6030 
_refine_hist.pdbx_number_atoms_ligand         0 
_refine_hist.number_atoms_solvent             67 
_refine_hist.number_atoms_total               1296 
_refine_hist.pdbx_number_residues_total       153 
_refine_hist.pdbx_B_iso_mean_solvent          20.43 
_refine_hist.pdbx_number_atoms_protein        1229 
_refine_hist.pdbx_number_atoms_nucleic_acid   0 
# 
loop_
_refine_ls_restr.pdbx_refine_id 
_refine_ls_restr.criterion 
_refine_ls_restr.dev_ideal 
_refine_ls_restr.dev_ideal_target 
_refine_ls_restr.number 
_refine_ls_restr.rejects 
_refine_ls_restr.type 
_refine_ls_restr.weight 
_refine_ls_restr.pdbx_restraint_function 
'X-RAY DIFFRACTION' ? 0.006  ? 1276 ? f_bond_d           ? ? 
'X-RAY DIFFRACTION' ? 1.081  ? 1732 ? f_angle_d          ? ? 
'X-RAY DIFFRACTION' ? 0.074  ? 192  ? f_chiral_restr     ? ? 
'X-RAY DIFFRACTION' ? 0.005  ? 228  ? f_plane_restr      ? ? 
'X-RAY DIFFRACTION' ? 11.712 ? 495  ? f_dihedral_angle_d ? ? 
# 
loop_
_refine_ls_shell.pdbx_refine_id 
_refine_ls_shell.d_res_high 
_refine_ls_shell.d_res_low 
_refine_ls_shell.number_reflns_all 
_refine_ls_shell.number_reflns_obs 
_refine_ls_shell.number_reflns_R_free 
_refine_ls_shell.number_reflns_R_work 
_refine_ls_shell.percent_reflns_obs 
_refine_ls_shell.percent_reflns_R_free 
_refine_ls_shell.R_factor_all 
_refine_ls_shell.R_factor_obs 
_refine_ls_shell.R_factor_R_free 
_refine_ls_shell.R_factor_R_free_error 
_refine_ls_shell.R_factor_R_work 
_refine_ls_shell.redundancy_reflns_all 
_refine_ls_shell.redundancy_reflns_obs 
_refine_ls_shell.wR_factor_all 
_refine_ls_shell.wR_factor_obs 
_refine_ls_shell.wR_factor_R_free 
_refine_ls_shell.wR_factor_R_work 
_refine_ls_shell.pdbx_total_number_of_bins_used 
_refine_ls_shell.pdbx_phase_error 
'X-RAY DIFFRACTION' 1.4000 1.4452  2393 . 120 2273 82.0000  . . . 0.3526 . 0.2854 . . . . . . 11 . 
'X-RAY DIFFRACTION' 1.4452 1.4968  2807 . 140 2667 95.0000  . . . 0.2851 . 0.2533 . . . . . . 11 . 
'X-RAY DIFFRACTION' 1.4968 1.5568  2936 . 147 2789 99.0000  . . . 0.2084 . 0.2148 . . . . . . 11 . 
'X-RAY DIFFRACTION' 1.5568 1.6276  2949 . 147 2802 100.0000 . . . 0.2334 . 0.1915 . . . . . . 11 . 
'X-RAY DIFFRACTION' 1.6276 1.7134  2950 . 148 2802 99.0000  . . . 0.2183 . 0.1899 . . . . . . 11 . 
'X-RAY DIFFRACTION' 1.7134 1.8207  2981 . 149 2832 99.0000  . . . 0.1992 . 0.1762 . . . . . . 11 . 
'X-RAY DIFFRACTION' 1.8207 1.9612  2912 . 145 2767 99.0000  . . . 0.2071 . 0.1817 . . . . . . 11 . 
'X-RAY DIFFRACTION' 1.9612 2.1585  2958 . 148 2810 98.0000  . . . 0.1828 . 0.1755 . . . . . . 11 . 
'X-RAY DIFFRACTION' 2.1585 2.4706  2940 . 147 2793 98.0000  . . . 0.1902 . 0.1745 . . . . . . 11 . 
'X-RAY DIFFRACTION' 2.4706 3.1119  2961 . 148 2813 99.0000  . . . 0.2286 . 0.1959 . . . . . . 11 . 
'X-RAY DIFFRACTION' 3.1119 25.6076 3002 . 150 2852 97.0000  . . . 0.2095 . 0.2087 . . . . . . 11 . 
# 
_struct.entry_id                     4WFV 
_struct.title                        'Bovine allergen Bos d 2 in the monoclinic space group C2.' 
_struct.pdbx_model_details           ? 
_struct.pdbx_formula_weight          ? 
_struct.pdbx_formula_weight_method   ? 
_struct.pdbx_model_type_details      ? 
_struct.pdbx_CASP_flag               ? 
# 
_struct_keywords.entry_id        4WFV 
_struct_keywords.text            'Allergen, lipocalin' 
_struct_keywords.pdbx_keywords   ALLERGEN 
# 
loop_
_struct_asym.id 
_struct_asym.pdbx_blank_PDB_chainid_flag 
_struct_asym.pdbx_modified 
_struct_asym.entity_id 
_struct_asym.details 
A N N 1 ? 
B N N 2 ? 
# 
_struct_ref.id                         1 
_struct_ref.db_name                    UNP 
_struct_ref.db_code                    ALL2_BOVIN 
_struct_ref.pdbx_db_accession          Q28133 
_struct_ref.pdbx_db_isoform            ? 
_struct_ref.entity_id                  1 
_struct_ref.pdbx_seq_one_letter_code   
;QETPAEIDPSKIPGEWRIIYAAADNKDKIVEGGPLRNYYRRIECINDCESLSITFYLKDQGTCLLLTEVAKRQEGYVYVL
EFYGTNTLEVIHVSENMLVTYVENYDGERITKMTEGLAKGTSFTPEELEKYQQLNSERGVPNENIENLIKTDNCPP
;
_struct_ref.pdbx_align_begin           17 
# 
_struct_ref_seq.align_id                      1 
_struct_ref_seq.ref_id                        1 
_struct_ref_seq.pdbx_PDB_id_code              4WFV 
_struct_ref_seq.pdbx_strand_id                A 
_struct_ref_seq.seq_align_beg                 1 
_struct_ref_seq.pdbx_seq_align_beg_ins_code   ? 
_struct_ref_seq.seq_align_end                 156 
_struct_ref_seq.pdbx_seq_align_end_ins_code   ? 
_struct_ref_seq.pdbx_db_accession             Q28133 
_struct_ref_seq.db_align_beg                  17 
_struct_ref_seq.pdbx_db_align_beg_ins_code    ? 
_struct_ref_seq.db_align_end                  172 
_struct_ref_seq.pdbx_db_align_end_ins_code    ? 
_struct_ref_seq.pdbx_auth_seq_align_beg       1 
_struct_ref_seq.pdbx_auth_seq_align_end       156 
# 
_pdbx_struct_assembly.id                   1 
_pdbx_struct_assembly.details              author_and_software_defined_assembly 
_pdbx_struct_assembly.method_details       PISA 
_pdbx_struct_assembly.oligomeric_details   Monomeric 
_pdbx_struct_assembly.oligomeric_count     1 
# 
loop_
_pdbx_struct_assembly_prop.biol_id 
_pdbx_struct_assembly_prop.type 
_pdbx_struct_assembly_prop.value 
_pdbx_struct_assembly_prop.details 
1 'ABSA (A^2)' 0    ? 
1 MORE         0    ? 
1 'SSA (A^2)'  7690 ? 
# 
_pdbx_struct_assembly_gen.assembly_id       1 
_pdbx_struct_assembly_gen.oper_expression   1 
_pdbx_struct_assembly_gen.asym_id_list      A,B 
# 
_pdbx_struct_oper_list.id                   1 
_pdbx_struct_oper_list.type                 'identity operation' 
_pdbx_struct_oper_list.name                 1_555 
_pdbx_struct_oper_list.symmetry_operation   x,y,z 
_pdbx_struct_oper_list.matrix[1][1]         1.0000000000 
_pdbx_struct_oper_list.matrix[1][2]         0.0000000000 
_pdbx_struct_oper_list.matrix[1][3]         0.0000000000 
_pdbx_struct_oper_list.vector[1]            0.0000000000 
_pdbx_struct_oper_list.matrix[2][1]         0.0000000000 
_pdbx_struct_oper_list.matrix[2][2]         1.0000000000 
_pdbx_struct_oper_list.matrix[2][3]         0.0000000000 
_pdbx_struct_oper_list.vector[2]            0.0000000000 
_pdbx_struct_oper_list.matrix[3][1]         0.0000000000 
_pdbx_struct_oper_list.matrix[3][2]         0.0000000000 
_pdbx_struct_oper_list.matrix[3][3]         1.0000000000 
_pdbx_struct_oper_list.vector[3]            0.0000000000 
# 
loop_
_struct_conf.conf_type_id 
_struct_conf.id 
_struct_conf.pdbx_PDB_helix_id 
_struct_conf.beg_label_comp_id 
_struct_conf.beg_label_asym_id 
_struct_conf.beg_label_seq_id 
_struct_conf.pdbx_beg_PDB_ins_code 
_struct_conf.end_label_comp_id 
_struct_conf.end_label_asym_id 
_struct_conf.end_label_seq_id 
_struct_conf.pdbx_end_PDB_ins_code 
_struct_conf.beg_auth_comp_id 
_struct_conf.beg_auth_asym_id 
_struct_conf.beg_auth_seq_id 
_struct_conf.end_auth_comp_id 
_struct_conf.end_auth_asym_id 
_struct_conf.end_auth_seq_id 
_struct_conf.pdbx_PDB_helix_class 
_struct_conf.details 
_struct_conf.pdbx_PDB_helix_length 
HELX_P HELX_P1 AA1 ASP A 8   ? ILE A 12  ? ASP A 8   ILE A 12  5 ? 5  
HELX_P HELX_P2 AA2 ASN A 25  ? ILE A 29  ? ASN A 25  ILE A 29  5 ? 5  
HELX_P HELX_P3 AA3 THR A 124 ? ARG A 138 ? THR A 124 ARG A 138 1 ? 15 
HELX_P HELX_P4 AA4 PRO A 141 ? ILE A 145 ? PRO A 141 ILE A 145 5 ? 5  
HELX_P HELX_P5 AA5 ILE A 149 ? ASP A 152 ? ILE A 149 ASP A 152 5 ? 4  
# 
_struct_conf_type.id          HELX_P 
_struct_conf_type.criteria    ? 
_struct_conf_type.reference   ? 
# 
loop_
_struct_conn.id 
_struct_conn.conn_type_id 
_struct_conn.pdbx_leaving_atom_flag 
_struct_conn.pdbx_PDB_id 
_struct_conn.ptnr1_label_asym_id 
_struct_conn.ptnr1_label_comp_id 
_struct_conn.ptnr1_label_seq_id 
_struct_conn.ptnr1_label_atom_id 
_struct_conn.pdbx_ptnr1_label_alt_id 
_struct_conn.pdbx_ptnr1_PDB_ins_code 
_struct_conn.pdbx_ptnr1_standard_comp_id 
_struct_conn.ptnr1_symmetry 
_struct_conn.ptnr2_label_asym_id 
_struct_conn.ptnr2_label_comp_id 
_struct_conn.ptnr2_label_seq_id 
_struct_conn.ptnr2_label_atom_id 
_struct_conn.pdbx_ptnr2_label_alt_id 
_struct_conn.pdbx_ptnr2_PDB_ins_code 
_struct_conn.ptnr1_auth_asym_id 
_struct_conn.ptnr1_auth_comp_id 
_struct_conn.ptnr1_auth_seq_id 
_struct_conn.ptnr2_auth_asym_id 
_struct_conn.ptnr2_auth_comp_id 
_struct_conn.ptnr2_auth_seq_id 
_struct_conn.ptnr2_symmetry 
_struct_conn.pdbx_ptnr3_label_atom_id 
_struct_conn.pdbx_ptnr3_label_seq_id 
_struct_conn.pdbx_ptnr3_label_comp_id 
_struct_conn.pdbx_ptnr3_label_asym_id 
_struct_conn.pdbx_ptnr3_label_alt_id 
_struct_conn.pdbx_ptnr3_PDB_ins_code 
_struct_conn.details 
_struct_conn.pdbx_dist_value 
_struct_conn.pdbx_value_order 
_struct_conn.pdbx_role 
disulf1 disulf ? ? A CYS 44 SG ? ? ? 1_555 A CYS 48  SG ? ? A CYS 44 A CYS 48  1_555 ? ? ? ? ? ? ? 2.046 ? ? 
disulf2 disulf ? ? A CYS 63 SG ? ? ? 1_555 A CYS 154 SG ? ? A CYS 63 A CYS 154 1_555 ? ? ? ? ? ? ? 2.071 ? ? 
# 
_struct_conn_type.id          disulf 
_struct_conn_type.criteria    ? 
_struct_conn_type.reference   ? 
# 
loop_
_pdbx_modification_feature.ordinal 
_pdbx_modification_feature.label_comp_id 
_pdbx_modification_feature.label_asym_id 
_pdbx_modification_feature.label_seq_id 
_pdbx_modification_feature.label_alt_id 
_pdbx_modification_feature.modified_residue_label_comp_id 
_pdbx_modification_feature.modified_residue_label_asym_id 
_pdbx_modification_feature.modified_residue_label_seq_id 
_pdbx_modification_feature.modified_residue_label_alt_id 
_pdbx_modification_feature.auth_comp_id 
_pdbx_modification_feature.auth_asym_id 
_pdbx_modification_feature.auth_seq_id 
_pdbx_modification_feature.PDB_ins_code 
_pdbx_modification_feature.symmetry 
_pdbx_modification_feature.modified_residue_auth_comp_id 
_pdbx_modification_feature.modified_residue_auth_asym_id 
_pdbx_modification_feature.modified_residue_auth_seq_id 
_pdbx_modification_feature.modified_residue_PDB_ins_code 
_pdbx_modification_feature.modified_residue_symmetry 
_pdbx_modification_feature.comp_id_linking_atom 
_pdbx_modification_feature.modified_residue_id_linking_atom 
_pdbx_modification_feature.modified_residue_id 
_pdbx_modification_feature.ref_pcm_id 
_pdbx_modification_feature.ref_comp_id 
_pdbx_modification_feature.type 
_pdbx_modification_feature.category 
1 CYS A 44 ? CYS A 48  ? CYS A 44 ? 1_555 CYS A 48  ? 1_555 SG SG . . . None 'Disulfide bridge' 
2 CYS A 63 ? CYS A 154 ? CYS A 63 ? 1_555 CYS A 154 ? 1_555 SG SG . . . None 'Disulfide bridge' 
# 
_struct_sheet.id               AA1 
_struct_sheet.type             ? 
_struct_sheet.number_strands   9 
_struct_sheet.details          ? 
# 
loop_
_struct_sheet_order.sheet_id 
_struct_sheet_order.range_id_1 
_struct_sheet_order.range_id_2 
_struct_sheet_order.offset 
_struct_sheet_order.sense 
AA1 1 2 ? anti-parallel 
AA1 2 3 ? anti-parallel 
AA1 3 4 ? anti-parallel 
AA1 4 5 ? anti-parallel 
AA1 5 6 ? anti-parallel 
AA1 6 7 ? anti-parallel 
AA1 7 8 ? anti-parallel 
AA1 8 9 ? anti-parallel 
# 
loop_
_struct_sheet_range.sheet_id 
_struct_sheet_range.id 
_struct_sheet_range.beg_label_comp_id 
_struct_sheet_range.beg_label_asym_id 
_struct_sheet_range.beg_label_seq_id 
_struct_sheet_range.pdbx_beg_PDB_ins_code 
_struct_sheet_range.end_label_comp_id 
_struct_sheet_range.end_label_asym_id 
_struct_sheet_range.end_label_seq_id 
_struct_sheet_range.pdbx_end_PDB_ins_code 
_struct_sheet_range.beg_auth_comp_id 
_struct_sheet_range.beg_auth_asym_id 
_struct_sheet_range.beg_auth_seq_id 
_struct_sheet_range.end_auth_comp_id 
_struct_sheet_range.end_auth_asym_id 
_struct_sheet_range.end_auth_seq_id 
AA1 1 TYR A 38  ? ILE A 45  ? TYR A 38  ILE A 45  
AA1 2 SER A 50  ? ASP A 59  ? SER A 50  ASP A 59  
AA1 3 THR A 62  ? GLU A 74  ? THR A 62  GLU A 74  
AA1 4 VAL A 77  ? GLU A 81  ? VAL A 77  GLU A 81  
AA1 5 THR A 85  ? VAL A 93  ? THR A 85  VAL A 93  
AA1 6 MET A 97  ? TYR A 105 ? MET A 97  TYR A 105 
AA1 7 ILE A 110 ? ALA A 118 ? ILE A 110 ALA A 118 
AA1 8 ARG A 17  ? ALA A 23  ? ARG A 17  ALA A 23  
AA1 9 GLU A 146 ? ASN A 147 ? GLU A 146 ASN A 147 
# 
loop_
_pdbx_struct_sheet_hbond.sheet_id 
_pdbx_struct_sheet_hbond.range_id_1 
_pdbx_struct_sheet_hbond.range_id_2 
_pdbx_struct_sheet_hbond.range_1_label_atom_id 
_pdbx_struct_sheet_hbond.range_1_label_comp_id 
_pdbx_struct_sheet_hbond.range_1_label_asym_id 
_pdbx_struct_sheet_hbond.range_1_label_seq_id 
_pdbx_struct_sheet_hbond.range_1_PDB_ins_code 
_pdbx_struct_sheet_hbond.range_1_auth_atom_id 
_pdbx_struct_sheet_hbond.range_1_auth_comp_id 
_pdbx_struct_sheet_hbond.range_1_auth_asym_id 
_pdbx_struct_sheet_hbond.range_1_auth_seq_id 
_pdbx_struct_sheet_hbond.range_2_label_atom_id 
_pdbx_struct_sheet_hbond.range_2_label_comp_id 
_pdbx_struct_sheet_hbond.range_2_label_asym_id 
_pdbx_struct_sheet_hbond.range_2_label_seq_id 
_pdbx_struct_sheet_hbond.range_2_PDB_ins_code 
_pdbx_struct_sheet_hbond.range_2_auth_atom_id 
_pdbx_struct_sheet_hbond.range_2_auth_comp_id 
_pdbx_struct_sheet_hbond.range_2_auth_asym_id 
_pdbx_struct_sheet_hbond.range_2_auth_seq_id 
AA1 1 2 N ARG A 41  ? N ARG A 41  O THR A 54  ? O THR A 54  
AA1 2 3 N PHE A 55  ? N PHE A 55  O LEU A 66  ? O LEU A 66  
AA1 3 4 N GLN A 73  ? N GLN A 73  O VAL A 77  ? O VAL A 77  
AA1 4 5 N TYR A 78  ? N TYR A 78  O LEU A 88  ? O LEU A 88  
AA1 5 6 N GLU A 89  ? N GLU A 89  O TYR A 101 ? O TYR A 101 
AA1 6 7 N LEU A 98  ? N LEU A 98  O LEU A 117 ? O LEU A 117 
AA1 7 8 O GLY A 116 ? O GLY A 116 N ILE A 19  ? N ILE A 19  
AA1 8 9 N ALA A 21  ? N ALA A 21  O GLU A 146 ? O GLU A 146 
# 
_pdbx_entry_details.entry_id                   4WFV 
_pdbx_entry_details.compound_details           ? 
_pdbx_entry_details.source_details             ? 
_pdbx_entry_details.nonpolymer_details         ? 
_pdbx_entry_details.sequence_details           ? 
_pdbx_entry_details.has_ligand_of_interest     ? 
_pdbx_entry_details.has_protein_modification   Y 
# 
loop_
_pdbx_validate_torsion.id 
_pdbx_validate_torsion.PDB_model_num 
_pdbx_validate_torsion.auth_comp_id 
_pdbx_validate_torsion.auth_asym_id 
_pdbx_validate_torsion.auth_seq_id 
_pdbx_validate_torsion.PDB_ins_code 
_pdbx_validate_torsion.label_alt_id 
_pdbx_validate_torsion.phi 
_pdbx_validate_torsion.psi 
1 1 GLN A 73 ? ? -92.17  -66.55 
2 1 PHE A 82 ? ? -167.49 111.73 
# 
loop_
_pdbx_unobs_or_zero_occ_residues.id 
_pdbx_unobs_or_zero_occ_residues.PDB_model_num 
_pdbx_unobs_or_zero_occ_residues.polymer_flag 
_pdbx_unobs_or_zero_occ_residues.occupancy_flag 
_pdbx_unobs_or_zero_occ_residues.auth_asym_id 
_pdbx_unobs_or_zero_occ_residues.auth_comp_id 
_pdbx_unobs_or_zero_occ_residues.auth_seq_id 
_pdbx_unobs_or_zero_occ_residues.PDB_ins_code 
_pdbx_unobs_or_zero_occ_residues.label_asym_id 
_pdbx_unobs_or_zero_occ_residues.label_comp_id 
_pdbx_unobs_or_zero_occ_residues.label_seq_id 
1 1 Y 1 A GLN 1 ? A GLN 1 
2 1 Y 1 A GLU 2 ? A GLU 2 
3 1 Y 1 A THR 3 ? A THR 3 
# 
loop_
_chem_comp_atom.comp_id 
_chem_comp_atom.atom_id 
_chem_comp_atom.type_symbol 
_chem_comp_atom.pdbx_aromatic_flag 
_chem_comp_atom.pdbx_stereo_config 
_chem_comp_atom.pdbx_ordinal 
ALA N    N N N 1   
ALA CA   C N S 2   
ALA C    C N N 3   
ALA O    O N N 4   
ALA CB   C N N 5   
ALA OXT  O N N 6   
ALA H    H N N 7   
ALA H2   H N N 8   
ALA HA   H N N 9   
ALA HB1  H N N 10  
ALA HB2  H N N 11  
ALA HB3  H N N 12  
ALA HXT  H N N 13  
ARG N    N N N 14  
ARG CA   C N S 15  
ARG C    C N N 16  
ARG O    O N N 17  
ARG CB   C N N 18  
ARG CG   C N N 19  
ARG CD   C N N 20  
ARG NE   N N N 21  
ARG CZ   C N N 22  
ARG NH1  N N N 23  
ARG NH2  N N N 24  
ARG OXT  O N N 25  
ARG H    H N N 26  
ARG H2   H N N 27  
ARG HA   H N N 28  
ARG HB2  H N N 29  
ARG HB3  H N N 30  
ARG HG2  H N N 31  
ARG HG3  H N N 32  
ARG HD2  H N N 33  
ARG HD3  H N N 34  
ARG HE   H N N 35  
ARG HH11 H N N 36  
ARG HH12 H N N 37  
ARG HH21 H N N 38  
ARG HH22 H N N 39  
ARG HXT  H N N 40  
ASN N    N N N 41  
ASN CA   C N S 42  
ASN C    C N N 43  
ASN O    O N N 44  
ASN CB   C N N 45  
ASN CG   C N N 46  
ASN OD1  O N N 47  
ASN ND2  N N N 48  
ASN OXT  O N N 49  
ASN H    H N N 50  
ASN H2   H N N 51  
ASN HA   H N N 52  
ASN HB2  H N N 53  
ASN HB3  H N N 54  
ASN HD21 H N N 55  
ASN HD22 H N N 56  
ASN HXT  H N N 57  
ASP N    N N N 58  
ASP CA   C N S 59  
ASP C    C N N 60  
ASP O    O N N 61  
ASP CB   C N N 62  
ASP CG   C N N 63  
ASP OD1  O N N 64  
ASP OD2  O N N 65  
ASP OXT  O N N 66  
ASP H    H N N 67  
ASP H2   H N N 68  
ASP HA   H N N 69  
ASP HB2  H N N 70  
ASP HB3  H N N 71  
ASP HD2  H N N 72  
ASP HXT  H N N 73  
CYS N    N N N 74  
CYS CA   C N R 75  
CYS C    C N N 76  
CYS O    O N N 77  
CYS CB   C N N 78  
CYS SG   S N N 79  
CYS OXT  O N N 80  
CYS H    H N N 81  
CYS H2   H N N 82  
CYS HA   H N N 83  
CYS HB2  H N N 84  
CYS HB3  H N N 85  
CYS HG   H N N 86  
CYS HXT  H N N 87  
GLN N    N N N 88  
GLN CA   C N S 89  
GLN C    C N N 90  
GLN O    O N N 91  
GLN CB   C N N 92  
GLN CG   C N N 93  
GLN CD   C N N 94  
GLN OE1  O N N 95  
GLN NE2  N N N 96  
GLN OXT  O N N 97  
GLN H    H N N 98  
GLN H2   H N N 99  
GLN HA   H N N 100 
GLN HB2  H N N 101 
GLN HB3  H N N 102 
GLN HG2  H N N 103 
GLN HG3  H N N 104 
GLN HE21 H N N 105 
GLN HE22 H N N 106 
GLN HXT  H N N 107 
GLU N    N N N 108 
GLU CA   C N S 109 
GLU C    C N N 110 
GLU O    O N N 111 
GLU CB   C N N 112 
GLU CG   C N N 113 
GLU CD   C N N 114 
GLU OE1  O N N 115 
GLU OE2  O N N 116 
GLU OXT  O N N 117 
GLU H    H N N 118 
GLU H2   H N N 119 
GLU HA   H N N 120 
GLU HB2  H N N 121 
GLU HB3  H N N 122 
GLU HG2  H N N 123 
GLU HG3  H N N 124 
GLU HE2  H N N 125 
GLU HXT  H N N 126 
GLY N    N N N 127 
GLY CA   C N N 128 
GLY C    C N N 129 
GLY O    O N N 130 
GLY OXT  O N N 131 
GLY H    H N N 132 
GLY H2   H N N 133 
GLY HA2  H N N 134 
GLY HA3  H N N 135 
GLY HXT  H N N 136 
HIS N    N N N 137 
HIS CA   C N S 138 
HIS C    C N N 139 
HIS O    O N N 140 
HIS CB   C N N 141 
HIS CG   C Y N 142 
HIS ND1  N Y N 143 
HIS CD2  C Y N 144 
HIS CE1  C Y N 145 
HIS NE2  N Y N 146 
HIS OXT  O N N 147 
HIS H    H N N 148 
HIS H2   H N N 149 
HIS HA   H N N 150 
HIS HB2  H N N 151 
HIS HB3  H N N 152 
HIS HD1  H N N 153 
HIS HD2  H N N 154 
HIS HE1  H N N 155 
HIS HE2  H N N 156 
HIS HXT  H N N 157 
HOH O    O N N 158 
HOH H1   H N N 159 
HOH H2   H N N 160 
ILE N    N N N 161 
ILE CA   C N S 162 
ILE C    C N N 163 
ILE O    O N N 164 
ILE CB   C N S 165 
ILE CG1  C N N 166 
ILE CG2  C N N 167 
ILE CD1  C N N 168 
ILE OXT  O N N 169 
ILE H    H N N 170 
ILE H2   H N N 171 
ILE HA   H N N 172 
ILE HB   H N N 173 
ILE HG12 H N N 174 
ILE HG13 H N N 175 
ILE HG21 H N N 176 
ILE HG22 H N N 177 
ILE HG23 H N N 178 
ILE HD11 H N N 179 
ILE HD12 H N N 180 
ILE HD13 H N N 181 
ILE HXT  H N N 182 
LEU N    N N N 183 
LEU CA   C N S 184 
LEU C    C N N 185 
LEU O    O N N 186 
LEU CB   C N N 187 
LEU CG   C N N 188 
LEU CD1  C N N 189 
LEU CD2  C N N 190 
LEU OXT  O N N 191 
LEU H    H N N 192 
LEU H2   H N N 193 
LEU HA   H N N 194 
LEU HB2  H N N 195 
LEU HB3  H N N 196 
LEU HG   H N N 197 
LEU HD11 H N N 198 
LEU HD12 H N N 199 
LEU HD13 H N N 200 
LEU HD21 H N N 201 
LEU HD22 H N N 202 
LEU HD23 H N N 203 
LEU HXT  H N N 204 
LYS N    N N N 205 
LYS CA   C N S 206 
LYS C    C N N 207 
LYS O    O N N 208 
LYS CB   C N N 209 
LYS CG   C N N 210 
LYS CD   C N N 211 
LYS CE   C N N 212 
LYS NZ   N N N 213 
LYS OXT  O N N 214 
LYS H    H N N 215 
LYS H2   H N N 216 
LYS HA   H N N 217 
LYS HB2  H N N 218 
LYS HB3  H N N 219 
LYS HG2  H N N 220 
LYS HG3  H N N 221 
LYS HD2  H N N 222 
LYS HD3  H N N 223 
LYS HE2  H N N 224 
LYS HE3  H N N 225 
LYS HZ1  H N N 226 
LYS HZ2  H N N 227 
LYS HZ3  H N N 228 
LYS HXT  H N N 229 
MET N    N N N 230 
MET CA   C N S 231 
MET C    C N N 232 
MET O    O N N 233 
MET CB   C N N 234 
MET CG   C N N 235 
MET SD   S N N 236 
MET CE   C N N 237 
MET OXT  O N N 238 
MET H    H N N 239 
MET H2   H N N 240 
MET HA   H N N 241 
MET HB2  H N N 242 
MET HB3  H N N 243 
MET HG2  H N N 244 
MET HG3  H N N 245 
MET HE1  H N N 246 
MET HE2  H N N 247 
MET HE3  H N N 248 
MET HXT  H N N 249 
PHE N    N N N 250 
PHE CA   C N S 251 
PHE C    C N N 252 
PHE O    O N N 253 
PHE CB   C N N 254 
PHE CG   C Y N 255 
PHE CD1  C Y N 256 
PHE CD2  C Y N 257 
PHE CE1  C Y N 258 
PHE CE2  C Y N 259 
PHE CZ   C Y N 260 
PHE OXT  O N N 261 
PHE H    H N N 262 
PHE H2   H N N 263 
PHE HA   H N N 264 
PHE HB2  H N N 265 
PHE HB3  H N N 266 
PHE HD1  H N N 267 
PHE HD2  H N N 268 
PHE HE1  H N N 269 
PHE HE2  H N N 270 
PHE HZ   H N N 271 
PHE HXT  H N N 272 
PRO N    N N N 273 
PRO CA   C N S 274 
PRO C    C N N 275 
PRO O    O N N 276 
PRO CB   C N N 277 
PRO CG   C N N 278 
PRO CD   C N N 279 
PRO OXT  O N N 280 
PRO H    H N N 281 
PRO HA   H N N 282 
PRO HB2  H N N 283 
PRO HB3  H N N 284 
PRO HG2  H N N 285 
PRO HG3  H N N 286 
PRO HD2  H N N 287 
PRO HD3  H N N 288 
PRO HXT  H N N 289 
SER N    N N N 290 
SER CA   C N S 291 
SER C    C N N 292 
SER O    O N N 293 
SER CB   C N N 294 
SER OG   O N N 295 
SER OXT  O N N 296 
SER H    H N N 297 
SER H2   H N N 298 
SER HA   H N N 299 
SER HB2  H N N 300 
SER HB3  H N N 301 
SER HG   H N N 302 
SER HXT  H N N 303 
THR N    N N N 304 
THR CA   C N S 305 
THR C    C N N 306 
THR O    O N N 307 
THR CB   C N R 308 
THR OG1  O N N 309 
THR CG2  C N N 310 
THR OXT  O N N 311 
THR H    H N N 312 
THR H2   H N N 313 
THR HA   H N N 314 
THR HB   H N N 315 
THR HG1  H N N 316 
THR HG21 H N N 317 
THR HG22 H N N 318 
THR HG23 H N N 319 
THR HXT  H N N 320 
TRP N    N N N 321 
TRP CA   C N S 322 
TRP C    C N N 323 
TRP O    O N N 324 
TRP CB   C N N 325 
TRP CG   C Y N 326 
TRP CD1  C Y N 327 
TRP CD2  C Y N 328 
TRP NE1  N Y N 329 
TRP CE2  C Y N 330 
TRP CE3  C Y N 331 
TRP CZ2  C Y N 332 
TRP CZ3  C Y N 333 
TRP CH2  C Y N 334 
TRP OXT  O N N 335 
TRP H    H N N 336 
TRP H2   H N N 337 
TRP HA   H N N 338 
TRP HB2  H N N 339 
TRP HB3  H N N 340 
TRP HD1  H N N 341 
TRP HE1  H N N 342 
TRP HE3  H N N 343 
TRP HZ2  H N N 344 
TRP HZ3  H N N 345 
TRP HH2  H N N 346 
TRP HXT  H N N 347 
TYR N    N N N 348 
TYR CA   C N S 349 
TYR C    C N N 350 
TYR O    O N N 351 
TYR CB   C N N 352 
TYR CG   C Y N 353 
TYR CD1  C Y N 354 
TYR CD2  C Y N 355 
TYR CE1  C Y N 356 
TYR CE2  C Y N 357 
TYR CZ   C Y N 358 
TYR OH   O N N 359 
TYR OXT  O N N 360 
TYR H    H N N 361 
TYR H2   H N N 362 
TYR HA   H N N 363 
TYR HB2  H N N 364 
TYR HB3  H N N 365 
TYR HD1  H N N 366 
TYR HD2  H N N 367 
TYR HE1  H N N 368 
TYR HE2  H N N 369 
TYR HH   H N N 370 
TYR HXT  H N N 371 
VAL N    N N N 372 
VAL CA   C N S 373 
VAL C    C N N 374 
VAL O    O N N 375 
VAL CB   C N N 376 
VAL CG1  C N N 377 
VAL CG2  C N N 378 
VAL OXT  O N N 379 
VAL H    H N N 380 
VAL H2   H N N 381 
VAL HA   H N N 382 
VAL HB   H N N 383 
VAL HG11 H N N 384 
VAL HG12 H N N 385 
VAL HG13 H N N 386 
VAL HG21 H N N 387 
VAL HG22 H N N 388 
VAL HG23 H N N 389 
VAL HXT  H N N 390 
# 
loop_
_chem_comp_bond.comp_id 
_chem_comp_bond.atom_id_1 
_chem_comp_bond.atom_id_2 
_chem_comp_bond.value_order 
_chem_comp_bond.pdbx_aromatic_flag 
_chem_comp_bond.pdbx_stereo_config 
_chem_comp_bond.pdbx_ordinal 
ALA N   CA   sing N N 1   
ALA N   H    sing N N 2   
ALA N   H2   sing N N 3   
ALA CA  C    sing N N 4   
ALA CA  CB   sing N N 5   
ALA CA  HA   sing N N 6   
ALA C   O    doub N N 7   
ALA C   OXT  sing N N 8   
ALA CB  HB1  sing N N 9   
ALA CB  HB2  sing N N 10  
ALA CB  HB3  sing N N 11  
ALA OXT HXT  sing N N 12  
ARG N   CA   sing N N 13  
ARG N   H    sing N N 14  
ARG N   H2   sing N N 15  
ARG CA  C    sing N N 16  
ARG CA  CB   sing N N 17  
ARG CA  HA   sing N N 18  
ARG C   O    doub N N 19  
ARG C   OXT  sing N N 20  
ARG CB  CG   sing N N 21  
ARG CB  HB2  sing N N 22  
ARG CB  HB3  sing N N 23  
ARG CG  CD   sing N N 24  
ARG CG  HG2  sing N N 25  
ARG CG  HG3  sing N N 26  
ARG CD  NE   sing N N 27  
ARG CD  HD2  sing N N 28  
ARG CD  HD3  sing N N 29  
ARG NE  CZ   sing N N 30  
ARG NE  HE   sing N N 31  
ARG CZ  NH1  sing N N 32  
ARG CZ  NH2  doub N N 33  
ARG NH1 HH11 sing N N 34  
ARG NH1 HH12 sing N N 35  
ARG NH2 HH21 sing N N 36  
ARG NH2 HH22 sing N N 37  
ARG OXT HXT  sing N N 38  
ASN N   CA   sing N N 39  
ASN N   H    sing N N 40  
ASN N   H2   sing N N 41  
ASN CA  C    sing N N 42  
ASN CA  CB   sing N N 43  
ASN CA  HA   sing N N 44  
ASN C   O    doub N N 45  
ASN C   OXT  sing N N 46  
ASN CB  CG   sing N N 47  
ASN CB  HB2  sing N N 48  
ASN CB  HB3  sing N N 49  
ASN CG  OD1  doub N N 50  
ASN CG  ND2  sing N N 51  
ASN ND2 HD21 sing N N 52  
ASN ND2 HD22 sing N N 53  
ASN OXT HXT  sing N N 54  
ASP N   CA   sing N N 55  
ASP N   H    sing N N 56  
ASP N   H2   sing N N 57  
ASP CA  C    sing N N 58  
ASP CA  CB   sing N N 59  
ASP CA  HA   sing N N 60  
ASP C   O    doub N N 61  
ASP C   OXT  sing N N 62  
ASP CB  CG   sing N N 63  
ASP CB  HB2  sing N N 64  
ASP CB  HB3  sing N N 65  
ASP CG  OD1  doub N N 66  
ASP CG  OD2  sing N N 67  
ASP OD2 HD2  sing N N 68  
ASP OXT HXT  sing N N 69  
CYS N   CA   sing N N 70  
CYS N   H    sing N N 71  
CYS N   H2   sing N N 72  
CYS CA  C    sing N N 73  
CYS CA  CB   sing N N 74  
CYS CA  HA   sing N N 75  
CYS C   O    doub N N 76  
CYS C   OXT  sing N N 77  
CYS CB  SG   sing N N 78  
CYS CB  HB2  sing N N 79  
CYS CB  HB3  sing N N 80  
CYS SG  HG   sing N N 81  
CYS OXT HXT  sing N N 82  
GLN N   CA   sing N N 83  
GLN N   H    sing N N 84  
GLN N   H2   sing N N 85  
GLN CA  C    sing N N 86  
GLN CA  CB   sing N N 87  
GLN CA  HA   sing N N 88  
GLN C   O    doub N N 89  
GLN C   OXT  sing N N 90  
GLN CB  CG   sing N N 91  
GLN CB  HB2  sing N N 92  
GLN CB  HB3  sing N N 93  
GLN CG  CD   sing N N 94  
GLN CG  HG2  sing N N 95  
GLN CG  HG3  sing N N 96  
GLN CD  OE1  doub N N 97  
GLN CD  NE2  sing N N 98  
GLN NE2 HE21 sing N N 99  
GLN NE2 HE22 sing N N 100 
GLN OXT HXT  sing N N 101 
GLU N   CA   sing N N 102 
GLU N   H    sing N N 103 
GLU N   H2   sing N N 104 
GLU CA  C    sing N N 105 
GLU CA  CB   sing N N 106 
GLU CA  HA   sing N N 107 
GLU C   O    doub N N 108 
GLU C   OXT  sing N N 109 
GLU CB  CG   sing N N 110 
GLU CB  HB2  sing N N 111 
GLU CB  HB3  sing N N 112 
GLU CG  CD   sing N N 113 
GLU CG  HG2  sing N N 114 
GLU CG  HG3  sing N N 115 
GLU CD  OE1  doub N N 116 
GLU CD  OE2  sing N N 117 
GLU OE2 HE2  sing N N 118 
GLU OXT HXT  sing N N 119 
GLY N   CA   sing N N 120 
GLY N   H    sing N N 121 
GLY N   H2   sing N N 122 
GLY CA  C    sing N N 123 
GLY CA  HA2  sing N N 124 
GLY CA  HA3  sing N N 125 
GLY C   O    doub N N 126 
GLY C   OXT  sing N N 127 
GLY OXT HXT  sing N N 128 
HIS N   CA   sing N N 129 
HIS N   H    sing N N 130 
HIS N   H2   sing N N 131 
HIS CA  C    sing N N 132 
HIS CA  CB   sing N N 133 
HIS CA  HA   sing N N 134 
HIS C   O    doub N N 135 
HIS C   OXT  sing N N 136 
HIS CB  CG   sing N N 137 
HIS CB  HB2  sing N N 138 
HIS CB  HB3  sing N N 139 
HIS CG  ND1  sing Y N 140 
HIS CG  CD2  doub Y N 141 
HIS ND1 CE1  doub Y N 142 
HIS ND1 HD1  sing N N 143 
HIS CD2 NE2  sing Y N 144 
HIS CD2 HD2  sing N N 145 
HIS CE1 NE2  sing Y N 146 
HIS CE1 HE1  sing N N 147 
HIS NE2 HE2  sing N N 148 
HIS OXT HXT  sing N N 149 
HOH O   H1   sing N N 150 
HOH O   H2   sing N N 151 
ILE N   CA   sing N N 152 
ILE N   H    sing N N 153 
ILE N   H2   sing N N 154 
ILE CA  C    sing N N 155 
ILE CA  CB   sing N N 156 
ILE CA  HA   sing N N 157 
ILE C   O    doub N N 158 
ILE C   OXT  sing N N 159 
ILE CB  CG1  sing N N 160 
ILE CB  CG2  sing N N 161 
ILE CB  HB   sing N N 162 
ILE CG1 CD1  sing N N 163 
ILE CG1 HG12 sing N N 164 
ILE CG1 HG13 sing N N 165 
ILE CG2 HG21 sing N N 166 
ILE CG2 HG22 sing N N 167 
ILE CG2 HG23 sing N N 168 
ILE CD1 HD11 sing N N 169 
ILE CD1 HD12 sing N N 170 
ILE CD1 HD13 sing N N 171 
ILE OXT HXT  sing N N 172 
LEU N   CA   sing N N 173 
LEU N   H    sing N N 174 
LEU N   H2   sing N N 175 
LEU CA  C    sing N N 176 
LEU CA  CB   sing N N 177 
LEU CA  HA   sing N N 178 
LEU C   O    doub N N 179 
LEU C   OXT  sing N N 180 
LEU CB  CG   sing N N 181 
LEU CB  HB2  sing N N 182 
LEU CB  HB3  sing N N 183 
LEU CG  CD1  sing N N 184 
LEU CG  CD2  sing N N 185 
LEU CG  HG   sing N N 186 
LEU CD1 HD11 sing N N 187 
LEU CD1 HD12 sing N N 188 
LEU CD1 HD13 sing N N 189 
LEU CD2 HD21 sing N N 190 
LEU CD2 HD22 sing N N 191 
LEU CD2 HD23 sing N N 192 
LEU OXT HXT  sing N N 193 
LYS N   CA   sing N N 194 
LYS N   H    sing N N 195 
LYS N   H2   sing N N 196 
LYS CA  C    sing N N 197 
LYS CA  CB   sing N N 198 
LYS CA  HA   sing N N 199 
LYS C   O    doub N N 200 
LYS C   OXT  sing N N 201 
LYS CB  CG   sing N N 202 
LYS CB  HB2  sing N N 203 
LYS CB  HB3  sing N N 204 
LYS CG  CD   sing N N 205 
LYS CG  HG2  sing N N 206 
LYS CG  HG3  sing N N 207 
LYS CD  CE   sing N N 208 
LYS CD  HD2  sing N N 209 
LYS CD  HD3  sing N N 210 
LYS CE  NZ   sing N N 211 
LYS CE  HE2  sing N N 212 
LYS CE  HE3  sing N N 213 
LYS NZ  HZ1  sing N N 214 
LYS NZ  HZ2  sing N N 215 
LYS NZ  HZ3  sing N N 216 
LYS OXT HXT  sing N N 217 
MET N   CA   sing N N 218 
MET N   H    sing N N 219 
MET N   H2   sing N N 220 
MET CA  C    sing N N 221 
MET CA  CB   sing N N 222 
MET CA  HA   sing N N 223 
MET C   O    doub N N 224 
MET C   OXT  sing N N 225 
MET CB  CG   sing N N 226 
MET CB  HB2  sing N N 227 
MET CB  HB3  sing N N 228 
MET CG  SD   sing N N 229 
MET CG  HG2  sing N N 230 
MET CG  HG3  sing N N 231 
MET SD  CE   sing N N 232 
MET CE  HE1  sing N N 233 
MET CE  HE2  sing N N 234 
MET CE  HE3  sing N N 235 
MET OXT HXT  sing N N 236 
PHE N   CA   sing N N 237 
PHE N   H    sing N N 238 
PHE N   H2   sing N N 239 
PHE CA  C    sing N N 240 
PHE CA  CB   sing N N 241 
PHE CA  HA   sing N N 242 
PHE C   O    doub N N 243 
PHE C   OXT  sing N N 244 
PHE CB  CG   sing N N 245 
PHE CB  HB2  sing N N 246 
PHE CB  HB3  sing N N 247 
PHE CG  CD1  doub Y N 248 
PHE CG  CD2  sing Y N 249 
PHE CD1 CE1  sing Y N 250 
PHE CD1 HD1  sing N N 251 
PHE CD2 CE2  doub Y N 252 
PHE CD2 HD2  sing N N 253 
PHE CE1 CZ   doub Y N 254 
PHE CE1 HE1  sing N N 255 
PHE CE2 CZ   sing Y N 256 
PHE CE2 HE2  sing N N 257 
PHE CZ  HZ   sing N N 258 
PHE OXT HXT  sing N N 259 
PRO N   CA   sing N N 260 
PRO N   CD   sing N N 261 
PRO N   H    sing N N 262 
PRO CA  C    sing N N 263 
PRO CA  CB   sing N N 264 
PRO CA  HA   sing N N 265 
PRO C   O    doub N N 266 
PRO C   OXT  sing N N 267 
PRO CB  CG   sing N N 268 
PRO CB  HB2  sing N N 269 
PRO CB  HB3  sing N N 270 
PRO CG  CD   sing N N 271 
PRO CG  HG2  sing N N 272 
PRO CG  HG3  sing N N 273 
PRO CD  HD2  sing N N 274 
PRO CD  HD3  sing N N 275 
PRO OXT HXT  sing N N 276 
SER N   CA   sing N N 277 
SER N   H    sing N N 278 
SER N   H2   sing N N 279 
SER CA  C    sing N N 280 
SER CA  CB   sing N N 281 
SER CA  HA   sing N N 282 
SER C   O    doub N N 283 
SER C   OXT  sing N N 284 
SER CB  OG   sing N N 285 
SER CB  HB2  sing N N 286 
SER CB  HB3  sing N N 287 
SER OG  HG   sing N N 288 
SER OXT HXT  sing N N 289 
THR N   CA   sing N N 290 
THR N   H    sing N N 291 
THR N   H2   sing N N 292 
THR CA  C    sing N N 293 
THR CA  CB   sing N N 294 
THR CA  HA   sing N N 295 
THR C   O    doub N N 296 
THR C   OXT  sing N N 297 
THR CB  OG1  sing N N 298 
THR CB  CG2  sing N N 299 
THR CB  HB   sing N N 300 
THR OG1 HG1  sing N N 301 
THR CG2 HG21 sing N N 302 
THR CG2 HG22 sing N N 303 
THR CG2 HG23 sing N N 304 
THR OXT HXT  sing N N 305 
TRP N   CA   sing N N 306 
TRP N   H    sing N N 307 
TRP N   H2   sing N N 308 
TRP CA  C    sing N N 309 
TRP CA  CB   sing N N 310 
TRP CA  HA   sing N N 311 
TRP C   O    doub N N 312 
TRP C   OXT  sing N N 313 
TRP CB  CG   sing N N 314 
TRP CB  HB2  sing N N 315 
TRP CB  HB3  sing N N 316 
TRP CG  CD1  doub Y N 317 
TRP CG  CD2  sing Y N 318 
TRP CD1 NE1  sing Y N 319 
TRP CD1 HD1  sing N N 320 
TRP CD2 CE2  doub Y N 321 
TRP CD2 CE3  sing Y N 322 
TRP NE1 CE2  sing Y N 323 
TRP NE1 HE1  sing N N 324 
TRP CE2 CZ2  sing Y N 325 
TRP CE3 CZ3  doub Y N 326 
TRP CE3 HE3  sing N N 327 
TRP CZ2 CH2  doub Y N 328 
TRP CZ2 HZ2  sing N N 329 
TRP CZ3 CH2  sing Y N 330 
TRP CZ3 HZ3  sing N N 331 
TRP CH2 HH2  sing N N 332 
TRP OXT HXT  sing N N 333 
TYR N   CA   sing N N 334 
TYR N   H    sing N N 335 
TYR N   H2   sing N N 336 
TYR CA  C    sing N N 337 
TYR CA  CB   sing N N 338 
TYR CA  HA   sing N N 339 
TYR C   O    doub N N 340 
TYR C   OXT  sing N N 341 
TYR CB  CG   sing N N 342 
TYR CB  HB2  sing N N 343 
TYR CB  HB3  sing N N 344 
TYR CG  CD1  doub Y N 345 
TYR CG  CD2  sing Y N 346 
TYR CD1 CE1  sing Y N 347 
TYR CD1 HD1  sing N N 348 
TYR CD2 CE2  doub Y N 349 
TYR CD2 HD2  sing N N 350 
TYR CE1 CZ   doub Y N 351 
TYR CE1 HE1  sing N N 352 
TYR CE2 CZ   sing Y N 353 
TYR CE2 HE2  sing N N 354 
TYR CZ  OH   sing N N 355 
TYR OH  HH   sing N N 356 
TYR OXT HXT  sing N N 357 
VAL N   CA   sing N N 358 
VAL N   H    sing N N 359 
VAL N   H2   sing N N 360 
VAL CA  C    sing N N 361 
VAL CA  CB   sing N N 362 
VAL CA  HA   sing N N 363 
VAL C   O    doub N N 364 
VAL C   OXT  sing N N 365 
VAL CB  CG1  sing N N 366 
VAL CB  CG2  sing N N 367 
VAL CB  HB   sing N N 368 
VAL CG1 HG11 sing N N 369 
VAL CG1 HG12 sing N N 370 
VAL CG1 HG13 sing N N 371 
VAL CG2 HG21 sing N N 372 
VAL CG2 HG22 sing N N 373 
VAL CG2 HG23 sing N N 374 
VAL OXT HXT  sing N N 375 
# 
_pdbx_audit_support.funding_organization   'Academy of Finland' 
_pdbx_audit_support.country                Finland 
_pdbx_audit_support.grant_number           137988 
_pdbx_audit_support.ordinal                1 
# 
_pdbx_initial_refinement_model.id               1 
_pdbx_initial_refinement_model.entity_id_list   ? 
_pdbx_initial_refinement_model.type             'experimental model' 
_pdbx_initial_refinement_model.source_name      PDB 
_pdbx_initial_refinement_model.accession_code   1BJ7 
_pdbx_initial_refinement_model.details          ? 
# 
_atom_sites.entry_id                    4WFV 
_atom_sites.fract_transf_matrix[1][1]   -0.00793539 
_atom_sites.fract_transf_matrix[1][2]   -0.00065588 
_atom_sites.fract_transf_matrix[1][3]   0.00055422 
_atom_sites.fract_transf_matrix[2][1]   -0.00213803 
_atom_sites.fract_transf_matrix[2][2]   0.02720054 
_atom_sites.fract_transf_matrix[2][3]   0.00157753 
_atom_sites.fract_transf_matrix[3][1]   -0.00482315 
_atom_sites.fract_transf_matrix[3][2]   0.00119331 
_atom_sites.fract_transf_matrix[3][3]   -0.02711249 
_atom_sites.fract_transf_vector[1]      0.133970 
_atom_sites.fract_transf_vector[2]      0.088203 
_atom_sites.fract_transf_vector[3]      0.423934 
# 
loop_
_atom_type.symbol 
C 
N 
O 
S 
# 
loop_
_atom_site.group_PDB 
_atom_site.id 
_atom_site.type_symbol 
_atom_site.label_atom_id 
_atom_site.label_alt_id 
_atom_site.label_comp_id 
_atom_site.label_asym_id 
_atom_site.label_entity_id 
_atom_site.label_seq_id 
_atom_site.pdbx_PDB_ins_code 
_atom_site.Cartn_x 
_atom_site.Cartn_y 
_atom_site.Cartn_z 
_atom_site.occupancy 
_atom_site.B_iso_or_equiv 
_atom_site.pdbx_formal_charge 
_atom_site.auth_seq_id 
_atom_site.auth_comp_id 
_atom_site.auth_asym_id 
_atom_site.auth_atom_id 
_atom_site.pdbx_PDB_model_num 
ATOM   1    N N   . PRO A 1 4   ? 2.053   10.576  14.169  1.00 28.09 ? 4   PRO A N   1 
ATOM   2    C CA  . PRO A 1 4   ? 2.820   9.359   14.455  1.00 25.21 ? 4   PRO A CA  1 
ATOM   3    C C   . PRO A 1 4   ? 2.677   8.914   15.908  1.00 26.34 ? 4   PRO A C   1 
ATOM   4    O O   . PRO A 1 4   ? 2.582   7.715   16.169  1.00 22.59 ? 4   PRO A O   1 
ATOM   5    C CB  . PRO A 1 4   ? 4.260   9.788   14.170  1.00 33.16 ? 4   PRO A CB  1 
ATOM   6    C CG  . PRO A 1 4   ? 4.125   10.823  13.110  1.00 30.50 ? 4   PRO A CG  1 
ATOM   7    C CD  . PRO A 1 4   ? 2.853   11.570  13.430  1.00 34.47 ? 4   PRO A CD  1 
ATOM   8    N N   . ALA A 1 5   ? 2.662   9.867   16.836  1.00 26.96 ? 5   ALA A N   1 
ATOM   9    C CA  . ALA A 1 5   ? 2.521   9.551   18.255  1.00 25.79 ? 5   ALA A CA  1 
ATOM   10   C C   . ALA A 1 5   ? 1.182   8.890   18.566  1.00 24.45 ? 5   ALA A C   1 
ATOM   11   O O   . ALA A 1 5   ? 1.037   8.212   19.588  1.00 21.55 ? 5   ALA A O   1 
ATOM   12   C CB  . ALA A 1 5   ? 2.698   10.807  19.101  1.00 26.82 ? 5   ALA A CB  1 
ATOM   13   N N   . GLU A 1 6   ? 0.202   9.081   17.689  1.00 22.41 ? 6   GLU A N   1 
ATOM   14   C CA  . GLU A 1 6   ? -1.129  8.545   17.926  1.00 21.11 ? 6   GLU A CA  1 
ATOM   15   C C   . GLU A 1 6   ? -1.343  7.170   17.284  1.00 17.14 ? 6   GLU A C   1 
ATOM   16   O O   . GLU A 1 6   ? -2.328  6.492   17.577  1.00 21.07 ? 6   GLU A O   1 
ATOM   17   C CB  . GLU A 1 6   ? -2.195  9.533   17.451  1.00 30.80 ? 6   GLU A CB  1 
ATOM   18   C CG  . GLU A 1 6   ? -2.158  10.870  18.180  1.00 33.69 ? 6   GLU A CG  1 
ATOM   19   C CD  . GLU A 1 6   ? -3.198  11.847  17.666  1.00 50.63 ? 6   GLU A CD  1 
ATOM   20   O OE1 . GLU A 1 6   ? -3.696  11.648  16.537  1.00 46.24 ? 6   GLU A OE1 1 
ATOM   21   O OE2 . GLU A 1 6   ? -3.520  12.811  18.393  1.00 55.47 ? 6   GLU A OE2 1 
ATOM   22   N N   . ILE A 1 7   ? -0.418  6.760   16.424  1.00 19.58 ? 7   ILE A N   1 
ATOM   23   C CA  . ILE A 1 7   ? -0.536  5.466   15.746  1.00 20.95 ? 7   ILE A CA  1 
ATOM   24   C C   . ILE A 1 7   ? -0.411  4.300   16.723  1.00 21.16 ? 7   ILE A C   1 
ATOM   25   O O   . ILE A 1 7   ? 0.441   4.304   17.607  1.00 19.18 ? 7   ILE A O   1 
ATOM   26   C CB  . ILE A 1 7   ? 0.497   5.318   14.612  1.00 18.18 ? 7   ILE A CB  1 
ATOM   27   C CG1 . ILE A 1 7   ? 0.084   6.195   13.426  1.00 24.10 ? 7   ILE A CG1 1 
ATOM   28   C CG2 . ILE A 1 7   ? 0.647   3.851   14.194  1.00 17.82 ? 7   ILE A CG2 1 
ATOM   29   C CD1 . ILE A 1 7   ? 0.878   5.963   12.173  1.00 23.72 ? 7   ILE A CD1 1 
ATOM   30   N N   . ASP A 1 8   ? -1.293  3.317   16.580  1.00 16.51 ? 8   ASP A N   1 
ATOM   31   C CA  . ASP A 1 8   ? -1.176  2.086   17.345  1.00 15.20 ? 8   ASP A CA  1 
ATOM   32   C C   . ASP A 1 8   ? -0.597  1.037   16.411  1.00 13.71 ? 8   ASP A C   1 
ATOM   33   O O   . ASP A 1 8   ? -1.313  0.473   15.589  1.00 12.73 ? 8   ASP A O   1 
ATOM   34   C CB  . ASP A 1 8   ? -2.543  1.654   17.900  1.00 16.84 ? 8   ASP A CB  1 
ATOM   35   C CG  . ASP A 1 8   ? -2.485  0.334   18.655  1.00 14.45 ? 8   ASP A CG  1 
ATOM   36   O OD1 . ASP A 1 8   ? -1.462  -0.360  18.563  1.00 14.05 ? 8   ASP A OD1 1 
ATOM   37   O OD2 . ASP A 1 8   ? -3.478  -0.017  19.338  1.00 18.59 ? 8   ASP A OD2 1 
ATOM   38   N N   . PRO A 1 9   ? 0.718   0.791   16.508  1.00 10.98 ? 9   PRO A N   1 
ATOM   39   C CA  . PRO A 1 9   ? 1.341   -0.145  15.566  1.00 10.44 ? 9   PRO A CA  1 
ATOM   40   C C   . PRO A 1 9   ? 0.865   -1.592  15.744  1.00 10.67 ? 9   PRO A C   1 
ATOM   41   O O   . PRO A 1 9   ? 1.068   -2.404  14.845  1.00 11.72 ? 9   PRO A O   1 
ATOM   42   C CB  . PRO A 1 9   ? 2.838   0.000   15.865  1.00 13.30 ? 9   PRO A CB  1 
ATOM   43   C CG  . PRO A 1 9   ? 2.885   0.456   17.288  1.00 12.94 ? 9   PRO A CG  1 
ATOM   44   C CD  . PRO A 1 9   ? 1.695   1.355   17.458  1.00 11.53 ? 9   PRO A CD  1 
ATOM   45   N N   . SER A 1 10  ? 0.218   -1.912  16.859  1.00 11.59 ? 10  SER A N   1 
ATOM   46   C CA  . SER A 1 10  ? -0.340  -3.258  17.022  1.00 12.16 ? 10  SER A CA  1 
ATOM   47   C C   . SER A 1 10  ? -1.458  -3.537  16.020  1.00 13.23 ? 10  SER A C   1 
ATOM   48   O O   . SER A 1 10  ? -1.829  -4.691  15.797  1.00 11.82 ? 10  SER A O   1 
ATOM   49   C CB  . SER A 1 10  ? -0.847  -3.495  18.453  1.00 10.97 ? 10  SER A CB  1 
ATOM   50   O OG  . SER A 1 10  ? -2.100  -2.881  18.673  1.00 14.86 ? 10  SER A OG  1 
ATOM   51   N N   . LYS A 1 11  ? -1.975  -2.481  15.399  1.00 11.20 ? 11  LYS A N   1 
ATOM   52   C CA  . LYS A 1 11  ? -3.026  -2.640  14.394  1.00 11.85 ? 11  LYS A CA  1 
ATOM   53   C C   . LYS A 1 11  ? -2.464  -2.900  12.993  1.00 11.94 ? 11  LYS A C   1 
ATOM   54   O O   . LYS A 1 11  ? -3.224  -3.170  12.060  1.00 13.12 ? 11  LYS A O   1 
ATOM   55   C CB  . LYS A 1 11  ? -3.951  -1.421  14.382  1.00 12.05 ? 11  LYS A CB  1 
ATOM   56   C CG  . LYS A 1 11  ? -4.593  -1.156  15.745  1.00 16.89 ? 11  LYS A CG  1 
ATOM   57   C CD  . LYS A 1 11  ? -5.557  0.010   15.716  1.00 21.20 ? 11  LYS A CD  1 
ATOM   58   C CE  . LYS A 1 11  ? -6.104  0.288   17.108  1.00 26.54 ? 11  LYS A CE  1 
ATOM   59   N NZ  . LYS A 1 11  ? -6.479  -0.975  17.797  1.00 32.45 ? 11  LYS A NZ  1 
ATOM   60   N N   . ILE A 1 12  ? -1.144  -2.841  12.848  1.00 9.87  ? 12  ILE A N   1 
ATOM   61   C CA  . ILE A 1 12  ? -0.524  -3.040  11.534  1.00 9.75  ? 12  ILE A CA  1 
ATOM   62   C C   . ILE A 1 12  ? -0.526  -4.498  11.053  1.00 12.03 ? 12  ILE A C   1 
ATOM   63   O O   . ILE A 1 12  ? -0.874  -4.764  9.905   1.00 12.34 ? 12  ILE A O   1 
ATOM   64   C CB  . ILE A 1 12  ? 0.896   -2.440  11.477  1.00 11.09 ? 12  ILE A CB  1 
ATOM   65   C CG1 . ILE A 1 12  ? 0.835   -0.909  11.617  1.00 12.76 ? 12  ILE A CG1 1 
ATOM   66   C CG2 . ILE A 1 12  ? 1.612   -2.867  10.184  1.00 12.66 ? 12  ILE A CG2 1 
ATOM   67   C CD1 . ILE A 1 12  ? 2.177   -0.258  11.888  1.00 14.55 ? 12  ILE A CD1 1 
ATOM   68   N N   . PRO A 1 13  ? -0.124  -5.450  11.911  1.00 11.15 ? 13  PRO A N   1 
ATOM   69   C CA  . PRO A 1 13  ? -0.094  -6.846  11.463  1.00 13.49 ? 13  PRO A CA  1 
ATOM   70   C C   . PRO A 1 13  ? -1.489  -7.346  11.138  1.00 16.34 ? 13  PRO A C   1 
ATOM   71   O O   . PRO A 1 13  ? -2.472  -6.883  11.726  1.00 19.15 ? 13  PRO A O   1 
ATOM   72   C CB  . PRO A 1 13  ? 0.449   -7.600  12.684  1.00 16.48 ? 13  PRO A CB  1 
ATOM   73   C CG  . PRO A 1 13  ? 1.176   -6.586  13.475  1.00 16.33 ? 13  PRO A CG  1 
ATOM   74   C CD  . PRO A 1 13  ? 0.428   -5.301  13.271  1.00 11.22 ? 13  PRO A CD  1 
ATOM   75   N N   . GLY A 1 14  ? -1.575  -8.284  10.203  1.00 15.78 ? 14  GLY A N   1 
ATOM   76   C CA  . GLY A 1 14  ? -2.844  -8.919  9.908   1.00 17.08 ? 14  GLY A CA  1 
ATOM   77   C C   . GLY A 1 14  ? -3.040  -9.263  8.451   1.00 12.71 ? 14  GLY A C   1 
ATOM   78   O O   . GLY A 1 14  ? -2.155  -9.010  7.619   1.00 13.18 ? 14  GLY A O   1 
ATOM   79   N N   . GLU A 1 15  ? -4.214  -9.818  8.151   1.00 13.55 ? 15  GLU A N   1 
ATOM   80   C CA  . GLU A 1 15  ? -4.592  -10.249 6.800   1.00 13.82 ? 15  GLU A CA  1 
ATOM   81   C C   . GLU A 1 15  ? -5.345  -9.180  6.003   1.00 18.55 ? 15  GLU A C   1 
ATOM   82   O O   . GLU A 1 15  ? -6.575  -9.202  5.904   1.00 24.95 ? 15  GLU A O   1 
ATOM   83   C CB  . GLU A 1 15  ? -5.478  -11.492 6.880   1.00 18.35 ? 15  GLU A CB  1 
ATOM   84   C CG  . GLU A 1 15  ? -4.908  -12.607 7.726   1.00 26.15 ? 15  GLU A CG  1 
ATOM   85   C CD  . GLU A 1 15  ? -3.797  -13.348 7.027   1.00 31.11 ? 15  GLU A CD  1 
ATOM   86   O OE1 . GLU A 1 15  ? -3.827  -13.419 5.779   1.00 37.71 ? 15  GLU A OE1 1 
ATOM   87   O OE2 . GLU A 1 15  ? -2.896  -13.861 7.723   1.00 42.67 ? 15  GLU A OE2 1 
ATOM   88   N N   . TRP A 1 16  ? -4.608  -8.280  5.382   1.00 12.55 ? 16  TRP A N   1 
ATOM   89   C CA  . TRP A 1 16  ? -5.216  -7.136  4.718   1.00 9.73  ? 16  TRP A CA  1 
ATOM   90   C C   . TRP A 1 16  ? -5.524  -7.419  3.256   1.00 11.32 ? 16  TRP A C   1 
ATOM   91   O O   . TRP A 1 16  ? -4.857  -8.230  2.616   1.00 12.92 ? 16  TRP A O   1 
ATOM   92   C CB  . TRP A 1 16  ? -4.250  -5.965  4.760   1.00 11.15 ? 16  TRP A CB  1 
ATOM   93   C CG  . TRP A 1 16  ? -3.965  -5.443  6.134   1.00 9.96  ? 16  TRP A CG  1 
ATOM   94   C CD1 . TRP A 1 16  ? -2.878  -5.723  6.909   1.00 10.58 ? 16  TRP A CD1 1 
ATOM   95   C CD2 . TRP A 1 16  ? -4.767  -4.524  6.877   1.00 9.39  ? 16  TRP A CD2 1 
ATOM   96   N NE1 . TRP A 1 16  ? -2.966  -5.049  8.106   1.00 10.93 ? 16  TRP A NE1 1 
ATOM   97   C CE2 . TRP A 1 16  ? -4.114  -4.299  8.108   1.00 9.64  ? 16  TRP A CE2 1 
ATOM   98   C CE3 . TRP A 1 16  ? -5.984  -3.878  6.629   1.00 9.38  ? 16  TRP A CE3 1 
ATOM   99   C CZ2 . TRP A 1 16  ? -4.637  -3.450  9.083   1.00 11.33 ? 16  TRP A CZ2 1 
ATOM   100  C CZ3 . TRP A 1 16  ? -6.499  -3.032  7.598   1.00 8.76  ? 16  TRP A CZ3 1 
ATOM   101  C CH2 . TRP A 1 16  ? -5.827  -2.829  8.815   1.00 10.93 ? 16  TRP A CH2 1 
ATOM   102  N N   . ARG A 1 17  ? -6.560  -6.767  2.744   1.00 9.55  ? 17  ARG A N   1 
ATOM   103  C CA  A ARG A 1 17  ? -6.750  -6.716  1.305   0.49 9.41  ? 17  ARG A CA  1 
ATOM   104  C CA  B ARG A 1 17  ? -6.819  -6.707  1.305   0.51 9.42  ? 17  ARG A CA  1 
ATOM   105  C C   . ARG A 1 17  ? -6.575  -5.276  0.860   1.00 8.86  ? 17  ARG A C   1 
ATOM   106  O O   . ARG A 1 17  ? -6.862  -4.341  1.601   1.00 11.10 ? 17  ARG A O   1 
ATOM   107  C CB  A ARG A 1 17  ? -8.122  -7.254  0.902   0.49 9.70  ? 17  ARG A CB  1 
ATOM   108  C CB  B ARG A 1 17  ? -8.272  -7.070  0.985   0.51 9.48  ? 17  ARG A CB  1 
ATOM   109  C CG  A ARG A 1 17  ? -8.320  -8.736  1.230   0.49 12.98 ? 17  ARG A CG  1 
ATOM   110  C CG  B ARG A 1 17  ? -8.664  -8.495  1.331   0.51 12.57 ? 17  ARG A CG  1 
ATOM   111  C CD  A ARG A 1 17  ? -7.244  -9.611  0.589   0.49 11.56 ? 17  ARG A CD  1 
ATOM   112  C CD  B ARG A 1 17  ? -10.095 -8.816  0.908   0.51 13.31 ? 17  ARG A CD  1 
ATOM   113  N NE  A ARG A 1 17  ? -7.340  -11.016 0.998   0.49 12.73 ? 17  ARG A NE  1 
ATOM   114  N NE  B ARG A 1 17  ? -10.518 -10.105 1.445   0.51 16.08 ? 17  ARG A NE  1 
ATOM   115  C CZ  A ARG A 1 17  ? -6.609  -11.573 1.958   0.49 12.07 ? 17  ARG A CZ  1 
ATOM   116  C CZ  B ARG A 1 17  ? -11.125 -10.263 2.614   0.51 10.44 ? 17  ARG A CZ  1 
ATOM   117  N NH1 A ARG A 1 17  ? -5.718  -10.854 2.622   0.49 11.52 ? 17  ARG A NH1 1 
ATOM   118  N NH1 B ARG A 1 17  ? -11.399 -9.209  3.365   0.51 15.05 ? 17  ARG A NH1 1 
ATOM   119  N NH2 A ARG A 1 17  ? -6.768  -12.855 2.262   0.49 16.81 ? 17  ARG A NH2 1 
ATOM   120  N NH2 B ARG A 1 17  ? -11.465 -11.477 3.032   0.51 14.36 ? 17  ARG A NH2 1 
ATOM   121  N N   . ILE A 1 18  ? -6.072  -5.093  -0.349  1.00 8.08  ? 18  ILE A N   1 
ATOM   122  C CA  . ILE A 1 18  ? -5.967  -3.739  -0.876  1.00 8.20  ? 18  ILE A CA  1 
ATOM   123  C C   . ILE A 1 18  ? -7.241  -3.386  -1.605  1.00 8.06  ? 18  ILE A C   1 
ATOM   124  O O   . ILE A 1 18  ? -7.719  -4.142  -2.452  1.00 9.37  ? 18  ILE A O   1 
ATOM   125  C CB  . ILE A 1 18  ? -4.726  -3.547  -1.773  1.00 6.02  ? 18  ILE A CB  1 
ATOM   126  C CG1 . ILE A 1 18  ? -4.571  -2.075  -2.172  1.00 6.42  ? 18  ILE A CG1 1 
ATOM   127  C CG2 . ILE A 1 18  ? -4.764  -4.456  -2.993  1.00 8.48  ? 18  ILE A CG2 1 
ATOM   128  C CD1 . ILE A 1 18  ? -3.144  -1.737  -2.587  1.00 8.75  ? 18  ILE A CD1 1 
ATOM   129  N N   . ILE A 1 19  ? -7.818  -2.245  -1.241  1.00 6.18  ? 19  ILE A N   1 
ATOM   130  C CA  . ILE A 1 19  ? -9.033  -1.776  -1.896  1.00 7.22  ? 19  ILE A CA  1 
ATOM   131  C C   . ILE A 1 19  ? -8.697  -0.744  -2.968  1.00 6.54  ? 19  ILE A C   1 
ATOM   132  O O   . ILE A 1 19  ? -9.164  -0.863  -4.116  1.00 7.75  ? 19  ILE A O   1 
ATOM   133  C CB  . ILE A 1 19  ? -10.027 -1.170  -0.888  1.00 6.50  ? 19  ILE A CB  1 
ATOM   134  C CG1 . ILE A 1 19  ? -10.197 -2.092  0.326   1.00 7.14  ? 19  ILE A CG1 1 
ATOM   135  C CG2 . ILE A 1 19  ? -11.358 -0.869  -1.566  1.00 7.30  ? 19  ILE A CG2 1 
ATOM   136  C CD1 . ILE A 1 19  ? -10.647 -3.515  -0.024  1.00 8.19  ? 19  ILE A CD1 1 
ATOM   137  N N   . TYR A 1 20  ? -7.866  0.236   -2.609  1.00 6.56  ? 20  TYR A N   1 
ATOM   138  C CA  . TYR A 1 20  ? -7.528  1.316   -3.528  1.00 6.67  ? 20  TYR A CA  1 
ATOM   139  C C   . TYR A 1 20  ? -6.034  1.568   -3.570  1.00 7.02  ? 20  TYR A C   1 
ATOM   140  O O   . TYR A 1 20  ? -5.295  1.294   -2.621  1.00 7.16  ? 20  TYR A O   1 
ATOM   141  C CB  . TYR A 1 20  ? -8.180  2.633   -3.084  1.00 7.60  ? 20  TYR A CB  1 
ATOM   142  C CG  . TYR A 1 20  ? -9.688  2.631   -3.101  1.00 8.25  ? 20  TYR A CG  1 
ATOM   143  C CD1 . TYR A 1 20  ? -10.388 2.672   -4.291  1.00 8.29  ? 20  TYR A CD1 1 
ATOM   144  C CD2 . TYR A 1 20  ? -10.413 2.626   -1.910  1.00 8.63  ? 20  TYR A CD2 1 
ATOM   145  C CE1 . TYR A 1 20  ? -11.786 2.674   -4.308  1.00 9.29  ? 20  TYR A CE1 1 
ATOM   146  C CE2 . TYR A 1 20  ? -11.799 2.611   -1.911  1.00 9.52  ? 20  TYR A CE2 1 
ATOM   147  C CZ  . TYR A 1 20  ? -12.477 2.654   -3.107  1.00 11.01 ? 20  TYR A CZ  1 
ATOM   148  O OH  . TYR A 1 20  ? -13.851 2.646   -3.119  1.00 13.02 ? 20  TYR A OH  1 
ATOM   149  N N   . ALA A 1 21  ? -5.606  2.152   -4.683  1.00 6.49  ? 21  ALA A N   1 
ATOM   150  C CA  . ALA A 1 21  ? -4.288  2.773   -4.758  1.00 6.21  ? 21  ALA A CA  1 
ATOM   151  C C   . ALA A 1 21  ? -4.455  4.076   -5.509  1.00 7.19  ? 21  ALA A C   1 
ATOM   152  O O   . ALA A 1 21  ? -5.406  4.239   -6.272  1.00 8.85  ? 21  ALA A O   1 
ATOM   153  C CB  . ALA A 1 21  ? -3.280  1.875   -5.462  1.00 7.46  ? 21  ALA A CB  1 
ATOM   154  N N   . ALA A 1 22  ? -3.531  5.005   -5.293  1.00 6.30  ? 22  ALA A N   1 
ATOM   155  C CA  . ALA A 1 22  ? -3.560  6.283   -6.000  1.00 5.32  ? 22  ALA A CA  1 
ATOM   156  C C   . ALA A 1 22  ? -2.132  6.737   -6.160  1.00 6.33  ? 22  ALA A C   1 
ATOM   157  O O   . ALA A 1 22  ? -1.306  6.486   -5.293  1.00 7.77  ? 22  ALA A O   1 
ATOM   158  C CB  . ALA A 1 22  ? -4.376  7.331   -5.207  1.00 7.17  ? 22  ALA A CB  1 
ATOM   159  N N   . ALA A 1 23  ? -1.827  7.403   -7.274  1.00 6.90  ? 23  ALA A N   1 
ATOM   160  C CA  . ALA A 1 23  ? -0.453  7.832   -7.528  1.00 6.48  ? 23  ALA A CA  1 
ATOM   161  C C   . ALA A 1 23  ? -0.442  9.042   -8.424  1.00 7.73  ? 23  ALA A C   1 
ATOM   162  O O   . ALA A 1 23  ? -1.366  9.240   -9.205  1.00 9.57  ? 23  ALA A O   1 
ATOM   163  C CB  . ALA A 1 23  ? 0.354   6.692   -8.191  1.00 8.28  ? 23  ALA A CB  1 
ATOM   164  N N   . ASP A 1 24  ? 0.619   9.842   -8.329  1.00 8.40  ? 24  ASP A N   1 
ATOM   165  C CA  . ASP A 1 24  ? 0.734   10.965  -9.247  1.00 9.66  ? 24  ASP A CA  1 
ATOM   166  C C   . ASP A 1 24  ? 1.128   10.479  -10.639 1.00 11.62 ? 24  ASP A C   1 
ATOM   167  O O   . ASP A 1 24  ? 0.687   11.046  -11.637 1.00 15.33 ? 24  ASP A O   1 
ATOM   168  C CB  . ASP A 1 24  ? 1.625   12.098  -8.698  1.00 8.50  ? 24  ASP A CB  1 
ATOM   169  C CG  . ASP A 1 24  ? 3.026   11.648  -8.291  1.00 10.20 ? 24  ASP A CG  1 
ATOM   170  O OD1 . ASP A 1 24  ? 3.399   10.470  -8.453  1.00 9.69  ? 24  ASP A OD1 1 
ATOM   171  O OD2 . ASP A 1 24  ? 3.785   12.529  -7.834  1.00 15.22 ? 24  ASP A OD2 1 
ATOM   172  N N   . ASN A 1 25  ? 1.924   9.414   -10.708 1.00 9.26  ? 25  ASN A N   1 
ATOM   173  C CA  . ASN A 1 25  ? 2.222   8.753   -11.977 1.00 10.15 ? 25  ASN A CA  1 
ATOM   174  C C   . ASN A 1 25  ? 1.338   7.528   -12.135 1.00 9.46  ? 25  ASN A C   1 
ATOM   175  O O   . ASN A 1 25  ? 1.667   6.448   -11.643 1.00 9.34  ? 25  ASN A O   1 
ATOM   176  C CB  . ASN A 1 25  ? 3.697   8.346   -12.031 1.00 9.33  ? 25  ASN A CB  1 
ATOM   177  C CG  . ASN A 1 25  ? 4.622   9.539   -12.053 1.00 11.26 ? 25  ASN A CG  1 
ATOM   178  O OD1 . ASN A 1 25  ? 4.327   10.549  -12.691 1.00 14.38 ? 25  ASN A OD1 1 
ATOM   179  N ND2 . ASN A 1 25  ? 5.739   9.436   -11.357 1.00 10.50 ? 25  ASN A ND2 1 
ATOM   180  N N   . LYS A 1 26  ? 0.198   7.706   -12.794 1.00 10.48 ? 26  LYS A N   1 
ATOM   181  C CA  . LYS A 1 26  ? -0.814  6.654   -12.835 1.00 13.14 ? 26  LYS A CA  1 
ATOM   182  C C   . LYS A 1 26  ? -0.303  5.352   -13.430 1.00 9.31  ? 26  LYS A C   1 
ATOM   183  O O   . LYS A 1 26  ? -0.742  4.277   -13.029 1.00 9.09  ? 26  LYS A O   1 
ATOM   184  C CB  . LYS A 1 26  ? -2.073  7.125   -13.569 1.00 18.23 ? 26  LYS A CB  1 
ATOM   185  C CG  . LYS A 1 26  ? -3.190  6.092   -13.587 1.00 25.13 ? 26  LYS A CG  1 
ATOM   186  C CD  . LYS A 1 26  ? -4.495  6.654   -14.142 1.00 30.55 ? 26  LYS A CD  1 
ATOM   187  C CE  . LYS A 1 26  ? -4.405  6.916   -15.635 1.00 25.03 ? 26  LYS A CE  1 
ATOM   188  N NZ  . LYS A 1 26  ? -5.729  7.352   -16.177 1.00 27.34 ? 26  LYS A NZ  1 
ATOM   189  N N   . ASP A 1 27  ? 0.621   5.439   -14.384 1.00 9.04  ? 27  ASP A N   1 
ATOM   190  C CA  . ASP A 1 27  ? 1.100   4.245   -15.076 1.00 9.89  ? 27  ASP A CA  1 
ATOM   191  C C   . ASP A 1 27  ? 1.709   3.227   -14.122 1.00 9.58  ? 27  ASP A C   1 
ATOM   192  O O   . ASP A 1 27  ? 1.716   2.042   -14.418 1.00 10.48 ? 27  ASP A O   1 
ATOM   193  C CB  . ASP A 1 27  ? 2.094   4.603   -16.187 1.00 11.20 ? 27  ASP A CB  1 
ATOM   194  C CG  . ASP A 1 27  ? 3.318   5.300   -15.661 1.00 9.91  ? 27  ASP A CG  1 
ATOM   195  O OD1 . ASP A 1 27  ? 3.212   6.486   -15.298 1.00 12.95 ? 27  ASP A OD1 1 
ATOM   196  O OD2 . ASP A 1 27  ? 4.388   4.666   -15.598 1.00 12.16 ? 27  ASP A OD2 1 
ATOM   197  N N   . LYS A 1 28  ? 2.211   3.686   -12.974 1.00 8.71  ? 28  LYS A N   1 
ATOM   198  C CA  . LYS A 1 28  ? 2.806   2.773   -11.998 1.00 9.01  ? 28  LYS A CA  1 
ATOM   199  C C   . LYS A 1 28  ? 1.790   1.848   -11.330 1.00 7.94  ? 28  LYS A C   1 
ATOM   200  O O   . LYS A 1 28  ? 2.169   0.778   -10.851 1.00 8.51  ? 28  LYS A O   1 
ATOM   201  C CB  . LYS A 1 28  ? 3.544   3.544   -10.907 1.00 8.42  ? 28  LYS A CB  1 
ATOM   202  C CG  . LYS A 1 28  ? 4.769   4.304   -11.391 1.00 9.54  ? 28  LYS A CG  1 
ATOM   203  C CD  . LYS A 1 28  ? 5.883   3.343   -11.777 1.00 9.20  ? 28  LYS A CD  1 
ATOM   204  C CE  . LYS A 1 28  ? 7.169   4.087   -12.164 1.00 9.82  ? 28  LYS A CE  1 
ATOM   205  N NZ  . LYS A 1 28  ? 8.294   3.142   -12.444 1.00 10.72 ? 28  LYS A NZ  1 
ATOM   206  N N   . ILE A 1 29  ? 0.523   2.267   -11.274 1.00 7.03  ? 29  ILE A N   1 
ATOM   207  C CA  . ILE A 1 29  ? -0.485  1.532   -10.506 1.00 7.24  ? 29  ILE A CA  1 
ATOM   208  C C   . ILE A 1 29  ? -1.669  0.988   -11.305 1.00 8.23  ? 29  ILE A C   1 
ATOM   209  O O   . ILE A 1 29  ? -2.561  0.385   -10.735 1.00 8.02  ? 29  ILE A O   1 
ATOM   210  C CB  . ILE A 1 29  ? -1.037  2.375   -9.330  1.00 7.03  ? 29  ILE A CB  1 
ATOM   211  C CG1 . ILE A 1 29  ? -1.744  3.647   -9.843  1.00 8.07  ? 29  ILE A CG1 1 
ATOM   212  C CG2 . ILE A 1 29  ? 0.075   2.701   -8.346  1.00 7.29  ? 29  ILE A CG2 1 
ATOM   213  C CD1 . ILE A 1 29  ? -2.668  4.279   -8.785  1.00 9.43  ? 29  ILE A CD1 1 
ATOM   214  N N   . VAL A 1 30  ? -1.673  1.181   -12.624 1.00 7.52  ? 30  VAL A N   1 
ATOM   215  C CA  . VAL A 1 30  ? -2.699  0.560   -13.454 1.00 9.37  ? 30  VAL A CA  1 
ATOM   216  C C   . VAL A 1 30  ? -2.459  -0.944  -13.536 1.00 8.64  ? 30  VAL A C   1 
ATOM   217  O O   . VAL A 1 30  ? -1.418  -1.433  -13.106 1.00 7.87  ? 30  VAL A O   1 
ATOM   218  C CB  . VAL A 1 30  ? -2.744  1.174   -14.873 1.00 9.47  ? 30  VAL A CB  1 
ATOM   219  C CG1 . VAL A 1 30  ? -3.096  2.660   -14.791 1.00 12.15 ? 30  VAL A CG1 1 
ATOM   220  C CG2 . VAL A 1 30  ? -1.418  0.943   -15.613 1.00 14.32 ? 30  VAL A CG2 1 
ATOM   221  N N   . GLU A 1 31  ? -3.429  -1.671  -14.079 1.00 7.99  ? 31  GLU A N   1 
ATOM   222  C CA  . GLU A 1 31  ? -3.267  -3.115  -14.200 1.00 9.77  ? 31  GLU A CA  1 
ATOM   223  C C   . GLU A 1 31  ? -1.958  -3.477  -14.895 1.00 9.75  ? 31  GLU A C   1 
ATOM   224  O O   . GLU A 1 31  ? -1.595  -2.885  -15.913 1.00 11.32 ? 31  GLU A O   1 
ATOM   225  C CB  . GLU A 1 31  ? -4.455  -3.722  -14.937 1.00 10.87 ? 31  GLU A CB  1 
ATOM   226  C CG  . GLU A 1 31  ? -5.710  -3.755  -14.101 1.00 13.28 ? 31  GLU A CG  1 
ATOM   227  C CD  . GLU A 1 31  ? -6.860  -4.418  -14.822 1.00 17.31 ? 31  GLU A CD  1 
ATOM   228  O OE1 . GLU A 1 31  ? -7.748  -3.693  -15.317 1.00 19.60 ? 31  GLU A OE1 1 
ATOM   229  O OE2 . GLU A 1 31  ? -6.868  -5.664  -14.889 1.00 20.40 ? 31  GLU A OE2 1 
ATOM   230  N N   . GLY A 1 32  ? -1.229  -4.434  -14.331 1.00 11.34 ? 32  GLY A N   1 
ATOM   231  C CA  . GLY A 1 32  ? 0.058   -4.817  -14.870 1.00 13.54 ? 32  GLY A CA  1 
ATOM   232  C C   . GLY A 1 32  ? 1.199   -3.883  -14.496 1.00 14.32 ? 32  GLY A C   1 
ATOM   233  O O   . GLY A 1 32  ? 2.344   -4.132  -14.864 1.00 16.43 ? 32  GLY A O   1 
ATOM   234  N N   . GLY A 1 33  ? 0.900   -2.814  -13.763 1.00 12.17 ? 33  GLY A N   1 
ATOM   235  C CA  . GLY A 1 33  ? 1.929   -1.878  -13.340 1.00 13.33 ? 33  GLY A CA  1 
ATOM   236  C C   . GLY A 1 33  ? 2.761   -2.410  -12.186 1.00 10.23 ? 33  GLY A C   1 
ATOM   237  O O   . GLY A 1 33  ? 2.293   -3.215  -11.386 1.00 11.27 ? 33  GLY A O   1 
ATOM   238  N N   . PRO A 1 34  ? 4.010   -1.950  -12.078 1.00 9.10  ? 34  PRO A N   1 
ATOM   239  C CA  . PRO A 1 34  ? 4.926   -2.494  -11.071 1.00 11.57 ? 34  PRO A CA  1 
ATOM   240  C C   . PRO A 1 34  ? 4.467   -2.272  -9.628  1.00 9.36  ? 34  PRO A C   1 
ATOM   241  O O   . PRO A 1 34  ? 4.741   -3.109  -8.763  1.00 10.23 ? 34  PRO A O   1 
ATOM   242  C CB  . PRO A 1 34  ? 6.235   -1.742  -11.346 1.00 10.16 ? 34  PRO A CB  1 
ATOM   243  C CG  . PRO A 1 34  ? 5.812   -0.490  -12.092 1.00 11.69 ? 34  PRO A CG  1 
ATOM   244  C CD  . PRO A 1 34  ? 4.636   -0.913  -12.914 1.00 11.24 ? 34  PRO A CD  1 
ATOM   245  N N   . LEU A 1 35  ? 3.771   -1.168  -9.370  1.00 7.72  ? 35  LEU A N   1 
ATOM   246  C CA  . LEU A 1 35  ? 3.365   -0.833  -8.003  1.00 7.98  ? 35  LEU A CA  1 
ATOM   247  C C   . LEU A 1 35  ? 1.896   -1.089  -7.758  1.00 8.73  ? 35  LEU A C   1 
ATOM   248  O O   . LEU A 1 35  ? 1.328   -0.550  -6.818  1.00 10.30 ? 35  LEU A O   1 
ATOM   249  C CB  . LEU A 1 35  ? 3.693   0.633   -7.674  1.00 8.55  ? 35  LEU A CB  1 
ATOM   250  C CG  . LEU A 1 35  ? 5.141   1.012   -8.008  1.00 9.26  ? 35  LEU A CG  1 
ATOM   251  C CD1 . LEU A 1 35  ? 5.434   2.471   -7.619  1.00 9.70  ? 35  LEU A CD1 1 
ATOM   252  C CD2 . LEU A 1 35  ? 6.115   0.047   -7.338  1.00 13.06 ? 35  LEU A CD2 1 
ATOM   253  N N   . ARG A 1 36  ? 1.279   -1.905  -8.604  1.00 7.89  ? 36  ARG A N   1 
ATOM   254  C CA  . ARG A 1 36  ? -0.053  -2.428  -8.315  1.00 8.13  ? 36  ARG A CA  1 
ATOM   255  C C   . ARG A 1 36  ? 0.113   -3.794  -7.668  1.00 7.78  ? 36  ARG A C   1 
ATOM   256  O O   . ARG A 1 36  ? 0.415   -4.782  -8.334  1.00 10.15 ? 36  ARG A O   1 
ATOM   257  C CB  . ARG A 1 36  ? -0.878  -2.539  -9.586  1.00 11.00 ? 36  ARG A CB  1 
ATOM   258  C CG  . ARG A 1 36  ? -2.374  -2.718  -9.334  1.00 7.78  ? 36  ARG A CG  1 
ATOM   259  C CD  . ARG A 1 36  ? -3.088  -2.932  -10.644 1.00 8.65  ? 36  ARG A CD  1 
ATOM   260  N NE  . ARG A 1 36  ? -4.530  -3.110  -10.537 1.00 7.48  ? 36  ARG A NE  1 
ATOM   261  C CZ  . ARG A 1 36  ? -5.435  -2.154  -10.743 1.00 7.01  ? 36  ARG A CZ  1 
ATOM   262  N NH1 . ARG A 1 36  ? -5.053  -0.914  -11.013 1.00 8.19  ? 36  ARG A NH1 1 
ATOM   263  N NH2 . ARG A 1 36  ? -6.724  -2.428  -10.671 1.00 10.64 ? 36  ARG A NH2 1 
ATOM   264  N N   . ASN A 1 37  ? -0.029  -3.825  -6.352  1.00 7.91  ? 37  ASN A N   1 
ATOM   265  C CA  . ASN A 1 37  ? 0.348   -4.994  -5.572  1.00 8.29  ? 37  ASN A CA  1 
ATOM   266  C C   . ASN A 1 37  ? -0.823  -5.426  -4.708  1.00 7.04  ? 37  ASN A C   1 
ATOM   267  O O   . ASN A 1 37  ? -1.377  -4.629  -3.944  1.00 9.25  ? 37  ASN A O   1 
ATOM   268  C CB  . ASN A 1 37  ? 1.571   -4.667  -4.711  1.00 10.44 ? 37  ASN A CB  1 
ATOM   269  C CG  . ASN A 1 37  ? 2.694   -4.026  -5.516  1.00 11.28 ? 37  ASN A CG  1 
ATOM   270  O OD1 . ASN A 1 37  ? 3.278   -3.022  -5.101  1.00 13.46 ? 37  ASN A OD1 1 
ATOM   271  N ND2 . ASN A 1 37  ? 2.982   -4.594  -6.683  1.00 11.77 ? 37  ASN A ND2 1 
ATOM   272  N N   . TYR A 1 38  ? -1.208  -6.692  -4.845  1.00 7.67  ? 38  TYR A N   1 
ATOM   273  C CA  . TYR A 1 38  ? -2.393  -7.200  -4.168  1.00 6.94  ? 38  TYR A CA  1 
ATOM   274  C C   . TYR A 1 38  ? -2.025  -7.807  -2.820  1.00 6.84  ? 38  TYR A C   1 
ATOM   275  O O   . TYR A 1 38  ? -1.668  -8.989  -2.719  1.00 8.14  ? 38  TYR A O   1 
ATOM   276  C CB  . TYR A 1 38  ? -3.135  -8.198  -5.068  1.00 8.41  ? 38  TYR A CB  1 
ATOM   277  C CG  . TYR A 1 38  ? -3.579  -7.601  -6.389  1.00 7.03  ? 38  TYR A CG  1 
ATOM   278  C CD1 . TYR A 1 38  ? -4.707  -6.791  -6.468  1.00 7.91  ? 38  TYR A CD1 1 
ATOM   279  C CD2 . TYR A 1 38  ? -2.866  -7.845  -7.558  1.00 8.26  ? 38  TYR A CD2 1 
ATOM   280  C CE1 . TYR A 1 38  ? -5.122  -6.243  -7.689  1.00 7.50  ? 38  TYR A CE1 1 
ATOM   281  C CE2 . TYR A 1 38  ? -3.271  -7.302  -8.783  1.00 8.68  ? 38  TYR A CE2 1 
ATOM   282  C CZ  . TYR A 1 38  ? -4.398  -6.503  -8.830  1.00 7.96  ? 38  TYR A CZ  1 
ATOM   283  O OH  . TYR A 1 38  ? -4.810  -5.964  -10.029 1.00 9.52  ? 38  TYR A OH  1 
ATOM   284  N N   . TYR A 1 39  ? -2.140  -6.980  -1.783  1.00 7.17  ? 39  TYR A N   1 
ATOM   285  C CA  . TYR A 1 39  ? -1.776  -7.361  -0.421  1.00 7.14  ? 39  TYR A CA  1 
ATOM   286  C C   . TYR A 1 39  ? -2.507  -8.596  0.045   1.00 6.94  ? 39  TYR A C   1 
ATOM   287  O O   . TYR A 1 39  ? -3.672  -8.805  -0.289  1.00 8.17  ? 39  TYR A O   1 
ATOM   288  C CB  . TYR A 1 39  ? -2.123  -6.226  0.547   1.00 7.45  ? 39  TYR A CB  1 
ATOM   289  C CG  . TYR A 1 39  ? -1.075  -5.140  0.638   1.00 8.97  ? 39  TYR A CG  1 
ATOM   290  C CD1 . TYR A 1 39  ? -0.903  -4.218  -0.393  1.00 7.66  ? 39  TYR A CD1 1 
ATOM   291  C CD2 . TYR A 1 39  ? -0.267  -5.025  1.762   1.00 11.30 ? 39  TYR A CD2 1 
ATOM   292  C CE1 . TYR A 1 39  ? 0.051   -3.215  -0.311  1.00 10.47 ? 39  TYR A CE1 1 
ATOM   293  C CE2 . TYR A 1 39  ? 0.689   -4.019  1.858   1.00 12.19 ? 39  TYR A CE2 1 
ATOM   294  C CZ  . TYR A 1 39  ? 0.844   -3.120  0.824   1.00 10.09 ? 39  TYR A CZ  1 
ATOM   295  O OH  . TYR A 1 39  ? 1.811   -2.134  0.940   1.00 12.77 ? 39  TYR A OH  1 
ATOM   296  N N   . ARG A 1 40  ? -1.809  -9.407  0.835   1.00 8.56  ? 40  ARG A N   1 
ATOM   297  C CA  . ARG A 1 40  ? -2.439  -10.528 1.533   1.00 8.27  ? 40  ARG A CA  1 
ATOM   298  C C   . ARG A 1 40  ? -2.149  -10.500 3.026   1.00 9.63  ? 40  ARG A C   1 
ATOM   299  O O   . ARG A 1 40  ? -3.022  -10.816 3.834   1.00 10.55 ? 40  ARG A O   1 
ATOM   300  C CB  . ARG A 1 40  ? -2.015  -11.870 0.915   1.00 8.42  ? 40  ARG A CB  1 
ATOM   301  C CG  . ARG A 1 40  ? -2.535  -12.089 -0.509  1.00 7.56  ? 40  ARG A CG  1 
ATOM   302  C CD  . ARG A 1 40  ? -4.040  -12.309 -0.512  1.00 7.08  ? 40  ARG A CD  1 
ATOM   303  N NE  . ARG A 1 40  ? -4.576  -12.622 -1.830  1.00 7.95  ? 40  ARG A NE  1 
ATOM   304  C CZ  . ARG A 1 40  ? -5.004  -11.721 -2.712  1.00 6.63  ? 40  ARG A CZ  1 
ATOM   305  N NH1 . ARG A 1 40  ? -4.960  -10.418 -2.437  1.00 7.56  ? 40  ARG A NH1 1 
ATOM   306  N NH2 . ARG A 1 40  ? -5.513  -12.138 -3.865  1.00 7.17  ? 40  ARG A NH2 1 
ATOM   307  N N   . ARG A 1 41  ? -0.936  -10.115 3.411   1.00 9.33  ? 41  ARG A N   1 
ATOM   308  C CA  . ARG A 1 41  ? -0.580  -10.194 4.823   1.00 12.01 ? 41  ARG A CA  1 
ATOM   309  C C   . ARG A 1 41  ? 0.580   -9.283  5.163   1.00 10.16 ? 41  ARG A C   1 
ATOM   310  O O   . ARG A 1 41  ? 1.510   -9.130  4.367   1.00 12.34 ? 41  ARG A O   1 
ATOM   311  C CB  . ARG A 1 41  ? -0.218  -11.635 5.190   1.00 12.93 ? 41  ARG A CB  1 
ATOM   312  C CG  . ARG A 1 41  ? -0.005  -11.862 6.679   1.00 14.44 ? 41  ARG A CG  1 
ATOM   313  C CD  . ARG A 1 41  ? 0.246   -13.342 6.956   1.00 22.33 ? 41  ARG A CD  1 
ATOM   314  N NE  . ARG A 1 41  ? 0.421   -13.616 8.380   1.00 27.94 ? 41  ARG A NE  1 
ATOM   315  C CZ  . ARG A 1 41  ? 0.740   -14.808 8.876   1.00 39.41 ? 41  ARG A CZ  1 
ATOM   316  N NH1 . ARG A 1 41  ? 0.916   -15.839 8.061   1.00 37.17 ? 41  ARG A NH1 1 
ATOM   317  N NH2 . ARG A 1 41  ? 0.883   -14.969 10.185  1.00 35.03 ? 41  ARG A NH2 1 
ATOM   318  N N   . ILE A 1 42  ? 0.514   -8.680  6.347   1.00 10.94 ? 42  ILE A N   1 
ATOM   319  C CA  . ILE A 1 42  ? 1.616   -7.895  6.888   1.00 12.15 ? 42  ILE A CA  1 
ATOM   320  C C   . ILE A 1 42  ? 1.908   -8.463  8.265   1.00 12.75 ? 42  ILE A C   1 
ATOM   321  O O   . ILE A 1 42  ? 0.986   -8.739  9.033   1.00 13.16 ? 42  ILE A O   1 
ATOM   322  C CB  . ILE A 1 42  ? 1.255   -6.401  7.025   1.00 11.60 ? 42  ILE A CB  1 
ATOM   323  C CG1 . ILE A 1 42  ? 0.861   -5.806  5.667   1.00 11.24 ? 42  ILE A CG1 1 
ATOM   324  C CG2 . ILE A 1 42  ? 2.419   -5.622  7.623   1.00 12.08 ? 42  ILE A CG2 1 
ATOM   325  C CD1 . ILE A 1 42  ? 0.387   -4.355  5.757   1.00 10.88 ? 42  ILE A CD1 1 
ATOM   326  N N   . GLU A 1 43  ? 3.184   -8.656  8.569   1.00 13.39 ? 43  GLU A N   1 
ATOM   327  C CA  . GLU A 1 43  ? 3.580   -9.010  9.924   1.00 13.63 ? 43  GLU A CA  1 
ATOM   328  C C   . GLU A 1 43  ? 4.695   -8.083  10.399  1.00 15.82 ? 43  GLU A C   1 
ATOM   329  O O   . GLU A 1 43  ? 5.483   -7.579  9.599   1.00 15.26 ? 43  GLU A O   1 
ATOM   330  C CB  . GLU A 1 43  ? 4.018   -10.472 9.991   1.00 17.85 ? 43  GLU A CB  1 
ATOM   331  C CG  . GLU A 1 43  ? 2.908   -11.464 9.664   1.00 19.17 ? 43  GLU A CG  1 
ATOM   332  C CD  . GLU A 1 43  ? 1.764   -11.440 10.674  1.00 23.60 ? 43  GLU A CD  1 
ATOM   333  O OE1 . GLU A 1 43  ? 1.968   -10.987 11.823  1.00 23.93 ? 43  GLU A OE1 1 
ATOM   334  O OE2 . GLU A 1 43  ? 0.650   -11.870 10.315  1.00 27.53 ? 43  GLU A OE2 1 
ATOM   335  N N   . CYS A 1 44  ? 4.746   -7.843  11.703  1.00 18.09 ? 44  CYS A N   1 
ATOM   336  C CA  . CYS A 1 44  ? 5.820   -7.050  12.284  1.00 18.14 ? 44  CYS A CA  1 
ATOM   337  C C   . CYS A 1 44  ? 6.946   -7.972  12.726  1.00 17.87 ? 44  CYS A C   1 
ATOM   338  O O   . CYS A 1 44  ? 6.704   -9.083  13.197  1.00 20.52 ? 44  CYS A O   1 
ATOM   339  C CB  . CYS A 1 44  ? 5.321   -6.218  13.472  1.00 19.59 ? 44  CYS A CB  1 
ATOM   340  S SG  . CYS A 1 44  ? 4.447   -4.667  13.056  1.00 29.55 ? 44  CYS A SG  1 
ATOM   341  N N   . ILE A 1 45  ? 8.177   -7.508  12.552  1.00 15.72 ? 45  ILE A N   1 
ATOM   342  C CA  . ILE A 1 45  ? 9.357   -8.228  13.015  1.00 17.27 ? 45  ILE A CA  1 
ATOM   343  C C   . ILE A 1 45  ? 10.060  -7.358  14.050  1.00 18.10 ? 45  ILE A C   1 
ATOM   344  O O   . ILE A 1 45  ? 10.202  -6.157  13.859  1.00 16.10 ? 45  ILE A O   1 
ATOM   345  C CB  . ILE A 1 45  ? 10.309  -8.530  11.850  1.00 20.56 ? 45  ILE A CB  1 
ATOM   346  C CG1 . ILE A 1 45  ? 9.608   -9.412  10.819  1.00 22.31 ? 45  ILE A CG1 1 
ATOM   347  C CG2 . ILE A 1 45  ? 11.591  -9.187  12.353  1.00 22.65 ? 45  ILE A CG2 1 
ATOM   348  C CD1 . ILE A 1 45  ? 10.368  -9.563  9.519   1.00 25.29 ? 45  ILE A CD1 1 
ATOM   349  N N   . ASN A 1 46  ? 10.484  -7.961  15.156  1.00 16.89 ? 46  ASN A N   1 
ATOM   350  C CA  . ASN A 1 46  ? 11.149  -7.207  16.217  1.00 20.14 ? 46  ASN A CA  1 
ATOM   351  C C   . ASN A 1 46  ? 10.368  -5.951  16.602  1.00 16.85 ? 46  ASN A C   1 
ATOM   352  O O   . ASN A 1 46  ? 10.899  -4.838  16.586  1.00 16.33 ? 46  ASN A O   1 
ATOM   353  C CB  . ASN A 1 46  ? 12.580  -6.846  15.809  1.00 20.97 ? 46  ASN A CB  1 
ATOM   354  C CG  . ASN A 1 46  ? 13.449  -8.066  15.606  1.00 26.73 ? 46  ASN A CG  1 
ATOM   355  O OD1 . ASN A 1 46  ? 13.339  -9.049  16.341  1.00 32.00 ? 46  ASN A OD1 1 
ATOM   356  N ND2 . ASN A 1 46  ? 14.316  -8.017  14.601  1.00 33.80 ? 46  ASN A ND2 1 
ATOM   357  N N   . ASP A 1 47  ? 9.099   -6.148  16.938  1.00 16.38 ? 47  ASP A N   1 
ATOM   358  C CA  . ASP A 1 47  ? 8.230   -5.059  17.383  1.00 20.65 ? 47  ASP A CA  1 
ATOM   359  C C   . ASP A 1 47  ? 8.163   -3.934  16.351  1.00 22.75 ? 47  ASP A C   1 
ATOM   360  O O   . ASP A 1 47  ? 8.229   -2.753  16.693  1.00 22.78 ? 47  ASP A O   1 
ATOM   361  C CB  . ASP A 1 47  ? 8.669   -4.527  18.752  1.00 21.22 ? 47  ASP A CB  1 
ATOM   362  C CG  . ASP A 1 47  ? 8.355   -5.497  19.884  1.00 22.48 ? 47  ASP A CG  1 
ATOM   363  O OD1 . ASP A 1 47  ? 7.719   -6.539  19.620  1.00 22.86 ? 47  ASP A OD1 1 
ATOM   364  O OD2 . ASP A 1 47  ? 8.741   -5.212  21.037  1.00 26.07 ? 47  ASP A OD2 1 
ATOM   365  N N   . CYS A 1 48  ? 8.033   -4.336  15.092  1.00 16.01 ? 48  CYS A N   1 
ATOM   366  C CA  . CYS A 1 48  ? 7.835   -3.415  13.963  1.00 16.80 ? 48  CYS A CA  1 
ATOM   367  C C   . CYS A 1 48  ? 9.092   -2.645  13.554  1.00 17.43 ? 48  CYS A C   1 
ATOM   368  O O   . CYS A 1 48  ? 9.014   -1.644  12.841  1.00 18.21 ? 48  CYS A O   1 
ATOM   369  C CB  . CYS A 1 48  ? 6.651   -2.467  14.208  1.00 20.14 ? 48  CYS A CB  1 
ATOM   370  S SG  . CYS A 1 48  ? 5.047   -3.311  14.465  1.00 25.53 ? 48  CYS A SG  1 
ATOM   371  N N   . GLU A 1 49  ? 10.255  -3.125  13.978  1.00 16.07 ? 49  GLU A N   1 
ATOM   372  C CA  . GLU A 1 49  ? 11.505  -2.572  13.473  1.00 18.60 ? 49  GLU A CA  1 
ATOM   373  C C   . GLU A 1 49  ? 11.651  -2.935  11.998  1.00 18.20 ? 49  GLU A C   1 
ATOM   374  O O   . GLU A 1 49  ? 12.321  -2.234  11.239  1.00 18.42 ? 49  GLU A O   1 
ATOM   375  C CB  . GLU A 1 49  ? 12.699  -3.091  14.276  1.00 21.19 ? 49  GLU A CB  1 
ATOM   376  C CG  . GLU A 1 49  ? 14.026  -2.452  13.887  1.00 25.59 ? 49  GLU A CG  1 
ATOM   377  C CD  . GLU A 1 49  ? 14.067  -0.957  14.159  1.00 27.35 ? 49  GLU A CD  1 
ATOM   378  O OE1 . GLU A 1 49  ? 13.255  -0.467  14.974  1.00 28.85 ? 49  GLU A OE1 1 
ATOM   379  O OE2 . GLU A 1 49  ? 14.919  -0.269  13.556  1.00 38.62 ? 49  GLU A OE2 1 
ATOM   380  N N   . SER A 1 50  ? 11.033  -4.043  11.602  1.00 14.10 ? 50  SER A N   1 
ATOM   381  C CA  . SER A 1 50  ? 10.873  -4.388  10.193  1.00 15.24 ? 50  SER A CA  1 
ATOM   382  C C   . SER A 1 50  ? 9.449   -4.874  9.930   1.00 15.24 ? 50  SER A C   1 
ATOM   383  O O   . SER A 1 50  ? 8.747   -5.326  10.847  1.00 14.08 ? 50  SER A O   1 
ATOM   384  C CB  . SER A 1 50  ? 11.878  -5.461  9.761   1.00 17.78 ? 50  SER A CB  1 
ATOM   385  O OG  . SER A 1 50  ? 13.191  -4.933  9.695   1.00 23.69 ? 50  SER A OG  1 
ATOM   386  N N   . LEU A 1 51  ? 9.022   -4.769  8.677   1.00 15.04 ? 51  LEU A N   1 
ATOM   387  C CA  . LEU A 1 51  ? 7.745   -5.323  8.242   1.00 13.47 ? 51  LEU A CA  1 
ATOM   388  C C   . LEU A 1 51  ? 7.966   -6.411  7.202   1.00 14.60 ? 51  LEU A C   1 
ATOM   389  O O   . LEU A 1 51  ? 8.817   -6.279  6.327   1.00 18.60 ? 51  LEU A O   1 
ATOM   390  C CB  . LEU A 1 51  ? 6.846   -4.240  7.645   1.00 16.30 ? 51  LEU A CB  1 
ATOM   391  C CG  . LEU A 1 51  ? 6.496   -3.017  8.487   1.00 15.38 ? 51  LEU A CG  1 
ATOM   392  C CD1 . LEU A 1 51  ? 5.622   -2.075  7.671   1.00 17.46 ? 51  LEU A CD1 1 
ATOM   393  C CD2 . LEU A 1 51  ? 5.797   -3.427  9.782   1.00 17.67 ? 51  LEU A CD2 1 
ATOM   394  N N   . SER A 1 52  ? 7.200   -7.489  7.299   1.00 12.84 ? 52  SER A N   1 
ATOM   395  C CA  . SER A 1 52  ? 7.182   -8.503  6.263   1.00 12.97 ? 52  SER A CA  1 
ATOM   396  C C   . SER A 1 52  ? 5.858   -8.359  5.528   1.00 12.29 ? 52  SER A C   1 
ATOM   397  O O   . SER A 1 52  ? 4.800   -8.418  6.145   1.00 14.03 ? 52  SER A O   1 
ATOM   398  C CB  . SER A 1 52  ? 7.299   -9.896  6.882   1.00 15.95 ? 52  SER A CB  1 
ATOM   399  O OG  . SER A 1 52  ? 7.298   -10.894 5.883   1.00 19.45 ? 52  SER A OG  1 
ATOM   400  N N   . ILE A 1 53  ? 5.907   -8.141  4.216   1.00 11.60 ? 53  ILE A N   1 
ATOM   401  C CA  . ILE A 1 53  ? 4.697   -7.902  3.445   1.00 10.99 ? 53  ILE A CA  1 
ATOM   402  C C   . ILE A 1 53  ? 4.580   -8.951  2.349   1.00 10.96 ? 53  ILE A C   1 
ATOM   403  O O   . ILE A 1 53  ? 5.479   -9.108  1.511   1.00 11.26 ? 53  ILE A O   1 
ATOM   404  C CB  . ILE A 1 53  ? 4.701   -6.496  2.818   1.00 9.94  ? 53  ILE A CB  1 
ATOM   405  C CG1 . ILE A 1 53  ? 4.917   -5.436  3.899   1.00 14.76 ? 53  ILE A CG1 1 
ATOM   406  C CG2 . ILE A 1 53  ? 3.394   -6.235  2.076   1.00 13.86 ? 53  ILE A CG2 1 
ATOM   407  C CD1 . ILE A 1 53  ? 5.129   -4.039  3.341   1.00 19.02 ? 53  ILE A CD1 1 
ATOM   408  N N   . THR A 1 54  ? 3.466   -9.672  2.363   1.00 10.33 ? 54  THR A N   1 
ATOM   409  C CA  . THR A 1 54  ? 3.197   -10.719 1.391   1.00 11.79 ? 54  THR A CA  1 
ATOM   410  C C   . THR A 1 54  ? 2.049   -10.275 0.482   1.00 9.71  ? 54  THR A C   1 
ATOM   411  O O   . THR A 1 54  ? 1.000   -9.810  0.955   1.00 9.73  ? 54  THR A O   1 
ATOM   412  C CB  . THR A 1 54  ? 2.870   -12.041 2.094   1.00 12.09 ? 54  THR A CB  1 
ATOM   413  O OG1 . THR A 1 54  ? 4.029   -12.474 2.821   1.00 16.04 ? 54  THR A OG1 1 
ATOM   414  C CG2 . THR A 1 54  ? 2.482   -13.104 1.080   1.00 13.86 ? 54  THR A CG2 1 
ATOM   415  N N   . PHE A 1 55  ? 2.268   -10.365 -0.826  1.00 10.25 ? 55  PHE A N   1 
ATOM   416  C CA  . PHE A 1 55  ? 1.330   -9.816  -1.802  1.00 8.39  ? 55  PHE A CA  1 
ATOM   417  C C   . PHE A 1 55  ? 1.497   -10.520 -3.137  1.00 8.62  ? 55  PHE A C   1 
ATOM   418  O O   . PHE A 1 55  ? 2.513   -11.170 -3.379  1.00 10.28 ? 55  PHE A O   1 
ATOM   419  C CB  . PHE A 1 55  ? 1.584   -8.307  -1.986  1.00 9.35  ? 55  PHE A CB  1 
ATOM   420  C CG  . PHE A 1 55  ? 2.958   -7.984  -2.517  1.00 9.66  ? 55  PHE A CG  1 
ATOM   421  C CD1 . PHE A 1 55  ? 4.042   -7.891  -1.660  1.00 10.87 ? 55  PHE A CD1 1 
ATOM   422  C CD2 . PHE A 1 55  ? 3.162   -7.787  -3.878  1.00 8.21  ? 55  PHE A CD2 1 
ATOM   423  C CE1 . PHE A 1 55  ? 5.308   -7.604  -2.148  1.00 11.52 ? 55  PHE A CE1 1 
ATOM   424  C CE2 . PHE A 1 55  ? 4.425   -7.496  -4.363  1.00 9.77  ? 55  PHE A CE2 1 
ATOM   425  C CZ  . PHE A 1 55  ? 5.490   -7.404  -3.498  1.00 12.32 ? 55  PHE A CZ  1 
ATOM   426  N N   . TYR A 1 56  ? 0.498   -10.374 -3.998  1.00 8.06  ? 56  TYR A N   1 
ATOM   427  C CA  . TYR A 1 56  ? 0.603   -10.822 -5.386  1.00 8.61  ? 56  TYR A CA  1 
ATOM   428  C C   . TYR A 1 56  ? 0.965   -9.690  -6.333  1.00 11.35 ? 56  TYR A C   1 
ATOM   429  O O   . TYR A 1 56  ? 0.521   -8.550  -6.174  1.00 9.13  ? 56  TYR A O   1 
ATOM   430  C CB  . TYR A 1 56  ? -0.702  -11.459 -5.876  1.00 9.49  ? 56  TYR A CB  1 
ATOM   431  C CG  . TYR A 1 56  ? -0.949  -12.850 -5.356  1.00 9.28  ? 56  TYR A CG  1 
ATOM   432  C CD1 . TYR A 1 56  ? -0.329  -13.950 -5.941  1.00 9.89  ? 56  TYR A CD1 1 
ATOM   433  C CD2 . TYR A 1 56  ? -1.802  -13.069 -4.279  1.00 10.17 ? 56  TYR A CD2 1 
ATOM   434  C CE1 . TYR A 1 56  ? -0.559  -15.219 -5.476  1.00 11.65 ? 56  TYR A CE1 1 
ATOM   435  C CE2 . TYR A 1 56  ? -2.032  -14.334 -3.803  1.00 9.51  ? 56  TYR A CE2 1 
ATOM   436  C CZ  . TYR A 1 56  ? -1.408  -15.405 -4.408  1.00 9.41  ? 56  TYR A CZ  1 
ATOM   437  O OH  . TYR A 1 56  ? -1.646  -16.666 -3.917  1.00 13.84 ? 56  TYR A OH  1 
ATOM   438  N N   . LEU A 1 57  ? 1.784   -10.029 -7.322  1.00 11.07 ? 57  LEU A N   1 
ATOM   439  C CA  . LEU A 1 57  ? 2.061   -9.167  -8.459  1.00 11.27 ? 57  LEU A CA  1 
ATOM   440  C C   . LEU A 1 57  ? 1.621   -9.974  -9.671  1.00 14.00 ? 57  LEU A C   1 
ATOM   441  O O   . LEU A 1 57  ? 1.909   -11.167 -9.746  1.00 18.32 ? 57  LEU A O   1 
ATOM   442  C CB  . LEU A 1 57  ? 3.559   -8.875  -8.529  1.00 14.27 ? 57  LEU A CB  1 
ATOM   443  C CG  . LEU A 1 57  ? 4.112   -8.042  -9.680  1.00 17.21 ? 57  LEU A CG  1 
ATOM   444  C CD1 . LEU A 1 57  ? 3.703   -6.577  -9.538  1.00 16.26 ? 57  LEU A CD1 1 
ATOM   445  C CD2 . LEU A 1 57  ? 5.629   -8.180  -9.713  1.00 17.45 ? 57  LEU A CD2 1 
ATOM   446  N N   . LYS A 1 58  ? 0.902   -9.354  -10.600 1.00 13.76 ? 58  LYS A N   1 
ATOM   447  C CA  . LYS A 1 58  ? 0.558   -10.049 -11.844 1.00 17.34 ? 58  LYS A CA  1 
ATOM   448  C C   . LYS A 1 58  ? 1.585   -9.807  -12.936 1.00 21.04 ? 58  LYS A C   1 
ATOM   449  O O   . LYS A 1 58  ? 1.961   -8.669  -13.205 1.00 21.39 ? 58  LYS A O   1 
ATOM   450  C CB  . LYS A 1 58  ? -0.810  -9.621  -12.362 1.00 16.40 ? 58  LYS A CB  1 
ATOM   451  C CG  . LYS A 1 58  ? -1.986  -10.085 -11.546 1.00 18.32 ? 58  LYS A CG  1 
ATOM   452  C CD  . LYS A 1 58  ? -3.253  -9.844  -12.348 1.00 21.25 ? 58  LYS A CD  1 
ATOM   453  C CE  . LYS A 1 58  ? -4.464  -9.715  -11.467 1.00 17.62 ? 58  LYS A CE  1 
ATOM   454  N NZ  . LYS A 1 58  ? -5.669  -9.396  -12.285 1.00 20.17 ? 58  LYS A NZ  1 
ATOM   455  N N   . ASP A 1 59  ? 2.018   -10.886 -13.578 1.00 19.94 ? 59  ASP A N   1 
ATOM   456  C CA  . ASP A 1 59  ? 2.896   -10.779 -14.735 1.00 30.89 ? 59  ASP A CA  1 
ATOM   457  C C   . ASP A 1 59  ? 2.211   -11.392 -15.954 1.00 29.14 ? 59  ASP A C   1 
ATOM   458  O O   . ASP A 1 59  ? 2.074   -12.610 -16.050 1.00 28.60 ? 59  ASP A O   1 
ATOM   459  C CB  . ASP A 1 59  ? 4.230   -11.471 -14.453 1.00 30.55 ? 59  ASP A CB  1 
ATOM   460  C CG  . ASP A 1 59  ? 5.247   -11.252 -15.557 1.00 39.36 ? 59  ASP A CG  1 
ATOM   461  O OD1 . ASP A 1 59  ? 4.908   -11.472 -16.739 1.00 41.71 ? 59  ASP A OD1 1 
ATOM   462  O OD2 . ASP A 1 59  ? 6.388   -10.852 -15.242 1.00 48.43 ? 59  ASP A OD2 1 
ATOM   463  N N   . GLN A 1 60  ? 1.777   -10.534 -16.875 1.00 30.63 ? 60  GLN A N   1 
ATOM   464  C CA  . GLN A 1 60  ? 1.080   -10.967 -18.085 1.00 33.48 ? 60  GLN A CA  1 
ATOM   465  C C   . GLN A 1 60  ? -0.150  -11.812 -17.759 1.00 33.16 ? 60  GLN A C   1 
ATOM   466  O O   . GLN A 1 60  ? -0.448  -12.784 -18.453 1.00 37.70 ? 60  GLN A O   1 
ATOM   467  C CB  . GLN A 1 60  ? 2.023   -11.741 -19.015 1.00 35.73 ? 60  GLN A CB  1 
ATOM   468  C CG  . GLN A 1 60  ? 3.202   -10.930 -19.546 1.00 37.69 ? 60  GLN A CG  1 
ATOM   469  C CD  . GLN A 1 60  ? 2.809   -9.937  -20.629 1.00 39.29 ? 60  GLN A CD  1 
ATOM   470  O OE1 . GLN A 1 60  ? 1.700   -9.986  -21.164 1.00 36.81 ? 60  GLN A OE1 1 
ATOM   471  N NE2 . GLN A 1 60  ? 3.723   -9.030  -20.958 1.00 39.26 ? 60  GLN A NE2 1 
ATOM   472  N N   . GLY A 1 61  ? -0.862  -11.439 -16.700 1.00 28.60 ? 61  GLY A N   1 
ATOM   473  C CA  . GLY A 1 61  ? -2.078  -12.137 -16.321 1.00 31.77 ? 61  GLY A CA  1 
ATOM   474  C C   . GLY A 1 61  ? -1.900  -13.208 -15.258 1.00 29.15 ? 61  GLY A C   1 
ATOM   475  O O   . GLY A 1 61  ? -2.880  -13.691 -14.691 1.00 38.49 ? 61  GLY A O   1 
ATOM   476  N N   . THR A 1 62  ? -0.653  -13.577 -14.982 1.00 26.01 ? 62  THR A N   1 
ATOM   477  C CA  . THR A 1 62  ? -0.356  -14.629 -14.011 1.00 25.90 ? 62  THR A CA  1 
ATOM   478  C C   . THR A 1 62  ? 0.029   -14.069 -12.634 1.00 22.13 ? 62  THR A C   1 
ATOM   479  O O   . THR A 1 62  ? 0.878   -13.187 -12.527 1.00 21.77 ? 62  THR A O   1 
ATOM   480  C CB  . THR A 1 62  ? 0.766   -15.550 -14.519 1.00 28.25 ? 62  THR A CB  1 
ATOM   481  O OG1 . THR A 1 62  ? 0.381   -16.110 -15.782 1.00 30.88 ? 62  THR A OG1 1 
ATOM   482  C CG2 . THR A 1 62  ? 1.025   -16.673 -13.526 1.00 23.92 ? 62  THR A CG2 1 
ATOM   483  N N   . CYS A 1 63  ? -0.587  -14.612 -11.588 1.00 19.31 ? 63  CYS A N   1 
ATOM   484  C CA  . CYS A 1 63  ? -0.398  -14.120 -10.223 1.00 16.36 ? 63  CYS A CA  1 
ATOM   485  C C   . CYS A 1 63  ? 0.847   -14.712 -9.564  1.00 16.66 ? 63  CYS A C   1 
ATOM   486  O O   . CYS A 1 63  ? 0.957   -15.928 -9.414  1.00 24.44 ? 63  CYS A O   1 
ATOM   487  C CB  . CYS A 1 63  ? -1.632  -14.446 -9.367  1.00 20.88 ? 63  CYS A CB  1 
ATOM   488  S SG  . CYS A 1 63  ? -3.157  -13.578 -9.836  1.00 22.03 ? 63  CYS A SG  1 
ATOM   489  N N   . LEU A 1 64  ? 1.779   -13.852 -9.158  1.00 13.03 ? 64  LEU A N   1 
ATOM   490  C CA  A LEU A 1 64  ? 2.999   -14.289 -8.490  0.63 14.44 ? 64  LEU A CA  1 
ATOM   491  C CA  B LEU A 1 64  ? 3.001   -14.287 -8.490  0.37 14.48 ? 64  LEU A CA  1 
ATOM   492  C C   . LEU A 1 64  ? 3.015   -13.847 -7.027  1.00 14.14 ? 64  LEU A C   1 
ATOM   493  O O   . LEU A 1 64  ? 2.947   -12.647 -6.728  1.00 13.64 ? 64  LEU A O   1 
ATOM   494  C CB  A LEU A 1 64  ? 4.231   -13.741 -9.218  0.63 16.63 ? 64  LEU A CB  1 
ATOM   495  C CB  B LEU A 1 64  ? 4.230   -13.731 -9.214  0.37 16.62 ? 64  LEU A CB  1 
ATOM   496  C CG  A LEU A 1 64  ? 4.361   -14.126 -10.695 0.63 17.16 ? 64  LEU A CG  1 
ATOM   497  C CG  B LEU A 1 64  ? 5.599   -14.000 -8.582  0.37 15.69 ? 64  LEU A CG  1 
ATOM   498  C CD1 A LEU A 1 64  ? 5.480   -13.342 -11.354 0.63 24.01 ? 64  LEU A CD1 1 
ATOM   499  C CD1 B LEU A 1 64  ? 5.917   -15.488 -8.578  0.37 19.26 ? 64  LEU A CD1 1 
ATOM   500  C CD2 A LEU A 1 64  ? 4.589   -15.624 -10.841 0.63 18.87 ? 64  LEU A CD2 1 
ATOM   501  C CD2 B LEU A 1 64  ? 6.679   -13.224 -9.315  0.37 19.85 ? 64  LEU A CD2 1 
ATOM   502  N N   . LEU A 1 65  ? 3.104   -14.817 -6.118  1.00 13.32 ? 65  LEU A N   1 
ATOM   503  C CA  . LEU A 1 65  ? 3.154   -14.544 -4.685  1.00 11.05 ? 65  LEU A CA  1 
ATOM   504  C C   . LEU A 1 65  ? 4.558   -14.132 -4.239  1.00 15.67 ? 65  LEU A C   1 
ATOM   505  O O   . LEU A 1 65  ? 5.526   -14.884 -4.389  1.00 16.77 ? 65  LEU A O   1 
ATOM   506  C CB  . LEU A 1 65  ? 2.674   -15.753 -3.870  1.00 12.30 ? 65  LEU A CB  1 
ATOM   507  C CG  . LEU A 1 65  ? 2.455   -15.528 -2.370  1.00 13.51 ? 65  LEU A CG  1 
ATOM   508  C CD1 . LEU A 1 65  ? 1.376   -14.489 -2.139  1.00 14.44 ? 65  LEU A CD1 1 
ATOM   509  C CD2 . LEU A 1 65  ? 2.110   -16.830 -1.630  1.00 19.22 ? 65  LEU A CD2 1 
ATOM   510  N N   . LEU A 1 66  ? 4.658   -12.933 -3.681  1.00 12.79 ? 66  LEU A N   1 
ATOM   511  C CA  . LEU A 1 66  ? 5.941   -12.397 -3.247  1.00 12.64 ? 66  LEU A CA  1 
ATOM   512  C C   . LEU A 1 66  ? 5.879   -11.988 -1.784  1.00 13.41 ? 66  LEU A C   1 
ATOM   513  O O   . LEU A 1 66  ? 4.812   -11.651 -1.263  1.00 12.55 ? 66  LEU A O   1 
ATOM   514  C CB  . LEU A 1 66  ? 6.323   -11.183 -4.098  1.00 15.24 ? 66  LEU A CB  1 
ATOM   515  C CG  . LEU A 1 66  ? 6.497   -11.405 -5.601  1.00 16.47 ? 66  LEU A CG  1 
ATOM   516  C CD1 . LEU A 1 66  ? 6.754   -10.081 -6.302  1.00 18.22 ? 66  LEU A CD1 1 
ATOM   517  C CD2 . LEU A 1 66  ? 7.632   -12.394 -5.877  1.00 18.38 ? 66  LEU A CD2 1 
ATOM   518  N N   . THR A 1 67  ? 7.031   -12.020 -1.127  1.00 16.85 ? 67  THR A N   1 
ATOM   519  C CA  . THR A 1 67  ? 7.174   -11.464 0.204   1.00 15.97 ? 67  THR A CA  1 
ATOM   520  C C   . THR A 1 67  ? 8.377   -10.533 0.212   1.00 18.08 ? 67  THR A C   1 
ATOM   521  O O   . THR A 1 67  ? 9.475   -10.922 -0.190  1.00 21.28 ? 67  THR A O   1 
ATOM   522  C CB  . THR A 1 67  ? 7.361   -12.559 1.264   1.00 16.42 ? 67  THR A CB  1 
ATOM   523  O OG1 . THR A 1 67  ? 6.181   -13.372 1.323   1.00 18.57 ? 67  THR A OG1 1 
ATOM   524  C CG2 . THR A 1 67  ? 7.615   -11.937 2.638   1.00 18.83 ? 67  THR A CG2 1 
ATOM   525  N N   . GLU A 1 68  ? 8.155   -9.299  0.649   1.00 16.56 ? 68  GLU A N   1 
ATOM   526  C CA  . GLU A 1 68  ? 9.225   -8.311  0.767   1.00 16.18 ? 68  GLU A CA  1 
ATOM   527  C C   . GLU A 1 68  ? 9.383   -7.855  2.213   1.00 15.19 ? 68  GLU A C   1 
ATOM   528  O O   . GLU A 1 68  ? 8.406   -7.752  2.951   1.00 16.84 ? 68  GLU A O   1 
ATOM   529  C CB  . GLU A 1 68  ? 8.937   -7.097  -0.125  1.00 15.81 ? 68  GLU A CB  1 
ATOM   530  C CG  . GLU A 1 68  ? 8.877   -7.397  -1.615  1.00 18.88 ? 68  GLU A CG  1 
ATOM   531  C CD  . GLU A 1 68  ? 10.253  -7.523  -2.238  1.00 24.96 ? 68  GLU A CD  1 
ATOM   532  O OE1 . GLU A 1 68  ? 11.235  -7.132  -1.576  1.00 26.30 ? 68  GLU A OE1 1 
ATOM   533  O OE2 . GLU A 1 68  ? 10.350  -8.020  -3.381  1.00 28.74 ? 68  GLU A OE2 1 
ATOM   534  N N   . VAL A 1 69  ? 10.613  -7.573  2.626   1.00 15.19 ? 69  VAL A N   1 
ATOM   535  C CA  . VAL A 1 69  ? 10.848  -7.076  3.969   1.00 14.30 ? 69  VAL A CA  1 
ATOM   536  C C   . VAL A 1 69  ? 11.263  -5.615  3.908   1.00 14.92 ? 69  VAL A C   1 
ATOM   537  O O   . VAL A 1 69  ? 12.163  -5.244  3.150   1.00 20.49 ? 69  VAL A O   1 
ATOM   538  C CB  . VAL A 1 69  ? 11.928  -7.905  4.700   1.00 21.97 ? 69  VAL A CB  1 
ATOM   539  C CG1 . VAL A 1 69  ? 12.199  -7.329  6.081   1.00 20.93 ? 69  VAL A CG1 1 
ATOM   540  C CG2 . VAL A 1 69  ? 11.489  -9.356  4.801   1.00 24.67 ? 69  VAL A CG2 1 
ATOM   541  N N   . ALA A 1 70  ? 10.583  -4.784  4.688   1.00 14.95 ? 70  ALA A N   1 
ATOM   542  C CA  . ALA A 1 70  ? 10.893  -3.362  4.764   1.00 14.78 ? 70  ALA A CA  1 
ATOM   543  C C   . ALA A 1 70  ? 11.519  -3.047  6.121   1.00 13.49 ? 70  ALA A C   1 
ATOM   544  O O   . ALA A 1 70  ? 11.048  -3.520  7.148   1.00 14.95 ? 70  ALA A O   1 
ATOM   545  C CB  . ALA A 1 70  ? 9.630   -2.542  4.566   1.00 14.49 ? 70  ALA A CB  1 
ATOM   546  N N   . LYS A 1 71  ? 12.570  -2.238  6.121   1.00 13.39 ? 71  LYS A N   1 
ATOM   547  C CA  . LYS A 1 71  ? 13.286  -1.890  7.350   1.00 13.76 ? 71  LYS A CA  1 
ATOM   548  C C   . LYS A 1 71  ? 12.940  -0.488  7.832   1.00 13.70 ? 71  LYS A C   1 
ATOM   549  O O   . LYS A 1 71  ? 12.919  0.447   7.043   1.00 12.54 ? 71  LYS A O   1 
ATOM   550  C CB  . LYS A 1 71  ? 14.791  -1.976  7.099   1.00 16.37 ? 71  LYS A CB  1 
ATOM   551  C CG  . LYS A 1 71  ? 15.646  -1.531  8.278   1.00 24.50 ? 71  LYS A CG  1 
ATOM   552  C CD  . LYS A 1 71  ? 15.506  -2.460  9.465   1.00 31.31 ? 71  LYS A CD  1 
ATOM   553  C CE  . LYS A 1 71  ? 16.349  -1.970  10.633  1.00 38.01 ? 71  LYS A CE  1 
ATOM   554  N NZ  . LYS A 1 71  ? 16.201  -2.834  11.837  1.00 40.82 ? 71  LYS A NZ  1 
ATOM   555  N N   . ARG A 1 72  ? 12.684  -0.332  9.132   1.00 14.00 ? 72  ARG A N   1 
ATOM   556  C CA  . ARG A 1 72  ? 12.343  0.977   9.679   1.00 13.42 ? 72  ARG A CA  1 
ATOM   557  C C   . ARG A 1 72  ? 13.495  1.970   9.526   1.00 17.81 ? 72  ARG A C   1 
ATOM   558  O O   . ARG A 1 72  ? 14.642  1.671   9.874   1.00 21.73 ? 72  ARG A O   1 
ATOM   559  C CB  . ARG A 1 72  ? 11.959  0.870   11.158  1.00 17.74 ? 72  ARG A CB  1 
ATOM   560  C CG  . ARG A 1 72  ? 12.336  2.112   11.957  1.00 24.21 ? 72  ARG A CG  1 
ATOM   561  C CD  . ARG A 1 72  ? 11.873  2.002   13.397  1.00 23.31 ? 72  ARG A CD  1 
ATOM   562  N NE  . ARG A 1 72  ? 10.421  1.950   13.469  1.00 23.78 ? 72  ARG A NE  1 
ATOM   563  C CZ  . ARG A 1 72  ? 9.747   1.307   14.416  1.00 28.70 ? 72  ARG A CZ  1 
ATOM   564  N NH1 . ARG A 1 72  ? 10.403  0.652   15.366  1.00 34.69 ? 72  ARG A NH1 1 
ATOM   565  N NH2 . ARG A 1 72  ? 8.421   1.314   14.407  1.00 26.29 ? 72  ARG A NH2 1 
ATOM   566  N N   . GLN A 1 73  ? 13.170  3.148   9.005   1.00 16.53 ? 73  GLN A N   1 
ATOM   567  C CA  . GLN A 1 73  ? 14.106  4.264   8.918   1.00 18.09 ? 73  GLN A CA  1 
ATOM   568  C C   . GLN A 1 73  ? 13.952  5.125   10.171  1.00 18.11 ? 73  GLN A C   1 
ATOM   569  O O   . GLN A 1 73  ? 14.862  5.211   10.999  1.00 24.85 ? 73  GLN A O   1 
ATOM   570  C CB  . GLN A 1 73  ? 13.809  5.078   7.658   1.00 17.62 ? 73  GLN A CB  1 
ATOM   571  C CG  . GLN A 1 73  ? 14.661  6.332   7.459   1.00 22.71 ? 73  GLN A CG  1 
ATOM   572  C CD  . GLN A 1 73  ? 14.400  7.000   6.113   1.00 21.94 ? 73  GLN A CD  1 
ATOM   573  O OE1 . GLN A 1 73  ? 14.822  6.503   5.068   1.00 24.41 ? 73  GLN A OE1 1 
ATOM   574  N NE2 . GLN A 1 73  ? 13.691  8.120   6.132   1.00 24.16 ? 73  GLN A NE2 1 
ATOM   575  N N   . GLU A 1 74  ? 12.792  5.761   10.303  1.00 16.34 ? 74  GLU A N   1 
ATOM   576  C CA  . GLU A 1 74  ? 12.432  6.538   11.487  1.00 19.85 ? 74  GLU A CA  1 
ATOM   577  C C   . GLU A 1 74  ? 10.922  6.463   11.655  1.00 19.53 ? 74  GLU A C   1 
ATOM   578  O O   . GLU A 1 74  ? 10.198  6.443   10.669  1.00 16.40 ? 74  GLU A O   1 
ATOM   579  C CB  . GLU A 1 74  ? 12.836  8.009   11.329  1.00 22.27 ? 74  GLU A CB  1 
ATOM   580  C CG  . GLU A 1 74  ? 14.325  8.252   11.151  1.00 33.77 ? 74  GLU A CG  1 
ATOM   581  C CD  . GLU A 1 74  ? 15.141  7.832   12.358  1.00 37.11 ? 74  GLU A CD  1 
ATOM   582  O OE1 . GLU A 1 74  ? 14.675  8.014   13.503  1.00 35.04 ? 74  GLU A OE1 1 
ATOM   583  O OE2 . GLU A 1 74  ? 16.257  7.315   12.154  1.00 45.50 ? 74  GLU A OE2 1 
ATOM   584  N N   . GLY A 1 75  ? 10.444  6.437   12.894  1.00 21.12 ? 75  GLY A N   1 
ATOM   585  C CA  . GLY A 1 75  ? 9.013   6.382   13.141  1.00 20.79 ? 75  GLY A CA  1 
ATOM   586  C C   . GLY A 1 75  ? 8.391   5.200   12.428  1.00 15.00 ? 75  GLY A C   1 
ATOM   587  O O   . GLY A 1 75  ? 8.850   4.073   12.569  1.00 17.55 ? 75  GLY A O   1 
ATOM   588  N N   . TYR A 1 76  ? 7.344   5.459   11.648  1.00 13.36 ? 76  TYR A N   1 
ATOM   589  C CA  . TYR A 1 76  ? 6.730   4.395   10.868  1.00 11.93 ? 76  TYR A CA  1 
ATOM   590  C C   . TYR A 1 76  ? 7.005   4.568   9.373   1.00 11.73 ? 76  TYR A C   1 
ATOM   591  O O   . TYR A 1 76  ? 6.165   4.248   8.524   1.00 11.97 ? 76  TYR A O   1 
ATOM   592  C CB  . TYR A 1 76  ? 5.238   4.308   11.177  1.00 14.02 ? 76  TYR A CB  1 
ATOM   593  C CG  . TYR A 1 76  ? 4.986   4.096   12.652  1.00 13.19 ? 76  TYR A CG  1 
ATOM   594  C CD1 . TYR A 1 76  ? 5.253   2.869   13.251  1.00 12.58 ? 76  TYR A CD1 1 
ATOM   595  C CD2 . TYR A 1 76  ? 4.513   5.125   13.444  1.00 12.19 ? 76  TYR A CD2 1 
ATOM   596  C CE1 . TYR A 1 76  ? 5.039   2.674   14.614  1.00 13.20 ? 76  TYR A CE1 1 
ATOM   597  C CE2 . TYR A 1 76  ? 4.285   4.940   14.801  1.00 14.89 ? 76  TYR A CE2 1 
ATOM   598  C CZ  . TYR A 1 76  ? 4.553   3.716   15.377  1.00 15.24 ? 76  TYR A CZ  1 
ATOM   599  O OH  . TYR A 1 76  ? 4.325   3.542   16.730  1.00 15.93 ? 76  TYR A OH  1 
ATOM   600  N N   . VAL A 1 77  ? 8.192   5.087   9.076   1.00 11.01 ? 77  VAL A N   1 
ATOM   601  C CA  . VAL A 1 77  ? 8.708   5.143   7.715   1.00 11.46 ? 77  VAL A CA  1 
ATOM   602  C C   . VAL A 1 77  ? 9.695   4.011   7.533   1.00 10.06 ? 77  VAL A C   1 
ATOM   603  O O   . VAL A 1 77  ? 10.663  3.893   8.303   1.00 11.65 ? 77  VAL A O   1 
ATOM   604  C CB  . VAL A 1 77  ? 9.408   6.472   7.423   1.00 11.97 ? 77  VAL A CB  1 
ATOM   605  C CG1 . VAL A 1 77  ? 9.953   6.460   5.998   1.00 12.45 ? 77  VAL A CG1 1 
ATOM   606  C CG2 . VAL A 1 77  ? 8.431   7.634   7.604   1.00 13.06 ? 77  VAL A CG2 1 
ATOM   607  N N   . TYR A 1 78  ? 9.442   3.185   6.522   1.00 10.57 ? 78  TYR A N   1 
ATOM   608  C CA  . TYR A 1 78  ? 10.246  2.007   6.219   1.00 11.11 ? 78  TYR A CA  1 
ATOM   609  C C   . TYR A 1 78  ? 10.864  2.132   4.835   1.00 11.23 ? 78  TYR A C   1 
ATOM   610  O O   . TYR A 1 78  ? 10.375  2.890   4.000   1.00 12.79 ? 78  TYR A O   1 
ATOM   611  C CB  . TYR A 1 78  ? 9.376   0.748   6.284   1.00 10.29 ? 78  TYR A CB  1 
ATOM   612  C CG  . TYR A 1 78  ? 8.802   0.512   7.655   1.00 11.04 ? 78  TYR A CG  1 
ATOM   613  C CD1 . TYR A 1 78  ? 7.680   1.213   8.093   1.00 12.44 ? 78  TYR A CD1 1 
ATOM   614  C CD2 . TYR A 1 78  ? 9.390   -0.393  8.519   1.00 11.25 ? 78  TYR A CD2 1 
ATOM   615  C CE1 . TYR A 1 78  ? 7.156   1.010   9.366   1.00 11.43 ? 78  TYR A CE1 1 
ATOM   616  C CE2 . TYR A 1 78  ? 8.879   -0.598  9.791   1.00 12.58 ? 78  TYR A CE2 1 
ATOM   617  C CZ  . TYR A 1 78  ? 7.763   0.101   10.199  1.00 11.77 ? 78  TYR A CZ  1 
ATOM   618  O OH  . TYR A 1 78  ? 7.261   -0.108  11.470  1.00 13.31 ? 78  TYR A OH  1 
ATOM   619  N N   . VAL A 1 79  ? 11.946  1.396   4.602   1.00 10.31 ? 79  VAL A N   1 
ATOM   620  C CA  . VAL A 1 79  ? 12.574  1.367   3.284   1.00 9.78  ? 79  VAL A CA  1 
ATOM   621  C C   . VAL A 1 79  ? 12.563  -0.043  2.719   1.00 10.33 ? 79  VAL A C   1 
ATOM   622  O O   . VAL A 1 79  ? 12.779  -1.018  3.441   1.00 10.65 ? 79  VAL A O   1 
ATOM   623  C CB  . VAL A 1 79  ? 14.030  1.873   3.352   1.00 10.37 ? 79  VAL A CB  1 
ATOM   624  C CG1 . VAL A 1 79  ? 14.743  1.675   2.019   1.00 12.12 ? 79  VAL A CG1 1 
ATOM   625  C CG2 . VAL A 1 79  ? 14.048  3.339   3.726   1.00 15.29 ? 79  VAL A CG2 1 
ATOM   626  N N   . LEU A 1 80  ? 12.301  -0.165  1.425   1.00 11.01 ? 80  LEU A N   1 
ATOM   627  C CA  . LEU A 1 80  ? 12.447  -1.454  0.764   1.00 13.85 ? 80  LEU A CA  1 
ATOM   628  C C   . LEU A 1 80  ? 12.746  -1.287  -0.716  1.00 11.68 ? 80  LEU A C   1 
ATOM   629  O O   . LEU A 1 80  ? 12.330  -0.302  -1.344  1.00 11.52 ? 80  LEU A O   1 
ATOM   630  C CB  . LEU A 1 80  ? 11.216  -2.332  0.962   1.00 19.30 ? 80  LEU A CB  1 
ATOM   631  C CG  . LEU A 1 80  ? 9.919   -1.896  0.294   1.00 18.59 ? 80  LEU A CG  1 
ATOM   632  C CD1 . LEU A 1 80  ? 9.027   -3.110  0.062   1.00 26.05 ? 80  LEU A CD1 1 
ATOM   633  C CD2 . LEU A 1 80  ? 9.208   -0.840  1.116   1.00 22.53 ? 80  LEU A CD2 1 
ATOM   634  N N   . GLU A 1 81  ? 13.492  -2.245  -1.257  1.00 12.24 ? 81  GLU A N   1 
ATOM   635  C CA  . GLU A 1 81  ? 13.781  -2.283  -2.681  1.00 10.39 ? 81  GLU A CA  1 
ATOM   636  C C   . GLU A 1 81  ? 12.748  -3.134  -3.389  1.00 13.14 ? 81  GLU A C   1 
ATOM   637  O O   . GLU A 1 81  ? 12.586  -4.316  -3.083  1.00 14.08 ? 81  GLU A O   1 
ATOM   638  C CB  . GLU A 1 81  ? 15.172  -2.873  -2.949  1.00 15.22 ? 81  GLU A CB  1 
ATOM   639  C CG  . GLU A 1 81  ? 16.324  -1.949  -2.656  1.00 22.29 ? 81  GLU A CG  1 
ATOM   640  C CD  . GLU A 1 81  ? 16.269  -0.688  -3.482  1.00 17.13 ? 81  GLU A CD  1 
ATOM   641  O OE1 . GLU A 1 81  ? 16.175  -0.777  -4.725  1.00 28.63 ? 81  GLU A OE1 1 
ATOM   642  O OE2 . GLU A 1 81  ? 16.308  0.392   -2.871  1.00 29.20 ? 81  GLU A OE2 1 
ATOM   643  N N   . PHE A 1 82  ? 12.061  -2.529  -4.346  1.00 9.45  ? 82  PHE A N   1 
ATOM   644  C CA  . PHE A 1 82  ? 11.079  -3.220  -5.158  1.00 9.52  ? 82  PHE A CA  1 
ATOM   645  C C   . PHE A 1 82  ? 10.734  -2.316  -6.327  1.00 9.21  ? 82  PHE A C   1 
ATOM   646  O O   . PHE A 1 82  ? 10.137  -1.264  -6.144  1.00 8.96  ? 82  PHE A O   1 
ATOM   647  C CB  . PHE A 1 82  ? 9.834   -3.545  -4.326  1.00 12.68 ? 82  PHE A CB  1 
ATOM   648  C CG  . PHE A 1 82  ? 8.784   -4.283  -5.087  1.00 10.61 ? 82  PHE A CG  1 
ATOM   649  C CD1 . PHE A 1 82  ? 8.957   -5.612  -5.421  1.00 13.75 ? 82  PHE A CD1 1 
ATOM   650  C CD2 . PHE A 1 82  ? 7.615   -3.643  -5.466  1.00 13.05 ? 82  PHE A CD2 1 
ATOM   651  C CE1 . PHE A 1 82  ? 7.975   -6.294  -6.133  1.00 15.44 ? 82  PHE A CE1 1 
ATOM   652  C CE2 . PHE A 1 82  ? 6.640   -4.321  -6.178  1.00 15.44 ? 82  PHE A CE2 1 
ATOM   653  C CZ  . PHE A 1 82  ? 6.832   -5.646  -6.513  1.00 14.88 ? 82  PHE A CZ  1 
ATOM   654  N N   . TYR A 1 83  ? 11.132  -2.726  -7.530  1.00 8.67  ? 83  TYR A N   1 
ATOM   655  C CA  . TYR A 1 83  ? 11.016  -1.881  -8.717  1.00 8.09  ? 83  TYR A CA  1 
ATOM   656  C C   . TYR A 1 83  ? 11.529  -0.476  -8.437  1.00 8.32  ? 83  TYR A C   1 
ATOM   657  O O   . TYR A 1 83  ? 10.866  0.521   -8.715  1.00 9.06  ? 83  TYR A O   1 
ATOM   658  C CB  . TYR A 1 83  ? 9.581   -1.861  -9.247  1.00 10.10 ? 83  TYR A CB  1 
ATOM   659  C CG  . TYR A 1 83  ? 9.158   -3.132  -9.962  1.00 12.79 ? 83  TYR A CG  1 
ATOM   660  C CD1 . TYR A 1 83  ? 9.765   -3.522  -11.146 1.00 15.90 ? 83  TYR A CD1 1 
ATOM   661  C CD2 . TYR A 1 83  ? 8.115   -3.912  -9.474  1.00 14.57 ? 83  TYR A CD2 1 
ATOM   662  C CE1 . TYR A 1 83  ? 9.366   -4.679  -11.809 1.00 19.34 ? 83  TYR A CE1 1 
ATOM   663  C CE2 . TYR A 1 83  ? 7.708   -5.059  -10.131 1.00 15.29 ? 83  TYR A CE2 1 
ATOM   664  C CZ  . TYR A 1 83  ? 8.335   -5.435  -11.293 1.00 16.50 ? 83  TYR A CZ  1 
ATOM   665  O OH  . TYR A 1 83  ? 7.928   -6.584  -11.943 1.00 21.76 ? 83  TYR A OH  1 
ATOM   666  N N   . GLY A 1 84  ? 12.742  -0.425  -7.896  1.00 8.47  ? 84  GLY A N   1 
ATOM   667  C CA  . GLY A 1 84  ? 13.343  0.819   -7.470  1.00 9.60  ? 84  GLY A CA  1 
ATOM   668  C C   . GLY A 1 84  ? 13.402  0.869   -5.958  1.00 8.37  ? 84  GLY A C   1 
ATOM   669  O O   . GLY A 1 84  ? 13.205  -0.133  -5.269  1.00 10.25 ? 84  GLY A O   1 
ATOM   670  N N   . THR A 1 85  ? 13.680  2.051   -5.437  1.00 8.20  ? 85  THR A N   1 
ATOM   671  C CA  . THR A 1 85  ? 13.830  2.239   -4.009  1.00 7.90  ? 85  THR A CA  1 
ATOM   672  C C   . THR A 1 85  ? 12.616  2.962   -3.469  1.00 9.94  ? 85  THR A C   1 
ATOM   673  O O   . THR A 1 85  ? 12.196  3.987   -4.007  1.00 10.03 ? 85  THR A O   1 
ATOM   674  C CB  . THR A 1 85  ? 15.104  3.022   -3.703  1.00 10.02 ? 85  THR A CB  1 
ATOM   675  O OG1 . THR A 1 85  ? 16.219  2.318   -4.259  1.00 12.49 ? 85  THR A OG1 1 
ATOM   676  C CG2 . THR A 1 85  ? 15.300  3.152   -2.200  1.00 11.78 ? 85  THR A CG2 1 
ATOM   677  N N   . ASN A 1 86  ? 12.047  2.398   -2.413  1.00 8.22  ? 86  ASN A N   1 
ATOM   678  C CA  . ASN A 1 86  ? 10.814  2.896   -1.835  1.00 7.81  ? 86  ASN A CA  1 
ATOM   679  C C   . ASN A 1 86  ? 10.972  3.299   -0.393  1.00 8.72  ? 86  ASN A C   1 
ATOM   680  O O   . ASN A 1 86  ? 11.630  2.612   0.384   1.00 10.81 ? 86  ASN A O   1 
ATOM   681  C CB  . ASN A 1 86  ? 9.769   1.787   -1.847  1.00 9.21  ? 86  ASN A CB  1 
ATOM   682  C CG  . ASN A 1 86  ? 9.488   1.266   -3.228  1.00 8.70  ? 86  ASN A CG  1 
ATOM   683  O OD1 . ASN A 1 86  ? 8.703   1.854   -3.961  1.00 10.89 ? 86  ASN A OD1 1 
ATOM   684  N ND2 . ASN A 1 86  ? 10.104  0.144   -3.584  1.00 10.00 ? 86  ASN A ND2 1 
ATOM   685  N N   . THR A 1 87  ? 10.315  4.387   -0.022  1.00 8.28  ? 87  THR A N   1 
ATOM   686  C CA  . THR A 1 87  ? 9.942   4.546   1.374   1.00 9.23  ? 87  THR A CA  1 
ATOM   687  C C   . THR A 1 87  ? 8.471   4.215   1.471   1.00 9.85  ? 87  THR A C   1 
ATOM   688  O O   . THR A 1 87  ? 7.698   4.508   0.558   1.00 11.39 ? 87  THR A O   1 
ATOM   689  C CB  . THR A 1 87  ? 10.212  5.947   1.928   1.00 10.64 ? 87  THR A CB  1 
ATOM   690  O OG1 . THR A 1 87  ? 9.622   6.939   1.081   1.00 12.28 ? 87  THR A OG1 1 
ATOM   691  C CG2 . THR A 1 87  ? 11.719  6.192   2.036   1.00 15.64 ? 87  THR A CG2 1 
ATOM   692  N N   . LEU A 1 88  ? 8.103   3.564   2.565   1.00 9.64  ? 88  LEU A N   1 
ATOM   693  C CA  . LEU A 1 88  ? 6.718   3.216   2.841   1.00 8.16  ? 88  LEU A CA  1 
ATOM   694  C C   . LEU A 1 88  ? 6.404   3.636   4.263   1.00 11.04 ? 88  LEU A C   1 
ATOM   695  O O   . LEU A 1 88  ? 7.035   3.167   5.207   1.00 10.46 ? 88  LEU A O   1 
ATOM   696  C CB  . LEU A 1 88  ? 6.492   1.708   2.668   1.00 10.95 ? 88  LEU A CB  1 
ATOM   697  C CG  . LEU A 1 88  ? 5.063   1.182   2.857   1.00 11.27 ? 88  LEU A CG  1 
ATOM   698  C CD1 . LEU A 1 88  ? 4.854   -0.082  2.040   1.00 14.67 ? 88  LEU A CD1 1 
ATOM   699  C CD2 . LEU A 1 88  ? 4.721   0.946   4.324   1.00 14.32 ? 88  LEU A CD2 1 
ATOM   700  N N   . GLU A 1 89  ? 5.426   4.522   4.397   1.00 8.00  ? 89  GLU A N   1 
ATOM   701  C CA  . GLU A 1 89  ? 5.035   5.050   5.691   1.00 10.49 ? 89  GLU A CA  1 
ATOM   702  C C   . GLU A 1 89  ? 3.603   4.647   6.003   1.00 9.94  ? 89  GLU A C   1 
ATOM   703  O O   . GLU A 1 89  ? 2.714   4.812   5.176   1.00 9.65  ? 89  GLU A O   1 
ATOM   704  C CB  . GLU A 1 89  ? 5.123   6.575   5.691   1.00 11.70 ? 89  GLU A CB  1 
ATOM   705  C CG  . GLU A 1 89  ? 4.810   7.181   7.053   1.00 11.14 ? 89  GLU A CG  1 
ATOM   706  C CD  . GLU A 1 89  ? 4.781   8.693   7.045   1.00 15.53 ? 89  GLU A CD  1 
ATOM   707  O OE1 . GLU A 1 89  ? 5.025   9.304   5.989   1.00 17.52 ? 89  GLU A OE1 1 
ATOM   708  O OE2 . GLU A 1 89  ? 4.512   9.284   8.114   1.00 17.38 ? 89  GLU A OE2 1 
ATOM   709  N N   . VAL A 1 90  ? 3.376   4.121   7.199   1.00 10.30 ? 90  VAL A N   1 
ATOM   710  C CA  . VAL A 1 90  ? 2.014   3.894   7.666   1.00 8.40  ? 90  VAL A CA  1 
ATOM   711  C C   . VAL A 1 90  ? 1.472   5.231   8.169   1.00 10.97 ? 90  VAL A C   1 
ATOM   712  O O   . VAL A 1 90  ? 1.964   5.768   9.159   1.00 12.14 ? 90  VAL A O   1 
ATOM   713  C CB  . VAL A 1 90  ? 1.967   2.837   8.791   1.00 10.57 ? 90  VAL A CB  1 
ATOM   714  C CG1 . VAL A 1 90  ? 0.524   2.626   9.265   1.00 10.87 ? 90  VAL A CG1 1 
ATOM   715  C CG2 . VAL A 1 90  ? 2.570   1.528   8.303   1.00 13.99 ? 90  VAL A CG2 1 
ATOM   716  N N   . ILE A 1 91  ? 0.480   5.788   7.474   1.00 7.90  ? 91  ILE A N   1 
ATOM   717  C CA  . ILE A 1 91  ? -0.016  7.125   7.808   1.00 9.17  ? 91  ILE A CA  1 
ATOM   718  C C   . ILE A 1 91  ? -1.393  7.089   8.474   1.00 9.24  ? 91  ILE A C   1 
ATOM   719  O O   . ILE A 1 91  ? -1.872  8.107   8.996   1.00 13.56 ? 91  ILE A O   1 
ATOM   720  C CB  . ILE A 1 91  ? -0.010  8.074   6.586   1.00 8.65  ? 91  ILE A CB  1 
ATOM   721  C CG1 . ILE A 1 91  ? -0.880  7.529   5.445   1.00 9.99  ? 91  ILE A CG1 1 
ATOM   722  C CG2 . ILE A 1 91  ? 1.412   8.302   6.106   1.00 10.12 ? 91  ILE A CG2 1 
ATOM   723  C CD1 . ILE A 1 91  ? -1.175  8.564   4.366   1.00 9.67  ? 91  ILE A CD1 1 
ATOM   724  N N   . HIS A 1 92  ? -2.017  5.920   8.487   1.00 8.39  ? 92  HIS A N   1 
ATOM   725  C CA  . HIS A 1 92  ? -3.282  5.748   9.198   1.00 9.94  ? 92  HIS A CA  1 
ATOM   726  C C   . HIS A 1 92  ? -3.505  4.273   9.419   1.00 9.87  ? 92  HIS A C   1 
ATOM   727  O O   . HIS A 1 92  ? -3.262  3.475   8.533   1.00 10.15 ? 92  HIS A O   1 
ATOM   728  C CB  . HIS A 1 92  ? -4.449  6.329   8.390   1.00 12.19 ? 92  HIS A CB  1 
ATOM   729  C CG  . HIS A 1 92  ? -5.775  6.204   9.072   1.00 15.82 ? 92  HIS A CG  1 
ATOM   730  N ND1 . HIS A 1 92  ? -6.602  5.114   8.904   1.00 19.87 ? 92  HIS A ND1 1 
ATOM   731  C CD2 . HIS A 1 92  ? -6.414  7.036   9.926   1.00 21.69 ? 92  HIS A CD2 1 
ATOM   732  C CE1 . HIS A 1 92  ? -7.694  5.279   9.633   1.00 17.49 ? 92  HIS A CE1 1 
ATOM   733  N NE2 . HIS A 1 92  ? -7.607  6.439   10.256  1.00 22.48 ? 92  HIS A NE2 1 
ATOM   734  N N   . VAL A 1 93  ? -3.936  3.896   10.610  1.00 10.63 ? 93  VAL A N   1 
ATOM   735  C CA  . VAL A 1 93  ? -4.274  2.511   10.853  1.00 11.30 ? 93  VAL A CA  1 
ATOM   736  C C   . VAL A 1 93  ? -5.307  2.395   11.961  1.00 12.24 ? 93  VAL A C   1 
ATOM   737  O O   . VAL A 1 93  ? -5.246  3.093   12.973  1.00 13.83 ? 93  VAL A O   1 
ATOM   738  C CB  . VAL A 1 93  ? -3.019  1.627   11.096  1.00 10.67 ? 93  VAL A CB  1 
ATOM   739  C CG1 . VAL A 1 93  ? -2.357  1.962   12.437  1.00 14.25 ? 93  VAL A CG1 1 
ATOM   740  C CG2 . VAL A 1 93  ? -3.404  0.168   11.020  1.00 13.32 ? 93  VAL A CG2 1 
ATOM   741  N N   . SER A 1 94  ? -6.290  1.544   11.714  1.00 10.99 ? 94  SER A N   1 
ATOM   742  C CA  . SER A 1 94  ? -7.374  1.299   12.656  1.00 10.72 ? 94  SER A CA  1 
ATOM   743  C C   . SER A 1 94  ? -7.656  -0.190  12.622  1.00 13.21 ? 94  SER A C   1 
ATOM   744  O O   . SER A 1 94  ? -6.943  -0.956  11.970  1.00 13.44 ? 94  SER A O   1 
ATOM   745  C CB  . SER A 1 94  ? -8.627  2.072   12.245  1.00 15.12 ? 94  SER A CB  1 
ATOM   746  O OG  . SER A 1 94  ? -9.176  1.544   11.046  1.00 15.18 ? 94  SER A OG  1 
ATOM   747  N N   . GLU A 1 95  ? -8.702  -0.608  13.325  1.00 13.76 ? 95  GLU A N   1 
ATOM   748  C CA  . GLU A 1 95  ? -9.067  -2.013  13.325  1.00 17.76 ? 95  GLU A CA  1 
ATOM   749  C C   . GLU A 1 95  ? -9.397  -2.521  11.918  1.00 15.19 ? 95  GLU A C   1 
ATOM   750  O O   . GLU A 1 95  ? -9.120  -3.678  11.595  1.00 21.79 ? 95  GLU A O   1 
ATOM   751  C CB  . GLU A 1 95  ? -10.244 -2.261  14.276  1.00 19.54 ? 95  GLU A CB  1 
ATOM   752  C CG  . GLU A 1 95  ? -9.856  -2.278  15.751  1.00 28.16 ? 95  GLU A CG  1 
ATOM   753  C CD  . GLU A 1 95  ? -8.921  -3.424  16.089  1.00 29.65 ? 95  GLU A CD  1 
ATOM   754  O OE1 . GLU A 1 95  ? -8.998  -4.475  15.418  1.00 39.65 ? 95  GLU A OE1 1 
ATOM   755  O OE2 . GLU A 1 95  ? -8.105  -3.272  17.021  1.00 38.14 ? 95  GLU A OE2 1 
ATOM   756  N N   . ASN A 1 96  ? -9.961  -1.654  11.080  1.00 14.76 ? 96  ASN A N   1 
ATOM   757  C CA  . ASN A 1 96  ? -10.489 -2.099  9.791   1.00 15.22 ? 96  ASN A CA  1 
ATOM   758  C C   . ASN A 1 96  ? -9.818  -1.529  8.548   1.00 11.25 ? 96  ASN A C   1 
ATOM   759  O O   . ASN A 1 96  ? -10.142 -1.940  7.430   1.00 11.79 ? 96  ASN A O   1 
ATOM   760  C CB  . ASN A 1 96  ? -11.991 -1.818  9.714   1.00 17.15 ? 96  ASN A CB  1 
ATOM   761  C CG  . ASN A 1 96  ? -12.781 -2.601  10.743  1.00 29.85 ? 96  ASN A CG  1 
ATOM   762  O OD1 . ASN A 1 96  ? -13.543 -2.029  11.519  1.00 31.10 ? 96  ASN A OD1 1 
ATOM   763  N ND2 . ASN A 1 96  ? -12.589 -3.917  10.763  1.00 30.54 ? 96  ASN A ND2 1 
ATOM   764  N N   . MET A 1 97  ? -8.886  -0.600  8.740   1.00 11.39 ? 97  MET A N   1 
ATOM   765  C CA  . MET A 1 97  ? -8.345  0.180   7.633   1.00 9.25  ? 97  MET A CA  1 
ATOM   766  C C   . MET A 1 97  ? -6.880  0.527   7.861   1.00 9.75  ? 97  MET A C   1 
ATOM   767  O O   . MET A 1 97  ? -6.466  0.798   8.995   1.00 11.76 ? 97  MET A O   1 
ATOM   768  C CB  . MET A 1 97  ? -9.181  1.450   7.511   1.00 13.88 ? 97  MET A CB  1 
ATOM   769  C CG  . MET A 1 97  ? -8.732  2.443   6.507   1.00 15.08 ? 97  MET A CG  1 
ATOM   770  S SD  . MET A 1 97  ? -9.778  3.923   6.648   1.00 17.90 ? 97  MET A SD  1 
ATOM   771  C CE  . MET A 1 97  ? -9.100  4.788   5.241   1.00 15.63 ? 97  MET A CE  1 
ATOM   772  N N   . LEU A 1 98  ? -6.089  0.519   6.792   1.00 7.52  ? 98  LEU A N   1 
ATOM   773  C CA  . LEU A 1 98  ? -4.686  0.884   6.894   1.00 6.96  ? 98  LEU A CA  1 
ATOM   774  C C   . LEU A 1 98  ? -4.338  1.660   5.638   1.00 6.66  ? 98  LEU A C   1 
ATOM   775  O O   . LEU A 1 98  ? -4.691  1.239   4.534   1.00 9.18  ? 98  LEU A O   1 
ATOM   776  C CB  . LEU A 1 98  ? -3.803  -0.369  7.015   1.00 9.09  ? 98  LEU A CB  1 
ATOM   777  C CG  . LEU A 1 98  ? -2.312  -0.167  7.350   1.00 10.94 ? 98  LEU A CG  1 
ATOM   778  C CD1 . LEU A 1 98  ? -1.707  -1.445  7.941   1.00 11.28 ? 98  LEU A CD1 1 
ATOM   779  C CD2 . LEU A 1 98  ? -1.520  0.288   6.133   1.00 12.60 ? 98  LEU A CD2 1 
ATOM   780  N N   . VAL A 1 99  ? -3.675  2.803   5.796   1.00 7.53  ? 99  VAL A N   1 
ATOM   781  C CA  . VAL A 1 99  ? -3.252  3.590   4.634   1.00 5.99  ? 99  VAL A CA  1 
ATOM   782  C C   . VAL A 1 99  ? -1.739  3.752   4.652   1.00 6.66  ? 99  VAL A C   1 
ATOM   783  O O   . VAL A 1 99  ? -1.167  4.159   5.664   1.00 8.62  ? 99  VAL A O   1 
ATOM   784  C CB  . VAL A 1 99  ? -3.920  4.982   4.588   1.00 7.27  ? 99  VAL A CB  1 
ATOM   785  C CG1 . VAL A 1 99  ? -3.496  5.725   3.325   1.00 7.19  ? 99  VAL A CG1 1 
ATOM   786  C CG2 . VAL A 1 99  ? -5.442  4.856   4.608   1.00 6.82  ? 99  VAL A CG2 1 
ATOM   787  N N   . THR A 1 100 ? -1.101  3.424   3.534   1.00 6.23  ? 100 THR A N   1 
ATOM   788  C CA  . THR A 1 100 ? 0.330   3.636   3.359   1.00 6.78  ? 100 THR A CA  1 
ATOM   789  C C   . THR A 1 100 ? 0.563   4.819   2.442   1.00 7.75  ? 100 THR A C   1 
ATOM   790  O O   . THR A 1 100 ? -0.270  5.132   1.587   1.00 7.77  ? 100 THR A O   1 
ATOM   791  C CB  . THR A 1 100 ? 1.035   2.426   2.714   1.00 8.54  ? 100 THR A CB  1 
ATOM   792  O OG1 . THR A 1 100 ? 0.578   2.272   1.362   1.00 10.05 ? 100 THR A OG1 1 
ATOM   793  C CG2 . THR A 1 100 ? 0.770   1.158   3.504   1.00 10.56 ? 100 THR A CG2 1 
ATOM   794  N N   . TYR A 1 101 ? 1.706   5.474   2.630   1.00 8.32  ? 101 TYR A N   1 
ATOM   795  C CA  . TYR A 1 101 ? 2.187   6.488   1.711   1.00 8.86  ? 101 TYR A CA  1 
ATOM   796  C C   . TYR A 1 101 ? 3.559   6.036   1.243   1.00 8.51  ? 101 TYR A C   1 
ATOM   797  O O   . TYR A 1 101 ? 4.446   5.777   2.053   1.00 9.35  ? 101 TYR A O   1 
ATOM   798  C CB  . TYR A 1 101 ? 2.270   7.864   2.378   1.00 9.63  ? 101 TYR A CB  1 
ATOM   799  C CG  . TYR A 1 101 ? 2.967   8.890   1.516   1.00 9.81  ? 101 TYR A CG  1 
ATOM   800  C CD1 . TYR A 1 101 ? 2.389   9.347   0.333   1.00 11.18 ? 101 TYR A CD1 1 
ATOM   801  C CD2 . TYR A 1 101 ? 4.222   9.380   1.860   1.00 10.41 ? 101 TYR A CD2 1 
ATOM   802  C CE1 . TYR A 1 101 ? 3.030   10.275  -0.473  1.00 9.72  ? 101 TYR A CE1 1 
ATOM   803  C CE2 . TYR A 1 101 ? 4.876   10.316  1.051   1.00 12.06 ? 101 TYR A CE2 1 
ATOM   804  C CZ  . TYR A 1 101 ? 4.269   10.753  -0.110  1.00 11.75 ? 101 TYR A CZ  1 
ATOM   805  O OH  . TYR A 1 101 ? 4.902   11.669  -0.919  1.00 13.43 ? 101 TYR A OH  1 
ATOM   806  N N   . VAL A 1 102 ? 3.715   5.910   -0.066  1.00 8.06  ? 102 VAL A N   1 
ATOM   807  C CA  . VAL A 1 102 ? 4.935   5.388   -0.654  1.00 8.54  ? 102 VAL A CA  1 
ATOM   808  C C   . VAL A 1 102 ? 5.546   6.423   -1.581  1.00 6.77  ? 102 VAL A C   1 
ATOM   809  O O   . VAL A 1 102 ? 4.834   7.049   -2.379  1.00 9.77  ? 102 VAL A O   1 
ATOM   810  C CB  . VAL A 1 102 ? 4.624   4.111   -1.454  1.00 8.04  ? 102 VAL A CB  1 
ATOM   811  C CG1 . VAL A 1 102 ? 5.824   3.674   -2.286  1.00 10.70 ? 102 VAL A CG1 1 
ATOM   812  C CG2 . VAL A 1 102 ? 4.144   3.002   -0.517  1.00 10.67 ? 102 VAL A CG2 1 
ATOM   813  N N   . GLU A 1 103 ? 6.855   6.620   -1.460  1.00 7.18  ? 103 GLU A N   1 
ATOM   814  C CA  . GLU A 1 103 ? 7.605   7.350   -2.476  1.00 7.63  ? 103 GLU A CA  1 
ATOM   815  C C   . GLU A 1 103 ? 8.540   6.354   -3.143  1.00 7.77  ? 103 GLU A C   1 
ATOM   816  O O   . GLU A 1 103 ? 9.401   5.747   -2.498  1.00 9.24  ? 103 GLU A O   1 
ATOM   817  C CB  . GLU A 1 103 ? 8.385   8.535   -1.879  1.00 9.05  ? 103 GLU A CB  1 
ATOM   818  C CG  . GLU A 1 103 ? 7.480   9.578   -1.248  1.00 11.73 ? 103 GLU A CG  1 
ATOM   819  C CD  . GLU A 1 103 ? 8.187   10.881  -0.930  1.00 17.24 ? 103 GLU A CD  1 
ATOM   820  O OE1 . GLU A 1 103 ? 9.440   10.911  -0.943  1.00 23.71 ? 103 GLU A OE1 1 
ATOM   821  O OE2 . GLU A 1 103 ? 7.480   11.877  -0.661  1.00 15.54 ? 103 GLU A OE2 1 
ATOM   822  N N   . ASN A 1 104 ? 8.337   6.157   -4.438  1.00 7.18  ? 104 ASN A N   1 
ATOM   823  C CA  . ASN A 1 104 ? 9.155   5.235   -5.212  1.00 8.46  ? 104 ASN A CA  1 
ATOM   824  C C   . ASN A 1 104 ? 10.052  6.018   -6.158  1.00 7.42  ? 104 ASN A C   1 
ATOM   825  O O   . ASN A 1 104 ? 9.612   6.974   -6.790  1.00 8.27  ? 104 ASN A O   1 
ATOM   826  C CB  . ASN A 1 104 ? 8.255   4.284   -6.008  1.00 7.49  ? 104 ASN A CB  1 
ATOM   827  C CG  . ASN A 1 104 ? 9.013   3.474   -7.043  1.00 7.45  ? 104 ASN A CG  1 
ATOM   828  O OD1 . ASN A 1 104 ? 9.181   3.909   -8.186  1.00 9.04  ? 104 ASN A OD1 1 
ATOM   829  N ND2 . ASN A 1 104 ? 9.451   2.282   -6.661  1.00 8.32  ? 104 ASN A ND2 1 
ATOM   830  N N   . TYR A 1 105 ? 11.313  5.620   -6.232  1.00 8.03  ? 105 TYR A N   1 
ATOM   831  C CA  . TYR A 1 105 ? 12.238  6.205   -7.193  1.00 7.45  ? 105 TYR A CA  1 
ATOM   832  C C   . TYR A 1 105 ? 12.793  5.088   -8.053  1.00 7.75  ? 105 TYR A C   1 
ATOM   833  O O   . TYR A 1 105 ? 13.341  4.107   -7.539  1.00 9.10  ? 105 TYR A O   1 
ATOM   834  C CB  . TYR A 1 105 ? 13.371  6.928   -6.463  1.00 10.31 ? 105 TYR A CB  1 
ATOM   835  C CG  . TYR A 1 105 ? 14.515  7.384   -7.348  1.00 9.81  ? 105 TYR A CG  1 
ATOM   836  C CD1 . TYR A 1 105 ? 14.329  8.364   -8.318  1.00 10.28 ? 105 TYR A CD1 1 
ATOM   837  C CD2 . TYR A 1 105 ? 15.789  6.850   -7.187  1.00 11.35 ? 105 TYR A CD2 1 
ATOM   838  C CE1 . TYR A 1 105 ? 15.390  8.785   -9.129  1.00 10.93 ? 105 TYR A CE1 1 
ATOM   839  C CE2 . TYR A 1 105 ? 16.835  7.264   -7.974  1.00 11.88 ? 105 TYR A CE2 1 
ATOM   840  C CZ  . TYR A 1 105 ? 16.626  8.228   -8.936  1.00 9.37  ? 105 TYR A CZ  1 
ATOM   841  O OH  . TYR A 1 105 ? 17.687  8.630   -9.714  1.00 13.79 ? 105 TYR A OH  1 
ATOM   842  N N   . ASP A 1 106 ? 12.649  5.235   -9.367  1.00 8.43  ? 106 ASP A N   1 
ATOM   843  C CA  . ASP A 1 106 ? 13.038  4.180   -10.295 1.00 8.92  ? 106 ASP A CA  1 
ATOM   844  C C   . ASP A 1 106 ? 14.256  4.558   -11.134 1.00 9.11  ? 106 ASP A C   1 
ATOM   845  O O   . ASP A 1 106 ? 14.596  3.844   -12.076 1.00 10.35 ? 106 ASP A O   1 
ATOM   846  C CB  . ASP A 1 106 ? 11.856  3.787   -11.192 1.00 9.06  ? 106 ASP A CB  1 
ATOM   847  C CG  . ASP A 1 106 ? 11.476  4.871   -12.178 1.00 9.93  ? 106 ASP A CG  1 
ATOM   848  O OD1 . ASP A 1 106 ? 12.133  5.921   -12.205 1.00 10.01 ? 106 ASP A OD1 1 
ATOM   849  O OD2 . ASP A 1 106 ? 10.520  4.655   -12.941 1.00 11.04 ? 106 ASP A OD2 1 
ATOM   850  N N   . GLY A 1 107 ? 14.917  5.658   -10.775 1.00 9.02  ? 107 GLY A N   1 
ATOM   851  C CA  . GLY A 1 107 ? 16.083  6.138   -11.510 1.00 9.59  ? 107 GLY A CA  1 
ATOM   852  C C   . GLY A 1 107 ? 15.746  7.281   -12.457 1.00 12.03 ? 107 GLY A C   1 
ATOM   853  O O   . GLY A 1 107 ? 16.629  8.049   -12.854 1.00 13.36 ? 107 GLY A O   1 
ATOM   854  N N   . GLU A 1 108 ? 14.472  7.395   -12.818 1.00 10.86 ? 108 GLU A N   1 
ATOM   855  C CA  . GLU A 1 108 ? 13.997  8.408   -13.757 1.00 12.72 ? 108 GLU A CA  1 
ATOM   856  C C   . GLU A 1 108 ? 12.932  9.311   -13.135 1.00 13.10 ? 108 GLU A C   1 
ATOM   857  O O   . GLU A 1 108 ? 12.992  10.533  -13.260 1.00 14.58 ? 108 GLU A O   1 
ATOM   858  C CB  . GLU A 1 108 ? 13.441  7.739   -15.020 1.00 15.01 ? 108 GLU A CB  1 
ATOM   859  C CG  . GLU A 1 108 ? 12.978  8.721   -16.088 1.00 22.38 ? 108 GLU A CG  1 
ATOM   860  C CD  . GLU A 1 108 ? 12.889  8.092   -17.467 1.00 32.50 ? 108 GLU A CD  1 
ATOM   861  O OE1 . GLU A 1 108 ? 13.532  7.044   -17.688 1.00 35.36 ? 108 GLU A OE1 1 
ATOM   862  O OE2 . GLU A 1 108 ? 12.181  8.647   -18.332 1.00 41.43 ? 108 GLU A OE2 1 
ATOM   863  N N   . ARG A 1 109 ? 11.948  8.706   -12.476 1.00 9.81  ? 109 ARG A N   1 
ATOM   864  C CA  . ARG A 1 109 ? 10.869  9.465   -11.867 1.00 9.62  ? 109 ARG A CA  1 
ATOM   865  C C   . ARG A 1 109 ? 10.719  9.126   -10.400 1.00 8.04  ? 109 ARG A C   1 
ATOM   866  O O   . ARG A 1 109 ? 11.006  8.001   -9.971  1.00 8.65  ? 109 ARG A O   1 
ATOM   867  C CB  . ARG A 1 109 ? 9.547   9.169   -12.573 1.00 12.39 ? 109 ARG A CB  1 
ATOM   868  C CG  . ARG A 1 109 ? 9.437   9.775   -13.966 1.00 10.65 ? 109 ARG A CG  1 
ATOM   869  C CD  . ARG A 1 109 ? 8.088   9.439   -14.594 1.00 14.78 ? 109 ARG A CD  1 
ATOM   870  N NE  . ARG A 1 109 ? 7.954   8.005   -14.821 1.00 12.97 ? 109 ARG A NE  1 
ATOM   871  C CZ  . ARG A 1 109 ? 6.799   7.379   -15.024 1.00 12.13 ? 109 ARG A CZ  1 
ATOM   872  N NH1 . ARG A 1 109 ? 5.665   8.062   -15.039 1.00 12.23 ? 109 ARG A NH1 1 
ATOM   873  N NH2 . ARG A 1 109 ? 6.793   6.065   -15.216 1.00 12.58 ? 109 ARG A NH2 1 
ATOM   874  N N   . ILE A 1 110 ? 10.276  10.115  -9.637  1.00 8.79  ? 110 ILE A N   1 
ATOM   875  C CA  . ILE A 1 110 ? 9.766   9.887   -8.292  1.00 8.67  ? 110 ILE A CA  1 
ATOM   876  C C   . ILE A 1 110 ? 8.257   9.776   -8.396  1.00 9.83  ? 110 ILE A C   1 
ATOM   877  O O   . ILE A 1 110 ? 7.616   10.629  -9.000  1.00 10.54 ? 110 ILE A O   1 
ATOM   878  C CB  . ILE A 1 110 ? 10.097  11.046  -7.358  1.00 8.78  ? 110 ILE A CB  1 
ATOM   879  C CG1 . ILE A 1 110 ? 11.618  11.162  -7.231  1.00 12.35 ? 110 ILE A CG1 1 
ATOM   880  C CG2 . ILE A 1 110 ? 9.495   10.791  -5.978  1.00 10.61 ? 110 ILE A CG2 1 
ATOM   881  C CD1 . ILE A 1 110 ? 12.088  12.452  -6.603  1.00 14.52 ? 110 ILE A CD1 1 
ATOM   882  N N   . THR A 1 111 ? 7.698   8.713   -7.824  1.00 7.98  ? 111 THR A N   1 
ATOM   883  C CA  . THR A 1 111 ? 6.259   8.513   -7.800  1.00 8.12  ? 111 THR A CA  1 
ATOM   884  C C   . THR A 1 111 ? 5.778   8.604   -6.367  1.00 8.42  ? 111 THR A C   1 
ATOM   885  O O   . THR A 1 111 ? 6.321   7.948   -5.468  1.00 9.84  ? 111 THR A O   1 
ATOM   886  C CB  . THR A 1 111 ? 5.893   7.147   -8.378  1.00 8.13  ? 111 THR A CB  1 
ATOM   887  O OG1 . THR A 1 111 ? 6.290   7.103   -9.751  1.00 9.02  ? 111 THR A OG1 1 
ATOM   888  C CG2 . THR A 1 111 ? 4.373   6.900   -8.287  1.00 9.01  ? 111 THR A CG2 1 
ATOM   889  N N   . LYS A 1 112 ? 4.779   9.445   -6.149  1.00 8.00  ? 112 LYS A N   1 
ATOM   890  C CA  . LYS A 1 112 ? 4.131   9.559   -4.852  1.00 7.58  ? 112 LYS A CA  1 
ATOM   891  C C   . LYS A 1 112 ? 2.816   8.809   -4.921  1.00 8.41  ? 112 LYS A C   1 
ATOM   892  O O   . LYS A 1 112 ? 2.009   9.053   -5.808  1.00 8.20  ? 112 LYS A O   1 
ATOM   893  C CB  . LYS A 1 112 ? 3.886   11.030  -4.541  1.00 9.60  ? 112 LYS A CB  1 
ATOM   894  C CG  . LYS A 1 112 ? 5.176   11.843  -4.415  1.00 10.93 ? 112 LYS A CG  1 
ATOM   895  C CD  . LYS A 1 112 ? 4.945   13.322  -4.712  1.00 14.63 ? 112 LYS A CD  1 
ATOM   896  C CE  . LYS A 1 112 ? 3.855   13.927  -3.850  1.00 21.83 ? 112 LYS A CE  1 
ATOM   897  N NZ  . LYS A 1 112 ? 4.272   14.061  -2.431  1.00 21.02 ? 112 LYS A NZ  1 
ATOM   898  N N   . MET A 1 113 ? 2.611   7.868   -4.006  1.00 6.32  ? 113 MET A N   1 
ATOM   899  C CA  . MET A 1 113 ? 1.402   7.050   -4.065  1.00 7.27  ? 113 MET A CA  1 
ATOM   900  C C   . MET A 1 113 ? 0.900   6.664   -2.681  1.00 8.17  ? 113 MET A C   1 
ATOM   901  O O   . MET A 1 113 ? 1.605   6.762   -1.678  1.00 7.95  ? 113 MET A O   1 
ATOM   902  C CB  . MET A 1 113 ? 1.629   5.802   -4.926  1.00 12.86 ? 113 MET A CB  1 
ATOM   903  C CG  . MET A 1 113 ? 2.590   4.815   -4.337  1.00 11.78 ? 113 MET A CG  1 
ATOM   904  S SD  . MET A 1 113 ? 2.685   3.300   -5.317  1.00 13.54 ? 113 MET A SD  1 
ATOM   905  C CE  . MET A 1 113 ? 1.185   2.436   -4.877  1.00 13.58 ? 113 MET A CE  1 
ATOM   906  N N   . THR A 1 114 ? -0.357  6.257   -2.643  1.00 5.61  ? 114 THR A N   1 
ATOM   907  C CA  . THR A 1 114 ? -0.902  5.686   -1.420  1.00 6.60  ? 114 THR A CA  1 
ATOM   908  C C   . THR A 1 114 ? -1.598  4.387   -1.727  1.00 6.85  ? 114 THR A C   1 
ATOM   909  O O   . THR A 1 114 ? -1.958  4.114   -2.879  1.00 6.87  ? 114 THR A O   1 
ATOM   910  C CB  . THR A 1 114 ? -1.941  6.609   -0.757  1.00 6.84  ? 114 THR A CB  1 
ATOM   911  O OG1 . THR A 1 114 ? -3.017  6.835   -1.676  1.00 7.58  ? 114 THR A OG1 1 
ATOM   912  C CG2 . THR A 1 114 ? -1.303  7.945   -0.308  1.00 9.08  ? 114 THR A CG2 1 
ATOM   913  N N   . GLU A 1 115 ? -1.781  3.591   -0.677  1.00 6.77  ? 115 GLU A N   1 
ATOM   914  C CA  . GLU A 1 115 ? -2.555  2.363   -0.754  1.00 7.23  ? 115 GLU A CA  1 
ATOM   915  C C   . GLU A 1 115 ? -3.561  2.351   0.380   1.00 7.03  ? 115 GLU A C   1 
ATOM   916  O O   . GLU A 1 115 ? -3.229  2.696   1.534   1.00 7.76  ? 115 GLU A O   1 
ATOM   917  C CB  . GLU A 1 115 ? -1.636  1.145   -0.639  1.00 7.86  ? 115 GLU A CB  1 
ATOM   918  C CG  . GLU A 1 115 ? -0.630  1.082   -1.781  1.00 8.85  ? 115 GLU A CG  1 
ATOM   919  C CD  . GLU A 1 115 ? 0.508   0.125   -1.521  1.00 10.18 ? 115 GLU A CD  1 
ATOM   920  O OE1 . GLU A 1 115 ? 1.035   0.109   -0.399  1.00 10.21 ? 115 GLU A OE1 1 
ATOM   921  O OE2 . GLU A 1 115 ? 0.868   -0.618  -2.458  1.00 10.69 ? 115 GLU A OE2 1 
ATOM   922  N N   . GLY A 1 116 ? -4.795  1.981   0.062   1.00 6.63  ? 116 GLY A N   1 
ATOM   923  C CA  . GLY A 1 116 ? -5.858  1.892   1.052   1.00 5.66  ? 116 GLY A CA  1 
ATOM   924  C C   . GLY A 1 116 ? -6.247  0.442   1.243   1.00 6.06  ? 116 GLY A C   1 
ATOM   925  O O   . GLY A 1 116 ? -6.791  -0.181  0.328   1.00 6.60  ? 116 GLY A O   1 
ATOM   926  N N   . LEU A 1 117 ? -5.961  -0.088  2.426   1.00 7.39  ? 117 LEU A N   1 
ATOM   927  C CA  . LEU A 1 117 ? -6.167  -1.495  2.730   1.00 6.88  ? 117 LEU A CA  1 
ATOM   928  C C   . LEU A 1 117 ? -7.339  -1.626  3.698   1.00 7.09  ? 117 LEU A C   1 
ATOM   929  O O   . LEU A 1 117 ? -7.590  -0.718  4.491   1.00 6.52  ? 117 LEU A O   1 
ATOM   930  C CB  . LEU A 1 117 ? -4.916  -2.088  3.378   1.00 8.51  ? 117 LEU A CB  1 
ATOM   931  C CG  . LEU A 1 117 ? -3.532  -1.792  2.813   1.00 10.05 ? 117 LEU A CG  1 
ATOM   932  C CD1 . LEU A 1 117 ? -2.471  -2.591  3.579   1.00 12.36 ? 117 LEU A CD1 1 
ATOM   933  C CD2 . LEU A 1 117 ? -3.466  -2.151  1.358   1.00 11.86 ? 117 LEU A CD2 1 
ATOM   934  N N   . ALA A 1 118 ? -8.041  -2.749  3.632   1.00 8.19  ? 118 ALA A N   1 
ATOM   935  C CA  . ALA A 1 118 ? -9.158  -3.017  4.540   1.00 7.36  ? 118 ALA A CA  1 
ATOM   936  C C   . ALA A 1 118 ? -9.168  -4.456  5.013   1.00 10.28 ? 118 ALA A C   1 
ATOM   937  O O   . ALA A 1 118 ? -8.627  -5.344  4.358   1.00 9.95  ? 118 ALA A O   1 
ATOM   938  C CB  . ALA A 1 118 ? -10.477 -2.711  3.872   1.00 8.46  ? 118 ALA A CB  1 
ATOM   939  N N   . LYS A 1 119 ? -9.831  -4.679  6.143   1.00 11.50 ? 119 LYS A N   1 
ATOM   940  C CA  . LYS A 1 119 ? -10.130 -6.035  6.602   1.00 13.40 ? 119 LYS A CA  1 
ATOM   941  C C   . LYS A 1 119 ? -11.277 -6.656  5.810   1.00 20.20 ? 119 LYS A C   1 
ATOM   942  O O   . LYS A 1 119 ? -11.415 -7.881  5.750   1.00 25.52 ? 119 LYS A O   1 
ATOM   943  C CB  . LYS A 1 119 ? -10.501 -6.020  8.083   1.00 18.16 ? 119 LYS A CB  1 
ATOM   944  C CG  . LYS A 1 119 ? -9.384  -5.582  8.973   1.00 19.76 ? 119 LYS A CG  1 
ATOM   945  C CD  . LYS A 1 119 ? -8.181  -6.471  8.768   1.00 21.04 ? 119 LYS A CD  1 
ATOM   946  C CE  . LYS A 1 119 ? -7.228  -6.303  9.908   1.00 17.75 ? 119 LYS A CE  1 
ATOM   947  N NZ  . LYS A 1 119 ? -6.018  -7.144  9.768   1.00 23.00 ? 119 LYS A NZ  1 
ATOM   948  N N   . GLY A 1 120 ? -12.114 -5.810  5.223   1.00 19.77 ? 120 GLY A N   1 
ATOM   949  C CA  . GLY A 1 120 ? -13.203 -6.272  4.386   1.00 16.81 ? 120 GLY A CA  1 
ATOM   950  C C   . GLY A 1 120 ? -12.858 -6.162  2.914   1.00 10.81 ? 120 GLY A C   1 
ATOM   951  O O   . GLY A 1 120 ? -11.734 -6.416  2.505   1.00 14.26 ? 120 GLY A O   1 
ATOM   952  N N   . THR A 1 121 ? -13.841 -5.767  2.117   1.00 12.76 ? 121 THR A N   1 
ATOM   953  C CA  . THR A 1 121 ? -13.661 -5.692  0.672   1.00 11.43 ? 121 THR A CA  1 
ATOM   954  C C   . THR A 1 121 ? -13.981 -4.313  0.108   1.00 10.15 ? 121 THR A C   1 
ATOM   955  O O   . THR A 1 121 ? -14.060 -4.132  -1.110  1.00 10.19 ? 121 THR A O   1 
ATOM   956  C CB  . THR A 1 121 ? -14.548 -6.710  -0.055  1.00 11.58 ? 121 THR A CB  1 
ATOM   957  O OG1 . THR A 1 121 ? -15.923 -6.466  0.263   1.00 11.86 ? 121 THR A OG1 1 
ATOM   958  C CG2 . THR A 1 121 ? -14.180 -8.138  0.330   1.00 13.44 ? 121 THR A CG2 1 
ATOM   959  N N   . SER A 1 122 ? -14.190 -3.345  0.992   1.00 10.89 ? 122 SER A N   1 
ATOM   960  C CA  . SER A 1 122 ? -14.590 -2.011  0.571   1.00 10.13 ? 122 SER A CA  1 
ATOM   961  C C   . SER A 1 122 ? -14.316 -1.023  1.696   1.00 10.67 ? 122 SER A C   1 
ATOM   962  O O   . SER A 1 122 ? -14.059 -1.413  2.829   1.00 11.60 ? 122 SER A O   1 
ATOM   963  C CB  . SER A 1 122 ? -16.079 -1.992  0.227   1.00 10.93 ? 122 SER A CB  1 
ATOM   964  O OG  . SER A 1 122 ? -16.848 -2.261  1.389   1.00 17.15 ? 122 SER A OG  1 
ATOM   965  N N   . PHE A 1 123 ? -14.328 0.255   1.345   1.00 8.62  ? 123 PHE A N   1 
ATOM   966  C CA  . PHE A 1 123 ? -14.352 1.335   2.318   1.00 7.56  ? 123 PHE A CA  1 
ATOM   967  C C   . PHE A 1 123 ? -15.776 1.893   2.390   1.00 8.65  ? 123 PHE A C   1 
ATOM   968  O O   . PHE A 1 123 ? -16.426 2.107   1.355   1.00 10.18 ? 123 PHE A O   1 
ATOM   969  C CB  . PHE A 1 123 ? -13.438 2.474   1.860   1.00 7.18  ? 123 PHE A CB  1 
ATOM   970  C CG  . PHE A 1 123 ? -11.968 2.253   2.115   1.00 8.35  ? 123 PHE A CG  1 
ATOM   971  C CD1 . PHE A 1 123 ? -11.502 1.166   2.828   1.00 8.94  ? 123 PHE A CD1 1 
ATOM   972  C CD2 . PHE A 1 123 ? -11.057 3.179   1.645   1.00 8.28  ? 123 PHE A CD2 1 
ATOM   973  C CE1 . PHE A 1 123 ? -10.124 1.000   3.045   1.00 9.17  ? 123 PHE A CE1 1 
ATOM   974  C CE2 . PHE A 1 123 ? -9.694  3.029   1.864   1.00 8.03  ? 123 PHE A CE2 1 
ATOM   975  C CZ  . PHE A 1 123 ? -9.231  1.930   2.571   1.00 7.79  ? 123 PHE A CZ  1 
ATOM   976  N N   . THR A 1 124 ? -16.243 2.162   3.607   1.00 7.79  ? 124 THR A N   1 
ATOM   977  C CA  . THR A 1 124 ? -17.454 2.980   3.770   1.00 7.80  ? 124 THR A CA  1 
ATOM   978  C C   . THR A 1 124 ? -17.149 4.408   3.309   1.00 7.18  ? 124 THR A C   1 
ATOM   979  O O   . THR A 1 124 ? -15.991 4.776   3.162   1.00 7.96  ? 124 THR A O   1 
ATOM   980  C CB  . THR A 1 124 ? -17.862 3.085   5.233   1.00 8.05  ? 124 THR A CB  1 
ATOM   981  O OG1 . THR A 1 124 ? -16.808 3.719   5.969   1.00 8.80  ? 124 THR A OG1 1 
ATOM   982  C CG2 . THR A 1 124 ? -18.160 1.704   5.818   1.00 9.65  ? 124 THR A CG2 1 
ATOM   983  N N   . PRO A 1 125 ? -18.191 5.222   3.081   1.00 6.68  ? 125 PRO A N   1 
ATOM   984  C CA  . PRO A 1 125 ? -17.898 6.597   2.654   1.00 5.68  ? 125 PRO A CA  1 
ATOM   985  C C   . PRO A 1 125 ? -17.026 7.351   3.652   1.00 7.61  ? 125 PRO A C   1 
ATOM   986  O O   . PRO A 1 125 ? -16.164 8.118   3.221   1.00 7.13  ? 125 PRO A O   1 
ATOM   987  C CB  . PRO A 1 125 ? -19.295 7.216   2.524   1.00 7.68  ? 125 PRO A CB  1 
ATOM   988  C CG  . PRO A 1 125 ? -20.156 6.035   2.126   1.00 8.31  ? 125 PRO A CG  1 
ATOM   989  C CD  . PRO A 1 125 ? -19.624 4.903   2.966   1.00 7.13  ? 125 PRO A CD  1 
ATOM   990  N N   . GLU A 1 126 ? -17.213 7.119   4.948   1.00 6.40  ? 126 GLU A N   1 
ATOM   991  C CA  . GLU A 1 126 ? -16.347 7.736   5.943   1.00 7.53  ? 126 GLU A CA  1 
ATOM   992  C C   . GLU A 1 126 ? -14.887 7.323   5.743   1.00 8.71  ? 126 GLU A C   1 
ATOM   993  O O   . GLU A 1 126 ? -13.985 8.148   5.846   1.00 8.51  ? 126 GLU A O   1 
ATOM   994  C CB  . GLU A 1 126 ? -16.824 7.379   7.354   1.00 12.54 ? 126 GLU A CB  1 
ATOM   995  C CG  . GLU A 1 126 ? -15.925 7.866   8.459   1.00 15.46 ? 126 GLU A CG  1 
ATOM   996  C CD  . GLU A 1 126 ? -16.381 7.390   9.831   1.00 19.12 ? 126 GLU A CD  1 
ATOM   997  O OE1 . GLU A 1 126 ? -17.478 6.794   9.941   1.00 20.30 ? 126 GLU A OE1 1 
ATOM   998  O OE2 . GLU A 1 126 ? -15.640 7.623   10.803  1.00 20.80 ? 126 GLU A OE2 1 
ATOM   999  N N   . GLU A 1 127 ? -14.656 6.038   5.484   1.00 7.82  ? 127 GLU A N   1 
ATOM   1000 C CA  . GLU A 1 127 ? -13.297 5.560   5.274   1.00 8.76  ? 127 GLU A CA  1 
ATOM   1001 C C   . GLU A 1 127 ? -12.708 6.133   3.991   1.00 6.42  ? 127 GLU A C   1 
ATOM   1002 O O   . GLU A 1 127 ? -11.529 6.496   3.953   1.00 7.06  ? 127 GLU A O   1 
ATOM   1003 C CB  . GLU A 1 127 ? -13.268 4.031   5.253   1.00 8.35  ? 127 GLU A CB  1 
ATOM   1004 C CG  . GLU A 1 127 ? -13.474 3.436   6.630   1.00 9.47  ? 127 GLU A CG  1 
ATOM   1005 C CD  . GLU A 1 127 ? -13.652 1.933   6.600   1.00 12.91 ? 127 GLU A CD  1 
ATOM   1006 O OE1 . GLU A 1 127 ? -14.309 1.405   5.672   1.00 12.49 ? 127 GLU A OE1 1 
ATOM   1007 O OE2 . GLU A 1 127 ? -13.118 1.278   7.525   1.00 15.65 ? 127 GLU A OE2 1 
ATOM   1008 N N   . LEU A 1 128 ? -13.519 6.224   2.944   1.00 6.07  ? 128 LEU A N   1 
ATOM   1009 C CA  . LEU A 1 128 ? -13.019 6.752   1.686   1.00 7.23  ? 128 LEU A CA  1 
ATOM   1010 C C   . LEU A 1 128 ? -12.708 8.236   1.822   1.00 7.13  ? 128 LEU A C   1 
ATOM   1011 O O   . LEU A 1 128 ? -11.731 8.711   1.265   1.00 7.69  ? 128 LEU A O   1 
ATOM   1012 C CB  . LEU A 1 128 ? -14.001 6.490   0.554   1.00 7.26  ? 128 LEU A CB  1 
ATOM   1013 C CG  . LEU A 1 128 ? -13.593 6.984   -0.829  1.00 7.82  ? 128 LEU A CG  1 
ATOM   1014 C CD1 . LEU A 1 128 ? -12.361 6.216   -1.319  1.00 10.11 ? 128 LEU A CD1 1 
ATOM   1015 C CD2 . LEU A 1 128 ? -14.752 6.799   -1.805  1.00 10.33 ? 128 LEU A CD2 1 
ATOM   1016 N N   . GLU A 1 129 ? -13.530 8.958   2.579   1.00 7.14  ? 129 GLU A N   1 
ATOM   1017 C CA  . GLU A 1 129 ? -13.274 10.375  2.841   1.00 8.61  ? 129 GLU A CA  1 
ATOM   1018 C C   . GLU A 1 129 ? -11.911 10.545  3.509   1.00 6.56  ? 129 GLU A C   1 
ATOM   1019 O O   . GLU A 1 129 ? -11.123 11.409  3.110   1.00 8.17  ? 129 GLU A O   1 
ATOM   1020 C CB  . GLU A 1 129 ? -14.393 10.967  3.710   1.00 8.74  ? 129 GLU A CB  1 
ATOM   1021 C CG  . GLU A 1 129 ? -14.381 12.498  3.812   1.00 10.95 ? 129 GLU A CG  1 
ATOM   1022 C CD  . GLU A 1 129 ? -13.465 13.056  4.884   1.00 12.88 ? 129 GLU A CD  1 
ATOM   1023 O OE1 . GLU A 1 129 ? -13.011 12.326  5.784   1.00 13.23 ? 129 GLU A OE1 1 
ATOM   1024 O OE2 . GLU A 1 129 ? -13.206 14.281  4.832   1.00 25.99 ? 129 GLU A OE2 1 
ATOM   1025 N N   . LYS A 1 130 ? -11.623 9.729   4.518   1.00 7.57  ? 130 LYS A N   1 
ATOM   1026 C CA  . LYS A 1 130 ? -10.321 9.777   5.186   1.00 8.61  ? 130 LYS A CA  1 
ATOM   1027 C C   . LYS A 1 130 ? -9.187  9.477   4.208   1.00 6.42  ? 130 LYS A C   1 
ATOM   1028 O O   . LYS A 1 130 ? -8.165  10.182  4.194   1.00 8.11  ? 130 LYS A O   1 
ATOM   1029 C CB  . LYS A 1 130 ? -10.282 8.788   6.352   1.00 9.69  ? 130 LYS A CB  1 
ATOM   1030 C CG  . LYS A 1 130 ? -11.094 9.213   7.562   1.00 18.50 ? 130 LYS A CG  1 
ATOM   1031 C CD  . LYS A 1 130 ? -11.159 8.097   8.599   1.00 20.73 ? 130 LYS A CD  1 
ATOM   1032 C CE  . LYS A 1 130 ? -12.023 8.502   9.787   1.00 27.05 ? 130 LYS A CE  1 
ATOM   1033 N NZ  . LYS A 1 130 ? -12.443 7.336   10.607  1.00 32.31 ? 130 LYS A NZ  1 
ATOM   1034 N N   . TYR A 1 131 ? -9.353  8.430   3.400   1.00 6.89  ? 131 TYR A N   1 
ATOM   1035 C CA  . TYR A 1 131 ? -8.337  8.075   2.414   1.00 6.74  ? 131 TYR A CA  1 
ATOM   1036 C C   . TYR A 1 131 ? -8.051  9.236   1.448   1.00 7.47  ? 131 TYR A C   1 
ATOM   1037 O O   . TYR A 1 131 ? -6.900  9.573   1.195   1.00 6.62  ? 131 TYR A O   1 
ATOM   1038 C CB  . TYR A 1 131 ? -8.777  6.817   1.656   1.00 7.45  ? 131 TYR A CB  1 
ATOM   1039 C CG  . TYR A 1 131 ? -7.809  6.377   0.595   1.00 5.30  ? 131 TYR A CG  1 
ATOM   1040 C CD1 . TYR A 1 131 ? -6.504  6.028   0.916   1.00 7.03  ? 131 TYR A CD1 1 
ATOM   1041 C CD2 . TYR A 1 131 ? -8.202  6.313   -0.729  1.00 6.08  ? 131 TYR A CD2 1 
ATOM   1042 C CE1 . TYR A 1 131 ? -5.612  5.627   -0.066  1.00 7.11  ? 131 TYR A CE1 1 
ATOM   1043 C CE2 . TYR A 1 131 ? -7.321  5.920   -1.713  1.00 6.92  ? 131 TYR A CE2 1 
ATOM   1044 C CZ  . TYR A 1 131 ? -6.030  5.588   -1.380  1.00 6.05  ? 131 TYR A CZ  1 
ATOM   1045 O OH  . TYR A 1 131 ? -5.153  5.188   -2.372  1.00 7.89  ? 131 TYR A OH  1 
ATOM   1046 N N   . GLN A 1 132 ? -9.107  9.839   0.920   1.00 7.23  ? 132 GLN A N   1 
ATOM   1047 C CA  . GLN A 1 132 ? -8.949  10.937  -0.030  1.00 7.26  ? 132 GLN A CA  1 
ATOM   1048 C C   . GLN A 1 132 ? -8.335  12.184  0.602   1.00 8.95  ? 132 GLN A C   1 
ATOM   1049 O O   . GLN A 1 132 ? -7.537  12.859  -0.035  1.00 8.82  ? 132 GLN A O   1 
ATOM   1050 C CB  . GLN A 1 132 ? -10.277 11.237  -0.728  1.00 8.72  ? 132 GLN A CB  1 
ATOM   1051 C CG  . GLN A 1 132 ? -10.716 10.077  -1.624  1.00 11.23 ? 132 GLN A CG  1 
ATOM   1052 C CD  . GLN A 1 132 ? -11.838 10.415  -2.574  1.00 15.62 ? 132 GLN A CD  1 
ATOM   1053 O OE1 . GLN A 1 132 ? -12.426 11.492  -2.512  1.00 25.14 ? 132 GLN A OE1 1 
ATOM   1054 N NE2 . GLN A 1 132 ? -12.156 9.477   -3.458  1.00 22.50 ? 132 GLN A NE2 1 
ATOM   1055 N N   . GLN A 1 133 ? -8.657  12.454  1.863   1.00 8.30  ? 133 GLN A N   1 
ATOM   1056 C CA  . GLN A 1 133 ? -8.032  13.565  2.565   1.00 9.25  ? 133 GLN A CA  1 
ATOM   1057 C C   . GLN A 1 133 ? -6.536  13.310  2.777   1.00 9.43  ? 133 GLN A C   1 
ATOM   1058 O O   . GLN A 1 133 ? -5.704  14.209  2.594   1.00 10.11 ? 133 GLN A O   1 
ATOM   1059 C CB  . GLN A 1 133 ? -8.734  13.812  3.900   1.00 10.81 ? 133 GLN A CB  1 
ATOM   1060 C CG  . GLN A 1 133 ? -8.165  14.993  4.669   1.00 19.47 ? 133 GLN A CG  1 
ATOM   1061 C CD  . GLN A 1 133 ? -8.363  16.308  3.943   1.00 24.26 ? 133 GLN A CD  1 
ATOM   1062 O OE1 . GLN A 1 133 ? -9.364  16.506  3.248   1.00 25.94 ? 133 GLN A OE1 1 
ATOM   1063 N NE2 . GLN A 1 133 ? -7.404  17.215  4.091   1.00 32.87 ? 133 GLN A NE2 1 
ATOM   1064 N N   . LEU A 1 134 ? -6.185  12.083  3.153   1.00 8.77  ? 134 LEU A N   1 
ATOM   1065 C CA  . LEU A 1 134 ? -4.776  11.735  3.328   1.00 8.46  ? 134 LEU A CA  1 
ATOM   1066 C C   . LEU A 1 134 ? -4.008  11.871  2.012   1.00 9.16  ? 134 LEU A C   1 
ATOM   1067 O O   . LEU A 1 134 ? -2.862  12.333  1.988   1.00 10.02 ? 134 LEU A O   1 
ATOM   1068 C CB  . LEU A 1 134 ? -4.629  10.316  3.878   1.00 9.60  ? 134 LEU A CB  1 
ATOM   1069 C CG  . LEU A 1 134 ? -5.118  10.106  5.311   1.00 9.61  ? 134 LEU A CG  1 
ATOM   1070 C CD1 . LEU A 1 134 ? -5.355  8.620   5.564   1.00 10.89 ? 134 LEU A CD1 1 
ATOM   1071 C CD2 . LEU A 1 134 ? -4.151  10.695  6.323   1.00 13.41 ? 134 LEU A CD2 1 
ATOM   1072 N N   . ASN A 1 135 ? -4.639  11.471  0.917   1.00 7.98  ? 135 ASN A N   1 
ATOM   1073 C CA  . ASN A 1 135 ? -4.037  11.642  -0.400  1.00 9.33  ? 135 ASN A CA  1 
ATOM   1074 C C   . ASN A 1 135 ? -3.718  13.106  -0.672  1.00 9.37  ? 135 ASN A C   1 
ATOM   1075 O O   . ASN A 1 135 ? -2.603  13.458  -1.063  1.00 9.77  ? 135 ASN A O   1 
ATOM   1076 C CB  . ASN A 1 135 ? -4.966  11.115  -1.493  1.00 8.65  ? 135 ASN A CB  1 
ATOM   1077 C CG  . ASN A 1 135 ? -5.052  9.600   -1.520  1.00 9.41  ? 135 ASN A CG  1 
ATOM   1078 O OD1 . ASN A 1 135 ? -4.254  8.914   -0.890  1.00 11.80 ? 135 ASN A OD1 1 
ATOM   1079 N ND2 . ASN A 1 135 ? -6.026  9.078   -2.254  1.00 9.18  ? 135 ASN A ND2 1 
ATOM   1080 N N   . SER A 1 136 ? -4.712  13.963  -0.477  1.00 9.54  ? 136 SER A N   1 
ATOM   1081 C CA  . SER A 1 136 ? -4.550  15.369  -0.831  1.00 10.38 ? 136 SER A CA  1 
ATOM   1082 C C   . SER A 1 136 ? -3.483  16.045  0.023   1.00 13.19 ? 136 SER A C   1 
ATOM   1083 O O   . SER A 1 136 ? -2.740  16.886  -0.463  1.00 12.69 ? 136 SER A O   1 
ATOM   1084 C CB  . SER A 1 136 ? -5.891  16.091  -0.719  1.00 11.61 ? 136 SER A CB  1 
ATOM   1085 O OG  . SER A 1 136 ? -6.782  15.589  -1.691  1.00 15.40 ? 136 SER A OG  1 
ATOM   1086 N N   . GLU A 1 137 ? -3.397  15.651  1.284   1.00 10.45 ? 137 GLU A N   1 
ATOM   1087 C CA  . GLU A 1 137 ? -2.372  16.181  2.187   1.00 12.18 ? 137 GLU A CA  1 
ATOM   1088 C C   . GLU A 1 137 ? -0.958  15.891  1.691   1.00 14.03 ? 137 GLU A C   1 
ATOM   1089 O O   . GLU A 1 137 ? 0.000   16.564  2.084   1.00 14.24 ? 137 GLU A O   1 
ATOM   1090 C CB  . GLU A 1 137 ? -2.542  15.583  3.587   1.00 14.11 ? 137 GLU A CB  1 
ATOM   1091 C CG  . GLU A 1 137 ? -3.787  16.056  4.314   1.00 15.70 ? 137 GLU A CG  1 
ATOM   1092 C CD  . GLU A 1 137 ? -4.032  15.306  5.615   1.00 21.00 ? 137 GLU A CD  1 
ATOM   1093 O OE1 . GLU A 1 137 ? -3.325  14.308  5.896   1.00 20.60 ? 137 GLU A OE1 1 
ATOM   1094 O OE2 . GLU A 1 137 ? -4.945  15.715  6.361   1.00 25.40 ? 137 GLU A OE2 1 
ATOM   1095 N N   . ARG A 1 138 ? -0.830  14.896  0.822   1.00 12.87 ? 138 ARG A N   1 
ATOM   1096 C CA  . ARG A 1 138 ? 0.483   14.439  0.386   1.00 12.84 ? 138 ARG A CA  1 
ATOM   1097 C C   . ARG A 1 138 ? 0.712   14.596  -1.102  1.00 13.32 ? 138 ARG A C   1 
ATOM   1098 O O   . ARG A 1 138 ? 1.640   14.005  -1.658  1.00 15.81 ? 138 ARG A O   1 
ATOM   1099 C CB  . ARG A 1 138 ? 0.675   12.990  0.797   1.00 12.46 ? 138 ARG A CB  1 
ATOM   1100 C CG  . ARG A 1 138 ? 0.842   12.896  2.280   1.00 14.91 ? 138 ARG A CG  1 
ATOM   1101 C CD  . ARG A 1 138 ? 0.639   11.510  2.797   1.00 13.38 ? 138 ARG A CD  1 
ATOM   1102 N NE  . ARG A 1 138 ? 0.851   11.525  4.237   1.00 16.36 ? 138 ARG A NE  1 
ATOM   1103 C CZ  . ARG A 1 138 ? -0.069  11.919  5.111   1.00 17.75 ? 138 ARG A CZ  1 
ATOM   1104 N NH1 . ARG A 1 138 ? -1.271  12.305  4.685   1.00 16.28 ? 138 ARG A NH1 1 
ATOM   1105 N NH2 . ARG A 1 138 ? 0.206   11.923  6.409   1.00 18.70 ? 138 ARG A NH2 1 
ATOM   1106 N N   . GLY A 1 139 ? -0.139  15.387  -1.746  1.00 12.67 ? 139 GLY A N   1 
ATOM   1107 C CA  . GLY A 1 139 ? 0.026   15.660  -3.159  1.00 15.48 ? 139 GLY A CA  1 
ATOM   1108 C C   . GLY A 1 139 ? -0.233  14.466  -4.061  1.00 13.31 ? 139 GLY A C   1 
ATOM   1109 O O   . GLY A 1 139 ? 0.276   14.391  -5.180  1.00 15.36 ? 139 GLY A O   1 
ATOM   1110 N N   . VAL A 1 140 ? -1.045  13.530  -3.582  1.00 11.56 ? 140 VAL A N   1 
ATOM   1111 C CA  . VAL A 1 140 ? -1.449  12.392  -4.399  1.00 10.34 ? 140 VAL A CA  1 
ATOM   1112 C C   . VAL A 1 140 ? -2.852  12.656  -4.950  1.00 9.33  ? 140 VAL A C   1 
ATOM   1113 O O   . VAL A 1 140 ? -3.795  12.863  -4.190  1.00 11.31 ? 140 VAL A O   1 
ATOM   1114 C CB  . VAL A 1 140 ? -1.419  11.104  -3.575  1.00 9.03  ? 140 VAL A CB  1 
ATOM   1115 C CG1 . VAL A 1 140 ? -1.961  9.924   -4.389  1.00 11.34 ? 140 VAL A CG1 1 
ATOM   1116 C CG2 . VAL A 1 140 ? 0.015   10.837  -3.110  1.00 11.36 ? 140 VAL A CG2 1 
ATOM   1117 N N   . PRO A 1 141 ? -2.981  12.709  -6.283  1.00 9.86  ? 141 PRO A N   1 
ATOM   1118 C CA  . PRO A 1 141 ? -4.258  13.130  -6.875  1.00 9.60  ? 141 PRO A CA  1 
ATOM   1119 C C   . PRO A 1 141 ? -5.364  12.083  -6.790  1.00 11.00 ? 141 PRO A C   1 
ATOM   1120 O O   . PRO A 1 141 ? -5.194  10.939  -7.218  1.00 10.29 ? 141 PRO A O   1 
ATOM   1121 C CB  . PRO A 1 141 ? -3.892  13.411  -8.336  1.00 12.67 ? 141 PRO A CB  1 
ATOM   1122 C CG  . PRO A 1 141 ? -2.699  12.560  -8.594  1.00 15.77 ? 141 PRO A CG  1 
ATOM   1123 C CD  . PRO A 1 141 ? -1.939  12.483  -7.302  1.00 11.02 ? 141 PRO A CD  1 
ATOM   1124 N N   . ASN A 1 142 ? -6.506  12.487  -6.252  1.00 8.89  ? 142 ASN A N   1 
ATOM   1125 C CA  . ASN A 1 142 ? -7.625  11.565  -6.132  1.00 9.42  ? 142 ASN A CA  1 
ATOM   1126 C C   . ASN A 1 142 ? -8.203  11.160  -7.483  1.00 10.06 ? 142 ASN A C   1 
ATOM   1127 O O   . ASN A 1 142 ? -8.856  10.126  -7.604  1.00 10.76 ? 142 ASN A O   1 
ATOM   1128 C CB  . ASN A 1 142 ? -8.676  12.133  -5.182  1.00 7.83  ? 142 ASN A CB  1 
ATOM   1129 C CG  . ASN A 1 142 ? -8.225  12.052  -3.749  1.00 9.56  ? 142 ASN A CG  1 
ATOM   1130 O OD1 . ASN A 1 142 ? -7.834  10.986  -3.281  1.00 11.15 ? 142 ASN A OD1 1 
ATOM   1131 N ND2 . ASN A 1 142 ? -8.230  13.175  -3.050  1.00 11.03 ? 142 ASN A ND2 1 
ATOM   1132 N N   . GLU A 1 143 ? -7.935  11.962  -8.505  1.00 11.85 ? 143 GLU A N   1 
ATOM   1133 C CA  A GLU A 1 143 ? -8.348  11.650  -9.862  0.63 11.22 ? 143 GLU A CA  1 
ATOM   1134 C CA  B GLU A 1 143 ? -8.372  11.631  -9.855  0.37 11.25 ? 143 GLU A CA  1 
ATOM   1135 C C   . GLU A 1 143 ? -7.693  10.364  -10.359 1.00 11.16 ? 143 GLU A C   1 
ATOM   1136 O O   . GLU A 1 143 ? -8.174  9.728   -11.289 1.00 12.51 ? 143 GLU A O   1 
ATOM   1137 C CB  A GLU A 1 143 ? -7.997  12.816  -10.794 0.63 13.61 ? 143 GLU A CB  1 
ATOM   1138 C CB  B GLU A 1 143 ? -8.089  12.787  -10.814 0.37 13.61 ? 143 GLU A CB  1 
ATOM   1139 C CG  A GLU A 1 143 ? -8.789  14.097  -10.524 0.63 16.23 ? 143 GLU A CG  1 
ATOM   1140 C CG  B GLU A 1 143 ? -6.612  13.066  -11.011 0.37 14.30 ? 143 GLU A CG  1 
ATOM   1141 C CD  A GLU A 1 143 ? -8.196  14.983  -9.424  0.63 20.07 ? 143 GLU A CD  1 
ATOM   1142 C CD  B GLU A 1 143 ? -6.358  14.330  -11.801 0.37 19.61 ? 143 GLU A CD  1 
ATOM   1143 O OE1 A GLU A 1 143 ? -7.207  14.594  -8.764  0.63 12.66 ? 143 GLU A OE1 1 
ATOM   1144 O OE1 B GLU A 1 143 ? -7.222  14.703  -12.623 0.37 22.13 ? 143 GLU A OE1 1 
ATOM   1145 O OE2 A GLU A 1 143 ? -8.731  16.096  -9.233  0.63 27.60 ? 143 GLU A OE2 1 
ATOM   1146 O OE2 B GLU A 1 143 ? -5.298  14.958  -11.593 0.37 23.01 ? 143 GLU A OE2 1 
ATOM   1147 N N   . ASN A 1 144 ? -6.573  10.002  -9.736  1.00 9.04  ? 144 ASN A N   1 
ATOM   1148 C CA  . ASN A 1 144 ? -5.839  8.805   -10.142 1.00 9.47  ? 144 ASN A CA  1 
ATOM   1149 C C   . ASN A 1 144 ? -6.084  7.584   -9.255  1.00 8.13  ? 144 ASN A C   1 
ATOM   1150 O O   . ASN A 1 144 ? -5.337  6.609   -9.317  1.00 10.16 ? 144 ASN A O   1 
ATOM   1151 C CB  . ASN A 1 144 ? -4.339  9.088   -10.241 1.00 8.95  ? 144 ASN A CB  1 
ATOM   1152 C CG  . ASN A 1 144 ? -3.982  9.916   -11.467 1.00 11.84 ? 144 ASN A CG  1 
ATOM   1153 O OD1 . ASN A 1 144 ? -4.824  10.149  -12.339 1.00 13.85 ? 144 ASN A OD1 1 
ATOM   1154 N ND2 . ASN A 1 144 ? -2.731  10.358  -11.542 1.00 10.63 ? 144 ASN A ND2 1 
ATOM   1155 N N   . ILE A 1 145 ? -7.142  7.614   -8.455  1.00 8.26  ? 145 ILE A N   1 
ATOM   1156 C CA  . ILE A 1 145 ? -7.469  6.445   -7.649  1.00 9.35  ? 145 ILE A CA  1 
ATOM   1157 C C   . ILE A 1 145 ? -7.872  5.281   -8.555  1.00 9.99  ? 145 ILE A C   1 
ATOM   1158 O O   . ILE A 1 145 ? -8.614  5.461   -9.530  1.00 12.28 ? 145 ILE A O   1 
ATOM   1159 C CB  . ILE A 1 145 ? -8.609  6.727   -6.652  1.00 9.63  ? 145 ILE A CB  1 
ATOM   1160 C CG1 . ILE A 1 145 ? -8.132  7.638   -5.525  1.00 11.54 ? 145 ILE A CG1 1 
ATOM   1161 C CG2 . ILE A 1 145 ? -9.134  5.414   -6.072  1.00 11.27 ? 145 ILE A CG2 1 
ATOM   1162 C CD1 . ILE A 1 145 ? -9.256  8.122   -4.600  1.00 12.50 ? 145 ILE A CD1 1 
ATOM   1163 N N   . GLU A 1 146 ? -7.351  4.097   -8.230  1.00 9.62  ? 146 GLU A N   1 
ATOM   1164 C CA  . GLU A 1 146 ? -7.695  2.835   -8.889  1.00 9.85  ? 146 GLU A CA  1 
ATOM   1165 C C   . GLU A 1 146 ? -8.340  1.948   -7.834  1.00 9.60  ? 146 GLU A C   1 
ATOM   1166 O O   . GLU A 1 146 ? -7.850  1.877   -6.706  1.00 9.53  ? 146 GLU A O   1 
ATOM   1167 C CB  . GLU A 1 146 ? -6.422  2.140   -9.415  1.00 10.79 ? 146 GLU A CB  1 
ATOM   1168 C CG  . GLU A 1 146 ? -5.701  2.853   -10.565 1.00 11.45 ? 146 GLU A CG  1 
ATOM   1169 C CD  . GLU A 1 146 ? -6.285  2.505   -11.925 1.00 14.64 ? 146 GLU A CD  1 
ATOM   1170 O OE1 . GLU A 1 146 ? -6.509  1.308   -12.197 1.00 13.36 ? 146 GLU A OE1 1 
ATOM   1171 O OE2 . GLU A 1 146 ? -6.512  3.429   -12.738 1.00 17.36 ? 146 GLU A OE2 1 
ATOM   1172 N N   . ASN A 1 147 ? -9.443  1.284   -8.177  1.00 10.03 ? 147 ASN A N   1 
ATOM   1173 C CA  . ASN A 1 147 ? -9.985  0.264   -7.289  1.00 9.11  ? 147 ASN A CA  1 
ATOM   1174 C C   . ASN A 1 147 ? -9.320  -1.062  -7.625  1.00 9.93  ? 147 ASN A C   1 
ATOM   1175 O O   . ASN A 1 147 ? -9.564  -1.644  -8.680  1.00 12.69 ? 147 ASN A O   1 
ATOM   1176 C CB  . ASN A 1 147 ? -11.505 0.150   -7.391  1.00 11.12 ? 147 ASN A CB  1 
ATOM   1177 C CG  . ASN A 1 147 ? -12.074 -0.881  -6.427  1.00 12.93 ? 147 ASN A CG  1 
ATOM   1178 O OD1 . ASN A 1 147 ? -11.584 -2.007  -6.342  1.00 12.00 ? 147 ASN A OD1 1 
ATOM   1179 N ND2 . ASN A 1 147 ? -13.105 -0.492  -5.677  1.00 15.10 ? 147 ASN A ND2 1 
ATOM   1180 N N   . LEU A 1 148 ? -8.429  -1.497  -6.754  1.00 6.74  ? 148 LEU A N   1 
ATOM   1181 C CA  . LEU A 1 148 ? -7.664  -2.711  -6.983  1.00 7.04  ? 148 LEU A CA  1 
ATOM   1182 C C   . LEU A 1 148 ? -8.415  -3.990  -6.639  1.00 7.71  ? 148 LEU A C   1 
ATOM   1183 O O   . LEU A 1 148 ? -8.210  -5.008  -7.292  1.00 7.42  ? 148 LEU A O   1 
ATOM   1184 C CB  . LEU A 1 148 ? -6.355  -2.672  -6.190  1.00 8.04  ? 148 LEU A CB  1 
ATOM   1185 C CG  . LEU A 1 148 ? -5.152  -2.099  -6.947  1.00 7.81  ? 148 LEU A CG  1 
ATOM   1186 C CD1 . LEU A 1 148 ? -5.437  -0.684  -7.454  1.00 8.23  ? 148 LEU A CD1 1 
ATOM   1187 C CD2 . LEU A 1 148 ? -3.918  -2.100  -6.048  1.00 9.72  ? 148 LEU A CD2 1 
ATOM   1188 N N   . ILE A 1 149 ? -9.265  -3.962  -5.623  1.00 7.94  ? 149 ILE A N   1 
ATOM   1189 C CA  . ILE A 1 149 ? -9.924  -5.211  -5.263  1.00 7.35  ? 149 ILE A CA  1 
ATOM   1190 C C   . ILE A 1 149 ? -10.810 -5.720  -6.404  1.00 8.31  ? 149 ILE A C   1 
ATOM   1191 O O   . ILE A 1 149 ? -10.944 -6.936  -6.591  1.00 9.40  ? 149 ILE A O   1 
ATOM   1192 C CB  . ILE A 1 149 ? -10.650 -5.134  -3.908  1.00 7.18  ? 149 ILE A CB  1 
ATOM   1193 C CG1 . ILE A 1 149 ? -11.175 -6.531  -3.551  1.00 9.26  ? 149 ILE A CG1 1 
ATOM   1194 C CG2 . ILE A 1 149 ? -11.791 -4.124  -3.935  1.00 10.15 ? 149 ILE A CG2 1 
ATOM   1195 C CD1 . ILE A 1 149 ? -11.551 -6.691  -2.107  1.00 10.61 ? 149 ILE A CD1 1 
ATOM   1196 N N   . LYS A 1 150 ? -11.363 -4.813  -7.207  1.00 8.41  ? 150 LYS A N   1 
ATOM   1197 C CA  . LYS A 1 150 ? -12.224 -5.231  -8.313  1.00 9.82  ? 150 LYS A CA  1 
ATOM   1198 C C   . LYS A 1 150 ? -11.466 -5.929  -9.446  1.00 8.35  ? 150 LYS A C   1 
ATOM   1199 O O   . LYS A 1 150 ? -12.086 -6.517  -10.339 1.00 10.54 ? 150 LYS A O   1 
ATOM   1200 C CB  . LYS A 1 150 ? -13.026 -4.045  -8.860  1.00 11.11 ? 150 LYS A CB  1 
ATOM   1201 C CG  . LYS A 1 150 ? -14.113 -3.566  -7.899  1.00 13.72 ? 150 LYS A CG  1 
ATOM   1202 C CD  . LYS A 1 150 ? -14.794 -2.298  -8.388  1.00 18.89 ? 150 LYS A CD  1 
ATOM   1203 C CE  . LYS A 1 150 ? -15.819 -1.812  -7.369  1.00 20.42 ? 150 LYS A CE  1 
ATOM   1204 N NZ  . LYS A 1 150 ? -16.974 -2.746  -7.281  1.00 32.63 ? 150 LYS A NZ  1 
ATOM   1205 N N   . THR A 1 151 ? -10.139 -5.886  -9.420  1.00 7.68  ? 151 THR A N   1 
ATOM   1206 C CA  . THR A 1 151 ? -9.359  -6.668  -10.383 1.00 8.58  ? 151 THR A CA  1 
ATOM   1207 C C   . THR A 1 151 ? -8.485  -7.717  -9.697  1.00 8.26  ? 151 THR A C   1 
ATOM   1208 O O   . THR A 1 151 ? -7.625  -8.335  -10.335 1.00 9.28  ? 151 THR A O   1 
ATOM   1209 C CB  . THR A 1 151 ? -8.468  -5.766  -11.287 1.00 10.05 ? 151 THR A CB  1 
ATOM   1210 O OG1 . THR A 1 151 ? -7.428  -5.171  -10.499 1.00 10.50 ? 151 THR A OG1 1 
ATOM   1211 C CG2 . THR A 1 151 ? -9.303  -4.669  -11.959 1.00 11.96 ? 151 THR A CG2 1 
ATOM   1212 N N   . ASP A 1 152 ? -8.718  -7.934  -8.400  1.00 7.53  ? 152 ASP A N   1 
ATOM   1213 C CA  . ASP A 1 152 ? -7.914  -8.888  -7.641  1.00 6.20  ? 152 ASP A CA  1 
ATOM   1214 C C   . ASP A 1 152 ? -8.498  -10.286 -7.735  1.00 8.47  ? 152 ASP A C   1 
ATOM   1215 O O   . ASP A 1 152 ? -9.252  -10.734 -6.858  1.00 7.85  ? 152 ASP A O   1 
ATOM   1216 C CB  . ASP A 1 152 ? -7.805  -8.464  -6.179  1.00 6.87  ? 152 ASP A CB  1 
ATOM   1217 C CG  . ASP A 1 152 ? -6.799  -9.297  -5.401  1.00 7.01  ? 152 ASP A CG  1 
ATOM   1218 O OD1 . ASP A 1 152 ? -6.353  -10.342 -5.929  1.00 7.84  ? 152 ASP A OD1 1 
ATOM   1219 O OD2 . ASP A 1 152 ? -6.474  -8.922  -4.258  1.00 8.65  ? 152 ASP A OD2 1 
ATOM   1220 N N   . ASN A 1 153 ? -8.134  -10.962 -8.819  1.00 9.37  ? 153 ASN A N   1 
ATOM   1221 C CA  . ASN A 1 153 ? -8.579  -12.318 -9.073  1.00 9.60  ? 153 ASN A CA  1 
ATOM   1222 C C   . ASN A 1 153 ? -7.472  -13.296 -8.745  1.00 12.04 ? 153 ASN A C   1 
ATOM   1223 O O   . ASN A 1 153 ? -7.469  -14.424 -9.235  1.00 10.89 ? 153 ASN A O   1 
ATOM   1224 C CB  . ASN A 1 153 ? -9.054  -12.473 -10.526 1.00 10.56 ? 153 ASN A CB  1 
ATOM   1225 C CG  . ASN A 1 153 ? -7.956  -12.216 -11.540 1.00 12.65 ? 153 ASN A CG  1 
ATOM   1226 O OD1 . ASN A 1 153 ? -6.892  -11.694 -11.217 1.00 12.20 ? 153 ASN A OD1 1 
ATOM   1227 N ND2 . ASN A 1 153 ? -8.214  -12.597 -12.782 1.00 19.37 ? 153 ASN A ND2 1 
ATOM   1228 N N   . CYS A 1 154 ? -6.522  -12.868 -7.920  1.00 9.24  ? 154 CYS A N   1 
ATOM   1229 C CA  . CYS A 1 154 ? -5.502  -13.792 -7.422  1.00 9.54  ? 154 CYS A CA  1 
ATOM   1230 C C   . CYS A 1 154 ? -6.037  -14.605 -6.247  1.00 10.35 ? 154 CYS A C   1 
ATOM   1231 O O   . CYS A 1 154 ? -7.017  -14.217 -5.623  1.00 9.59  ? 154 CYS A O   1 
ATOM   1232 C CB  . CYS A 1 154 ? -4.236  -13.034 -7.019  1.00 7.72  ? 154 CYS A CB  1 
ATOM   1233 S SG  . CYS A 1 154 ? -3.475  -12.112 -8.407  1.00 16.98 ? 154 CYS A SG  1 
ATOM   1234 N N   . PRO A 1 155 ? -5.398  -15.742 -5.946  1.00 9.33  ? 155 PRO A N   1 
ATOM   1235 C CA  . PRO A 1 155 ? -5.922  -16.598 -4.879  1.00 10.55 ? 155 PRO A CA  1 
ATOM   1236 C C   . PRO A 1 155 ? -6.041  -15.831 -3.566  1.00 10.47 ? 155 PRO A C   1 
ATOM   1237 O O   . PRO A 1 155 ? -5.179  -15.008 -3.258  1.00 10.74 ? 155 PRO A O   1 
ATOM   1238 C CB  . PRO A 1 155 ? -4.865  -17.710 -4.789  1.00 12.93 ? 155 PRO A CB  1 
ATOM   1239 C CG  . PRO A 1 155 ? -4.288  -17.777 -6.163  1.00 13.28 ? 155 PRO A CG  1 
ATOM   1240 C CD  . PRO A 1 155 ? -4.224  -16.337 -6.609  1.00 12.42 ? 155 PRO A CD  1 
ATOM   1241 N N   . PRO A 1 156 ? -7.111  -16.088 -2.795  1.00 9.98  ? 156 PRO A N   1 
ATOM   1242 C CA  . PRO A 1 156 ? -7.316  -15.356 -1.544  1.00 11.80 ? 156 PRO A CA  1 
ATOM   1243 C C   . PRO A 1 156 ? -6.303  -15.762 -0.470  1.00 17.14 ? 156 PRO A C   1 
ATOM   1244 O O   . PRO A 1 156 ? -5.634  -16.793 -0.573  1.00 20.49 ? 156 PRO A O   1 
ATOM   1245 C CB  . PRO A 1 156 ? -8.739  -15.760 -1.138  1.00 13.84 ? 156 PRO A CB  1 
ATOM   1246 C CG  . PRO A 1 156 ? -8.918  -17.116 -1.747  1.00 13.25 ? 156 PRO A CG  1 
ATOM   1247 C CD  . PRO A 1 156 ? -8.187  -17.064 -3.051  1.00 12.15 ? 156 PRO A CD  1 
ATOM   1248 O OXT . PRO A 1 156 ? -6.115  -15.053 0.523   1.00 20.62 ? 156 PRO A OXT 1 
HETATM 1249 O O   . HOH B 2 .   ? 3.550   -6.991  -13.353 1.00 20.10 ? 201 HOH A O   1 
HETATM 1250 O O   . HOH B 2 .   ? 17.858  9.893   -11.743 1.00 12.77 ? 202 HOH A O   1 
HETATM 1251 O O   . HOH B 2 .   ? -6.821  9.847   -13.954 1.00 26.60 ? 203 HOH A O   1 
HETATM 1252 O O   . HOH B 2 .   ? -8.293  -1.201  -14.839 1.00 24.24 ? 204 HOH A O   1 
HETATM 1253 O O   . HOH B 2 .   ? 1.386   8.179   -16.070 1.00 18.04 ? 205 HOH A O   1 
HETATM 1254 O O   . HOH B 2 .   ? -4.651  1.511   21.100  1.00 25.07 ? 206 HOH A O   1 
HETATM 1255 O O   . HOH B 2 .   ? 3.335   -9.489  13.469  1.00 22.37 ? 207 HOH A O   1 
HETATM 1256 O O   . HOH B 2 .   ? 3.119   -6.499  -15.684 1.00 26.01 ? 208 HOH A O   1 
HETATM 1257 O O   . HOH B 2 .   ? 7.751   -6.832  22.848  1.00 21.77 ? 209 HOH A O   1 
HETATM 1258 O O   . HOH B 2 .   ? 2.762   5.506   17.983  1.00 17.49 ? 210 HOH A O   1 
HETATM 1259 O O   . HOH B 2 .   ? -16.465 3.649   8.592   1.00 21.38 ? 211 HOH A O   1 
HETATM 1260 O O   . HOH B 2 .   ? -14.172 10.522  7.344   1.00 15.56 ? 212 HOH A O   1 
HETATM 1261 O O   . HOH B 2 .   ? -4.407  -4.172  18.424  1.00 26.25 ? 213 HOH A O   1 
HETATM 1262 O O   . HOH B 2 .   ? 19.955  8.251   -8.385  1.00 19.11 ? 214 HOH A O   1 
HETATM 1263 O O   . HOH B 2 .   ? 2.370   8.201   21.938  1.00 23.06 ? 215 HOH A O   1 
HETATM 1264 O O   . HOH B 2 .   ? -3.682  3.909   15.029  1.00 20.02 ? 216 HOH A O   1 
HETATM 1265 O O   . HOH B 2 .   ? 11.251  9.047   0.543   1.00 19.40 ? 217 HOH A O   1 
HETATM 1266 O O   . HOH B 2 .   ? -9.242  16.069  -0.611  1.00 22.72 ? 218 HOH A O   1 
HETATM 1267 O O   . HOH B 2 .   ? 13.556  9.381   3.706   1.00 27.16 ? 219 HOH A O   1 
HETATM 1268 O O   . HOH B 2 .   ? 4.942   1.999   -15.201 1.00 25.36 ? 220 HOH A O   1 
HETATM 1269 O O   . HOH B 2 .   ? -17.219 -1.211  3.915   1.00 20.35 ? 221 HOH A O   1 
HETATM 1270 O O   . HOH B 2 .   ? -7.148  -17.100 -8.631  1.00 20.45 ? 222 HOH A O   1 
HETATM 1271 O O   . HOH B 2 .   ? 1.841   -5.815  -12.233 1.00 22.97 ? 223 HOH A O   1 
HETATM 1272 O O   . HOH B 2 .   ? -10.233 -12.675 0.295   1.00 24.40 ? 224 HOH A O   1 
HETATM 1273 O O   . HOH B 2 .   ? -17.802 -5.128  -1.378  1.00 17.37 ? 225 HOH A O   1 
HETATM 1274 O O   . HOH B 2 .   ? -2.932  17.670  -3.181  1.00 21.04 ? 226 HOH A O   1 
HETATM 1275 O O   . HOH B 2 .   ? -5.086  15.420  -3.959  1.00 20.83 ? 227 HOH A O   1 
HETATM 1276 O O   . HOH B 2 .   ? -14.826 0.483   -1.540  1.00 17.92 ? 228 HOH A O   1 
HETATM 1277 O O   . HOH B 2 .   ? 7.637   1.499   -14.680 1.00 23.41 ? 229 HOH A O   1 
HETATM 1278 O O   . HOH B 2 .   ? -6.020  -0.073  -14.649 1.00 14.72 ? 230 HOH A O   1 
HETATM 1279 O O   . HOH B 2 .   ? -14.603 -2.127  -3.169  1.00 14.74 ? 231 HOH A O   1 
HETATM 1280 O O   . HOH B 2 .   ? 9.957   -10.801 15.678  1.00 25.30 ? 232 HOH A O   1 
HETATM 1281 O O   . HOH B 2 .   ? -9.526  15.595  -4.293  1.00 23.38 ? 233 HOH A O   1 
HETATM 1282 O O   . HOH B 2 .   ? -15.217 -6.589  -10.172 1.00 26.03 ? 234 HOH A O   1 
HETATM 1283 O O   . HOH B 2 .   ? 3.030   -0.033  -16.395 1.00 28.34 ? 235 HOH A O   1 
HETATM 1284 O O   . HOH B 2 .   ? -8.082  -18.681 -6.509  1.00 23.00 ? 236 HOH A O   1 
HETATM 1285 O O   . HOH B 2 .   ? 8.771   1.814   -10.056 1.00 10.50 ? 237 HOH A O   1 
HETATM 1286 O O   . HOH B 2 .   ? 8.836   6.074   -9.840  1.00 8.87  ? 238 HOH A O   1 
HETATM 1287 O O   . HOH B 2 .   ? -2.602  -6.289  -12.205 1.00 4.56  ? 239 HOH A O   1 
HETATM 1288 O O   . HOH B 2 .   ? 7.037   7.175   2.200   1.00 12.08 ? 240 HOH A O   1 
HETATM 1289 O O   . HOH B 2 .   ? -7.357  -7.033  -2.473  1.00 12.93 ? 241 HOH A O   1 
HETATM 1290 O O   . HOH B 2 .   ? -0.022  -6.657  -10.439 1.00 15.41 ? 242 HOH A O   1 
HETATM 1291 O O   . HOH B 2 .   ? -0.542  -1.338  -4.955  1.00 11.92 ? 243 HOH A O   1 
HETATM 1292 O O   . HOH B 2 .   ? -5.877  -3.762  12.430  1.00 16.38 ? 244 HOH A O   1 
HETATM 1293 O O   . HOH B 2 .   ? 6.931   9.207   4.080   1.00 16.33 ? 245 HOH A O   1 
HETATM 1294 O O   . HOH B 2 .   ? 9.890   6.011   -15.158 1.00 17.69 ? 246 HOH A O   1 
HETATM 1295 O O   . HOH B 2 .   ? 9.647   12.621  -11.003 1.00 16.08 ? 247 HOH A O   1 
HETATM 1296 O O   . HOH B 2 .   ? 3.383   11.391  5.242   1.00 21.51 ? 248 HOH A O   1 
HETATM 1297 O O   . HOH B 2 .   ? -7.064  15.285  -5.632  1.00 19.42 ? 249 HOH A O   1 
HETATM 1298 O O   . HOH B 2 .   ? 6.334   12.665  -7.858  1.00 18.78 ? 250 HOH A O   1 
HETATM 1299 O O   . HOH B 2 .   ? 7.084   12.169  -12.006 1.00 20.09 ? 251 HOH A O   1 
HETATM 1300 O O   . HOH B 2 .   ? -3.339  -6.316  14.167  1.00 21.19 ? 252 HOH A O   1 
HETATM 1301 O O   . HOH B 2 .   ? 13.375  -6.006  -1.484  1.00 21.95 ? 253 HOH A O   1 
HETATM 1302 O O   . HOH B 2 .   ? -5.902  -10.397 10.575  1.00 22.12 ? 254 HOH A O   1 
HETATM 1303 O O   . HOH B 2 .   ? -11.957 2.359   9.701   1.00 20.53 ? 255 HOH A O   1 
HETATM 1304 O O   . HOH B 2 .   ? -5.248  -7.160  -13.642 1.00 23.28 ? 256 HOH A O   1 
HETATM 1305 O O   . HOH B 2 .   ? 5.228   10.816  -15.772 1.00 23.06 ? 257 HOH A O   1 
HETATM 1306 O O   . HOH B 2 .   ? -8.549  -0.546  -11.969 1.00 22.25 ? 258 HOH A O   1 
HETATM 1307 O O   . HOH B 2 .   ? -10.756 1.843   -10.769 1.00 21.00 ? 259 HOH A O   1 
HETATM 1308 O O   . HOH B 2 .   ? 3.423   7.978   10.316  1.00 22.84 ? 260 HOH A O   1 
HETATM 1309 O O   . HOH B 2 .   ? 6.081   8.010   11.068  1.00 22.11 ? 261 HOH A O   1 
HETATM 1310 O O   . HOH B 2 .   ? -14.793 2.038   -5.861  1.00 23.52 ? 262 HOH A O   1 
HETATM 1311 O O   . HOH B 2 .   ? 14.496  -5.675  12.519  1.00 24.73 ? 263 HOH A O   1 
HETATM 1312 O O   . HOH B 2 .   ? 12.958  -8.106  0.901   1.00 24.50 ? 264 HOH A O   1 
HETATM 1313 O O   . HOH B 2 .   ? -11.039 -1.260  -10.866 1.00 24.54 ? 265 HOH A O   1 
HETATM 1314 O O   . HOH B 2 .   ? -3.884  6.227   12.615  1.00 23.49 ? 266 HOH A O   1 
HETATM 1315 O O   . HOH B 2 .   ? -9.619  1.140   15.552  1.00 26.30 ? 267 HOH A O   1 
# 
